data_3O3N
#
_entry.id   3O3N
#
_cell.length_a   70.648
_cell.length_b   126.683
_cell.length_c   177.699
_cell.angle_alpha   90.00
_cell.angle_beta   90.00
_cell.angle_gamma   90.00
#
_symmetry.space_group_name_H-M   'P 21 21 21'
#
loop_
_entity.id
_entity.type
_entity.pdbx_description
1 polymer 'alpha-subunit 2-hydroxyisocaproyl-CoA dehydratase'
2 polymer 'beta-subunit 2-hydroxyacyl-CoA dehydratase'
3 non-polymer 'IRON/SULFUR CLUSTER'
4 non-polymer 'S-[2-[3-[[(2R)-4-[[[(2R,3S,4R,5R)-5-(6-aminopurin-9-yl)-4-hydroxy-3-phosphonooxy-oxolan-2-yl]methoxy-hydroxy-phosphoryl ]oxy-hydroxy-phosphoryl]oxy-2-hydroxy-3,3-dimethyl-butanoyl]amino]propanoylamino]ethyl] (2R)-2-hydroxy-4-methyl-pentanethioate'
5 non-polymer 'HYDROSULFURIC ACID'
6 water water
#
loop_
_entity_poly.entity_id
_entity_poly.type
_entity_poly.pdbx_seq_one_letter_code
_entity_poly.pdbx_strand_id
1 'polypeptide(L)'
;MSEKKEARVVINDLLAEQYANAFKAKEEGRPVGWSTSVFPQELAEVFDLNVLYPENQAAGVAAKKGSLELCEIAESKGYS
IDLCAYARTNFGLLENGGCEALDMPAPDFLLCCNNICNQVIKWYENISRELDIPLIMIDTTFNNEDEVTQSRIDYIKAQF
EEAIKQLEIISGKKFDPKKFEEVMKISAENGRLWKYSMSLPADSSPSPMNGFDLFTYMAVIVCARGKKETTEAFKLLIEE
LEDNMKTGKSSFRGEEKYRIMMEGIPCWPYIGYKMKTLAKFGVNMTGSVYPHAWALQYEVNDLDGMAVAYSTMFNNVNLD
RMTKYRVDSLVEGKCDGAFYHMNRSCKLMSLIQYEMQRRAAEETGLPYAGFDGDQADPRAFTNAQFETRIQGLVEVMEER
KKLNRGEI
;
A,C
2 'polypeptide(L)'
;MEAILSKMKEVVENPNAAVKKYKSETGKKAIGCFPVYCPEEIIHAAGMLPVGIWGGQTELDLAKQYFPAFACSIMQSCLE
YGLKGAYDELSGVIIPGMCDTLICLGQNWKSAVPHIKYISLVHPQNRKLEAGVKYLISEYKGVKRELEEICGYEIEEAKI
HESIEVYNEHRKTMRDFVEVAYKHSNTIKPSIRSLVIKSGFFMRKEEHTELVKDLIAKLNAMPEEVCSGKKVLLTGILAD
SKDILDILEDNNISVVADDLAQETRQFRTDVPAGDDALERLARQWSNIEGCSLAYDPKKKRGSLIVDEVKKKDIDGVIFC
MMKFCDPEEYDYPLVRKDIEDSGIPTLYVEIDQQTQNNEQARTRIQTFAEMMSLASAWSHPQFEK
;
B,D
#
# COMPACT_ATOMS: atom_id res chain seq x y z
N LYS A 5 -4.82 4.99 64.74
CA LYS A 5 -4.50 5.02 63.29
C LYS A 5 -5.72 5.48 62.48
N GLU A 6 -5.58 6.60 61.79
CA GLU A 6 -6.66 7.18 60.99
C GLU A 6 -6.59 6.82 59.51
N ALA A 7 -7.75 6.56 58.91
CA ALA A 7 -7.83 6.19 57.50
C ALA A 7 -7.23 7.24 56.57
N ARG A 8 -7.62 8.50 56.75
CA ARG A 8 -7.11 9.57 55.90
C ARG A 8 -5.58 9.66 55.89
N VAL A 9 -4.96 9.49 57.05
CA VAL A 9 -3.51 9.54 57.13
C VAL A 9 -2.88 8.45 56.26
N VAL A 10 -3.33 7.21 56.45
CA VAL A 10 -2.83 6.07 55.69
C VAL A 10 -3.09 6.26 54.19
N ILE A 11 -4.25 6.80 53.86
CA ILE A 11 -4.63 7.04 52.48
C ILE A 11 -3.71 8.07 51.83
N ASN A 12 -3.55 9.21 52.48
CA ASN A 12 -2.68 10.25 51.94
C ASN A 12 -1.24 9.79 51.83
N ASP A 13 -0.80 8.96 52.76
CA ASP A 13 0.57 8.46 52.72
C ASP A 13 0.72 7.39 51.64
N LEU A 14 -0.35 6.65 51.40
CA LEU A 14 -0.34 5.61 50.38
C LEU A 14 -0.33 6.28 49.03
N LEU A 15 -1.09 7.36 48.89
CA LEU A 15 -1.13 8.08 47.64
C LEU A 15 0.24 8.69 47.36
N ALA A 16 0.78 9.39 48.36
CA ALA A 16 2.08 10.05 48.22
C ALA A 16 3.20 9.04 48.02
N GLU A 17 2.95 7.79 48.42
CA GLU A 17 3.95 6.75 48.28
C GLU A 17 4.03 6.27 46.83
N GLN A 18 2.93 6.38 46.09
CA GLN A 18 2.91 5.97 44.70
C GLN A 18 3.84 6.86 43.89
N TYR A 19 3.79 8.17 44.17
CA TYR A 19 4.63 9.15 43.48
C TYR A 19 6.11 8.95 43.80
N ALA A 20 6.42 8.77 45.08
CA ALA A 20 7.80 8.57 45.52
C ALA A 20 8.40 7.33 44.87
N ASN A 21 7.67 6.24 44.93
CA ASN A 21 8.12 4.99 44.32
C ASN A 21 8.37 5.20 42.82
N ALA A 22 7.54 6.05 42.20
CA ALA A 22 7.69 6.34 40.77
C ALA A 22 9.01 7.06 40.52
N PHE A 23 9.32 8.05 41.35
CA PHE A 23 10.57 8.79 41.20
C PHE A 23 11.76 7.87 41.45
N LYS A 24 11.61 6.98 42.43
CA LYS A 24 12.68 6.04 42.76
C LYS A 24 12.99 5.16 41.56
N ALA A 25 11.94 4.54 41.01
CA ALA A 25 12.07 3.65 39.85
C ALA A 25 12.77 4.39 38.73
N LYS A 26 12.42 5.66 38.57
CA LYS A 26 13.01 6.52 37.55
C LYS A 26 14.51 6.62 37.80
N GLU A 27 14.85 6.92 39.05
CA GLU A 27 16.25 7.07 39.48
C GLU A 27 17.06 5.80 39.23
N GLU A 28 16.47 4.66 39.55
CA GLU A 28 17.13 3.37 39.38
C GLU A 28 17.11 2.84 37.95
N GLY A 29 16.47 3.59 37.05
CA GLY A 29 16.41 3.16 35.66
C GLY A 29 15.27 2.20 35.32
N ARG A 30 14.26 2.12 36.18
CA ARG A 30 13.13 1.24 35.90
C ARG A 30 12.03 2.08 35.25
N PRO A 31 11.38 1.53 34.20
CA PRO A 31 10.31 2.20 33.47
C PRO A 31 9.11 2.67 34.28
N VAL A 32 8.72 3.91 34.04
CA VAL A 32 7.57 4.51 34.69
C VAL A 32 6.58 4.80 33.58
N GLY A 33 5.32 4.46 33.81
CA GLY A 33 4.32 4.73 32.80
C GLY A 33 3.27 5.73 33.27
N TRP A 34 2.53 6.27 32.31
CA TRP A 34 1.44 7.21 32.59
C TRP A 34 0.23 6.45 32.03
N SER A 35 -0.90 6.50 32.73
CA SER A 35 -2.07 5.73 32.30
C SER A 35 -3.41 6.46 32.48
N THR A 36 -4.38 6.14 31.62
CA THR A 36 -5.69 6.77 31.76
C THR A 36 -6.31 6.27 33.06
N SER A 37 -7.35 6.96 33.53
CA SER A 37 -7.98 6.60 34.80
C SER A 37 -8.68 5.24 34.94
N VAL A 38 -9.17 4.66 33.85
CA VAL A 38 -9.82 3.35 33.96
C VAL A 38 -9.19 2.34 33.01
N PHE A 39 -7.86 2.30 33.00
CA PHE A 39 -7.13 1.39 32.15
C PHE A 39 -7.05 0.04 32.86
N PRO A 40 -6.84 -1.04 32.11
CA PRO A 40 -6.74 -2.36 32.78
C PRO A 40 -5.43 -2.41 33.54
N GLN A 41 -5.38 -1.75 34.70
CA GLN A 41 -4.17 -1.71 35.52
C GLN A 41 -3.58 -3.07 35.89
N GLU A 42 -4.41 -4.11 35.89
CA GLU A 42 -3.92 -5.44 36.24
C GLU A 42 -2.77 -5.87 35.35
N LEU A 43 -2.80 -5.42 34.09
CA LEU A 43 -1.80 -5.76 33.10
C LEU A 43 -0.36 -5.27 33.40
N ALA A 44 -0.25 -4.16 34.11
CA ALA A 44 1.08 -3.64 34.43
C ALA A 44 1.47 -4.02 35.85
N GLU A 45 0.46 -4.18 36.70
CA GLU A 45 0.68 -4.55 38.09
C GLU A 45 1.39 -5.91 38.17
N VAL A 46 0.93 -6.87 37.39
CA VAL A 46 1.52 -8.20 37.39
C VAL A 46 3.03 -8.16 37.10
N PHE A 47 3.50 -7.05 36.54
CA PHE A 47 4.92 -6.87 36.22
C PHE A 47 5.64 -5.99 37.25
N ASP A 48 4.93 -5.59 38.30
CA ASP A 48 5.46 -4.70 39.35
C ASP A 48 5.89 -3.33 38.80
N LEU A 49 5.28 -2.93 37.70
CA LEU A 49 5.58 -1.64 37.08
C LEU A 49 5.04 -0.45 37.85
N ASN A 50 5.78 0.65 37.85
CA ASN A 50 5.33 1.87 38.53
C ASN A 50 4.50 2.65 37.53
N VAL A 51 3.24 2.89 37.86
CA VAL A 51 2.32 3.58 36.95
C VAL A 51 1.64 4.79 37.59
N LEU A 52 1.78 5.95 36.93
CA LEU A 52 1.18 7.18 37.40
C LEU A 52 -0.01 7.61 36.52
N TYR A 53 -0.91 8.42 37.08
CA TYR A 53 -2.11 8.84 36.37
C TYR A 53 -2.24 10.34 36.09
N PRO A 54 -2.07 10.73 34.82
CA PRO A 54 -2.16 12.15 34.43
C PRO A 54 -3.42 12.84 34.92
N GLU A 55 -4.56 12.15 34.86
CA GLU A 55 -5.81 12.74 35.33
C GLU A 55 -5.75 13.04 36.83
N ASN A 56 -5.16 12.14 37.61
CA ASN A 56 -5.04 12.33 39.05
C ASN A 56 -4.08 13.48 39.37
N GLN A 57 -2.96 13.52 38.67
CA GLN A 57 -1.96 14.55 38.88
C GLN A 57 -2.55 15.94 38.56
N ALA A 58 -3.35 16.01 37.50
CA ALA A 58 -3.97 17.27 37.06
C ALA A 58 -5.04 17.75 38.02
N ALA A 59 -5.83 16.83 38.57
CA ALA A 59 -6.86 17.20 39.53
C ALA A 59 -6.16 17.74 40.76
N GLY A 60 -5.09 17.05 41.16
CA GLY A 60 -4.33 17.48 42.32
C GLY A 60 -3.73 18.86 42.15
N VAL A 61 -3.18 19.14 40.98
CA VAL A 61 -2.59 20.45 40.73
C VAL A 61 -3.67 21.52 40.72
N ALA A 62 -4.79 21.20 40.10
CA ALA A 62 -5.90 22.14 40.03
C ALA A 62 -6.39 22.48 41.43
N ALA A 63 -6.48 21.48 42.30
CA ALA A 63 -6.94 21.72 43.67
C ALA A 63 -5.96 22.67 44.35
N LYS A 64 -4.66 22.47 44.07
CA LYS A 64 -3.61 23.30 44.62
C LYS A 64 -3.52 24.64 43.87
N LYS A 65 -4.52 24.94 43.06
CA LYS A 65 -4.59 26.21 42.33
C LYS A 65 -3.44 26.47 41.38
N GLY A 66 -2.88 25.43 40.77
CA GLY A 66 -1.76 25.64 39.88
C GLY A 66 -1.95 25.09 38.49
N SER A 67 -3.19 24.83 38.10
CA SER A 67 -3.45 24.28 36.77
C SER A 67 -3.54 25.37 35.72
N LEU A 68 -3.79 26.60 36.15
CA LEU A 68 -3.89 27.71 35.19
C LEU A 68 -2.58 27.92 34.46
N GLU A 69 -1.51 28.16 35.20
CA GLU A 69 -0.18 28.40 34.62
C GLU A 69 0.20 27.31 33.61
N LEU A 70 -0.17 26.07 33.91
CA LEU A 70 0.15 24.96 33.03
C LEU A 70 -0.74 24.98 31.77
N CYS A 71 -2.03 25.25 31.93
CA CYS A 71 -2.90 25.32 30.75
C CYS A 71 -2.39 26.50 29.89
N GLU A 72 -2.03 27.61 30.52
CA GLU A 72 -1.55 28.75 29.73
C GLU A 72 -0.28 28.39 28.97
N ILE A 73 0.54 27.53 29.55
CA ILE A 73 1.77 27.13 28.87
C ILE A 73 1.42 26.28 27.66
N ALA A 74 0.57 25.28 27.85
CA ALA A 74 0.14 24.41 26.76
C ALA A 74 -0.50 25.26 25.68
N GLU A 75 -1.28 26.25 26.10
CA GLU A 75 -1.97 27.14 25.18
C GLU A 75 -1.00 28.00 24.37
N SER A 76 0.08 28.46 24.98
CA SER A 76 1.05 29.28 24.26
C SER A 76 1.75 28.43 23.21
N LYS A 77 1.64 27.12 23.34
CA LYS A 77 2.25 26.21 22.38
C LYS A 77 1.33 25.91 21.22
N GLY A 78 0.10 26.44 21.27
CA GLY A 78 -0.84 26.19 20.19
C GLY A 78 -2.01 25.26 20.53
N TYR A 79 -2.09 24.77 21.76
CA TYR A 79 -3.20 23.92 22.16
C TYR A 79 -4.40 24.78 22.48
N SER A 80 -5.50 24.53 21.76
CA SER A 80 -6.73 25.29 21.94
C SER A 80 -7.40 25.02 23.28
N ILE A 81 -7.95 26.10 23.82
CA ILE A 81 -8.65 26.07 25.11
C ILE A 81 -9.88 25.14 25.03
N ASP A 82 -10.21 24.68 23.83
CA ASP A 82 -11.35 23.79 23.61
C ASP A 82 -11.07 22.40 24.15
N LEU A 83 -9.81 22.01 24.10
CA LEU A 83 -9.38 20.69 24.57
C LEU A 83 -9.54 20.51 26.09
N CYS A 84 -9.82 19.28 26.49
CA CYS A 84 -9.97 18.99 27.91
C CYS A 84 -8.84 19.57 28.76
N ALA A 85 -9.22 20.19 29.87
CA ALA A 85 -8.29 20.82 30.79
C ALA A 85 -7.22 19.89 31.33
N TYR A 86 -7.56 18.61 31.50
CA TYR A 86 -6.57 17.67 32.01
C TYR A 86 -5.40 17.53 31.02
N ALA A 87 -5.74 17.46 29.73
CA ALA A 87 -4.75 17.34 28.67
C ALA A 87 -3.91 18.61 28.54
N ARG A 88 -4.54 19.78 28.67
CA ARG A 88 -3.80 21.04 28.57
C ARG A 88 -2.88 21.13 29.77
N THR A 89 -3.40 20.80 30.94
CA THR A 89 -2.57 20.86 32.14
C THR A 89 -1.38 19.92 32.01
N ASN A 90 -1.64 18.73 31.50
CA ASN A 90 -0.59 17.75 31.33
C ASN A 90 0.43 18.17 30.26
N PHE A 91 -0.02 18.79 29.17
CA PHE A 91 0.89 19.23 28.12
C PHE A 91 1.78 20.34 28.67
N GLY A 92 1.25 21.12 29.61
CA GLY A 92 2.04 22.18 30.20
C GLY A 92 3.08 21.61 31.13
N LEU A 93 2.74 20.51 31.80
CA LEU A 93 3.65 19.84 32.71
C LEU A 93 4.82 19.28 31.91
N LEU A 94 4.52 18.68 30.76
CA LEU A 94 5.55 18.10 29.91
C LEU A 94 6.48 19.18 29.36
N GLU A 95 5.91 20.27 28.86
CA GLU A 95 6.71 21.35 28.30
C GLU A 95 7.52 22.05 29.38
N ASN A 96 6.92 22.19 30.56
CA ASN A 96 7.58 22.86 31.68
C ASN A 96 8.51 21.96 32.46
N GLY A 97 8.57 20.68 32.10
CA GLY A 97 9.45 19.76 32.79
C GLY A 97 8.98 19.43 34.20
N GLY A 98 7.68 19.49 34.41
CA GLY A 98 7.11 19.22 35.72
C GLY A 98 6.51 20.47 36.31
N CYS A 99 6.23 20.43 37.61
CA CYS A 99 5.68 21.57 38.33
C CYS A 99 6.09 21.44 39.78
N GLU A 100 5.74 22.43 40.60
CA GLU A 100 6.12 22.43 42.01
C GLU A 100 5.08 21.88 43.00
N ALA A 101 3.81 22.25 42.81
CA ALA A 101 2.74 21.80 43.71
C ALA A 101 2.54 20.28 43.84
N LEU A 102 2.63 19.57 42.71
CA LEU A 102 2.48 18.11 42.69
C LEU A 102 3.22 17.58 41.46
N ASP A 103 4.51 17.37 41.63
CA ASP A 103 5.38 16.93 40.56
C ASP A 103 5.41 15.41 40.37
N MET A 104 5.76 15.00 39.16
CA MET A 104 5.87 13.57 38.85
C MET A 104 6.82 13.39 37.69
N PRO A 105 7.52 12.25 37.65
CA PRO A 105 8.47 11.95 36.59
C PRO A 105 7.86 11.70 35.22
N ALA A 106 8.64 12.00 34.18
CA ALA A 106 8.22 11.79 32.81
C ALA A 106 8.02 10.29 32.57
N PRO A 107 7.15 9.91 31.64
CA PRO A 107 6.91 8.49 31.35
C PRO A 107 7.88 7.85 30.38
N ASP A 108 8.05 6.53 30.49
CA ASP A 108 8.91 5.78 29.60
C ASP A 108 7.98 4.97 28.69
N PHE A 109 6.71 4.91 29.08
CA PHE A 109 5.70 4.20 28.30
C PHE A 109 4.31 4.66 28.73
N LEU A 110 3.32 4.49 27.86
CA LEU A 110 1.97 4.95 28.16
C LEU A 110 0.91 3.85 28.10
N LEU A 111 -0.14 4.00 28.89
CA LEU A 111 -1.23 3.04 28.91
C LEU A 111 -2.51 3.81 28.63
N CYS A 112 -3.09 3.58 27.46
CA CYS A 112 -4.29 4.32 27.11
C CYS A 112 -5.54 3.48 26.87
N CYS A 113 -6.66 3.88 27.46
CA CYS A 113 -7.93 3.19 27.28
C CYS A 113 -9.03 4.22 27.10
N ASN A 114 -9.72 4.14 25.97
CA ASN A 114 -10.77 5.09 25.63
C ASN A 114 -12.17 4.77 26.18
N ASN A 115 -12.25 3.92 27.21
CA ASN A 115 -13.57 3.62 27.74
C ASN A 115 -14.17 4.85 28.43
N ILE A 116 -13.33 5.76 28.92
CA ILE A 116 -13.81 6.98 29.56
C ILE A 116 -14.13 8.07 28.53
N CYS A 117 -13.40 8.08 27.41
CA CYS A 117 -13.58 9.06 26.33
C CYS A 117 -12.58 8.78 25.22
N ASN A 118 -12.69 9.48 24.10
CA ASN A 118 -11.75 9.29 23.00
C ASN A 118 -10.65 10.36 22.96
N GLN A 119 -10.83 11.43 23.73
CA GLN A 119 -9.83 12.50 23.78
C GLN A 119 -8.47 12.00 24.27
N VAL A 120 -8.47 11.07 25.21
CA VAL A 120 -7.20 10.55 25.70
C VAL A 120 -6.42 9.88 24.56
N ILE A 121 -7.11 9.41 23.53
CA ILE A 121 -6.39 8.78 22.43
C ILE A 121 -5.45 9.81 21.77
N LYS A 122 -6.00 10.93 21.34
CA LYS A 122 -5.21 11.98 20.69
C LYS A 122 -4.16 12.53 21.64
N TRP A 123 -4.59 12.79 22.87
CA TRP A 123 -3.72 13.29 23.92
C TRP A 123 -2.50 12.38 24.04
N TYR A 124 -2.74 11.08 24.18
CA TYR A 124 -1.63 10.13 24.29
C TYR A 124 -0.79 9.98 23.02
N GLU A 125 -1.39 10.12 21.85
CA GLU A 125 -0.60 10.05 20.62
C GLU A 125 0.47 11.13 20.70
N ASN A 126 0.05 12.32 21.18
CA ASN A 126 0.94 13.45 21.30
C ASN A 126 2.11 13.17 22.23
N ILE A 127 1.81 12.67 23.42
CA ILE A 127 2.89 12.36 24.35
C ILE A 127 3.84 11.34 23.72
N SER A 128 3.28 10.30 23.12
CA SER A 128 4.11 9.28 22.50
C SER A 128 5.04 9.84 21.43
N ARG A 129 4.51 10.72 20.59
CA ARG A 129 5.31 11.34 19.54
C ARG A 129 6.32 12.28 20.18
N GLU A 130 5.85 13.11 21.08
CA GLU A 130 6.69 14.07 21.80
C GLU A 130 7.92 13.43 22.46
N LEU A 131 7.68 12.37 23.24
CA LEU A 131 8.77 11.69 23.95
C LEU A 131 9.32 10.46 23.23
N ASP A 132 8.67 10.06 22.14
CA ASP A 132 9.10 8.89 21.39
C ASP A 132 9.10 7.65 22.30
N ILE A 133 7.96 7.36 22.92
CA ILE A 133 7.83 6.21 23.81
C ILE A 133 6.69 5.28 23.39
N PRO A 134 6.77 4.00 23.80
CA PRO A 134 5.75 3.00 23.48
C PRO A 134 4.37 3.43 23.99
N LEU A 135 3.33 3.15 23.22
CA LEU A 135 1.98 3.51 23.65
C LEU A 135 1.12 2.25 23.57
N ILE A 136 0.64 1.76 24.72
CA ILE A 136 -0.21 0.57 24.72
C ILE A 136 -1.66 1.00 24.66
N MET A 137 -2.36 0.54 23.65
CA MET A 137 -3.76 0.89 23.44
C MET A 137 -4.74 -0.23 23.72
N ILE A 138 -5.68 0.03 24.63
CA ILE A 138 -6.73 -0.93 24.91
C ILE A 138 -7.98 -0.20 24.42
N ASP A 139 -8.40 -0.54 23.21
CA ASP A 139 -9.54 0.11 22.60
C ASP A 139 -10.87 -0.58 22.87
N THR A 140 -11.69 0.04 23.70
CA THR A 140 -13.01 -0.48 24.01
C THR A 140 -14.01 0.37 23.22
N THR A 141 -14.36 -0.12 22.03
CA THR A 141 -15.30 0.58 21.17
C THR A 141 -16.65 0.78 21.87
N PHE A 142 -17.17 2.00 21.75
CA PHE A 142 -18.45 2.38 22.35
C PHE A 142 -19.56 1.35 22.15
N ASN A 143 -20.31 1.06 23.23
CA ASN A 143 -21.40 0.09 23.20
C ASN A 143 -22.77 0.71 22.89
N ASN A 144 -23.18 0.64 21.63
CA ASN A 144 -24.47 1.18 21.22
C ASN A 144 -25.56 0.15 21.57
N GLU A 145 -25.18 -1.13 21.56
CA GLU A 145 -26.10 -2.21 21.89
C GLU A 145 -26.12 -2.29 23.41
N ASP A 146 -27.26 -2.69 23.98
CA ASP A 146 -27.39 -2.79 25.43
C ASP A 146 -26.31 -3.68 26.04
N GLU A 147 -25.86 -4.67 25.28
CA GLU A 147 -24.82 -5.56 25.77
C GLU A 147 -23.56 -5.48 24.90
N VAL A 148 -22.44 -5.93 25.45
CA VAL A 148 -21.18 -5.92 24.73
C VAL A 148 -21.15 -7.07 23.73
N THR A 149 -20.97 -6.75 22.47
CA THR A 149 -20.94 -7.77 21.42
C THR A 149 -19.74 -8.67 21.62
N GLN A 150 -19.84 -9.91 21.14
CA GLN A 150 -18.76 -10.88 21.28
C GLN A 150 -17.53 -10.39 20.53
N SER A 151 -17.77 -9.61 19.47
CA SER A 151 -16.69 -9.06 18.67
C SER A 151 -15.85 -8.14 19.56
N ARG A 152 -16.51 -7.30 20.34
CA ARG A 152 -15.82 -6.39 21.24
C ARG A 152 -15.00 -7.17 22.25
N ILE A 153 -15.61 -8.23 22.79
CA ILE A 153 -14.95 -9.08 23.78
C ILE A 153 -13.67 -9.72 23.24
N ASP A 154 -13.76 -10.37 22.08
CA ASP A 154 -12.59 -11.03 21.50
C ASP A 154 -11.50 -10.01 21.20
N TYR A 155 -11.92 -8.87 20.66
CA TYR A 155 -11.03 -7.77 20.31
C TYR A 155 -10.30 -7.24 21.55
N ILE A 156 -11.04 -6.99 22.63
CA ILE A 156 -10.44 -6.51 23.86
C ILE A 156 -9.44 -7.53 24.43
N LYS A 157 -9.85 -8.79 24.54
CA LYS A 157 -8.97 -9.83 25.06
C LYS A 157 -7.71 -9.95 24.20
N ALA A 158 -7.87 -9.74 22.90
CA ALA A 158 -6.74 -9.83 21.98
C ALA A 158 -5.77 -8.68 22.27
N GLN A 159 -6.31 -7.53 22.61
CA GLN A 159 -5.47 -6.38 22.93
C GLN A 159 -4.82 -6.60 24.29
N PHE A 160 -5.54 -7.27 25.19
CA PHE A 160 -4.99 -7.59 26.51
C PHE A 160 -3.70 -8.36 26.24
N GLU A 161 -3.76 -9.27 25.27
CA GLU A 161 -2.60 -10.08 24.90
C GLU A 161 -1.48 -9.26 24.29
N GLU A 162 -1.83 -8.32 23.43
CA GLU A 162 -0.84 -7.46 22.80
C GLU A 162 -0.15 -6.65 23.91
N ALA A 163 -0.96 -6.14 24.83
CA ALA A 163 -0.45 -5.35 25.93
C ALA A 163 0.58 -6.14 26.74
N ILE A 164 0.21 -7.36 27.12
CA ILE A 164 1.11 -8.21 27.89
C ILE A 164 2.46 -8.39 27.18
N LYS A 165 2.41 -8.71 25.89
CA LYS A 165 3.64 -8.91 25.11
C LYS A 165 4.49 -7.64 25.10
N GLN A 166 3.83 -6.49 24.98
CA GLN A 166 4.55 -5.23 24.96
C GLN A 166 5.23 -4.99 26.31
N LEU A 167 4.48 -5.24 27.38
CA LEU A 167 4.98 -5.03 28.73
C LEU A 167 6.11 -5.97 29.13
N GLU A 168 6.19 -7.13 28.48
CA GLU A 168 7.28 -8.07 28.78
C GLU A 168 8.56 -7.42 28.25
N ILE A 169 8.47 -6.81 27.09
CA ILE A 169 9.61 -6.15 26.47
C ILE A 169 10.02 -4.94 27.30
N ILE A 170 9.03 -4.14 27.69
CA ILE A 170 9.27 -2.96 28.47
C ILE A 170 9.84 -3.26 29.86
N SER A 171 9.21 -4.18 30.58
CA SER A 171 9.67 -4.53 31.93
C SER A 171 10.87 -5.48 31.89
N GLY A 172 11.08 -6.14 30.77
CA GLY A 172 12.18 -7.08 30.67
C GLY A 172 11.89 -8.36 31.46
N LYS A 173 10.63 -8.58 31.80
CA LYS A 173 10.22 -9.77 32.54
C LYS A 173 9.30 -10.61 31.68
N LYS A 174 9.03 -11.83 32.13
CA LYS A 174 8.13 -12.72 31.43
C LYS A 174 6.85 -12.78 32.23
N PHE A 175 5.73 -12.86 31.51
CA PHE A 175 4.41 -12.92 32.13
C PHE A 175 4.30 -14.09 33.10
N ASP A 176 3.86 -13.82 34.33
CA ASP A 176 3.68 -14.86 35.33
C ASP A 176 2.19 -15.10 35.55
N PRO A 177 1.67 -16.20 35.02
CA PRO A 177 0.25 -16.57 35.14
C PRO A 177 -0.24 -16.62 36.58
N LYS A 178 0.65 -17.06 37.48
CA LYS A 178 0.32 -17.18 38.89
C LYS A 178 0.20 -15.83 39.57
N LYS A 179 1.09 -14.91 39.21
CA LYS A 179 1.04 -13.58 39.80
C LYS A 179 -0.17 -12.83 39.27
N PHE A 180 -0.41 -12.97 37.96
CA PHE A 180 -1.53 -12.30 37.34
C PHE A 180 -2.83 -12.75 38.01
N GLU A 181 -2.80 -13.94 38.59
CA GLU A 181 -3.99 -14.48 39.25
C GLU A 181 -4.18 -13.79 40.59
N GLU A 182 -3.10 -13.53 41.30
CA GLU A 182 -3.23 -12.89 42.59
C GLU A 182 -3.65 -11.43 42.42
N VAL A 183 -3.11 -10.74 41.42
CA VAL A 183 -3.50 -9.35 41.20
C VAL A 183 -4.98 -9.31 40.88
N MET A 184 -5.46 -10.28 40.12
CA MET A 184 -6.87 -10.34 39.77
C MET A 184 -7.73 -10.41 41.04
N LYS A 185 -7.32 -11.26 41.97
CA LYS A 185 -8.04 -11.43 43.24
C LYS A 185 -7.99 -10.14 44.05
N ILE A 186 -6.80 -9.56 44.14
CA ILE A 186 -6.59 -8.31 44.88
C ILE A 186 -7.40 -7.19 44.26
N SER A 187 -7.30 -7.06 42.94
CA SER A 187 -8.01 -6.03 42.20
C SER A 187 -9.51 -6.19 42.38
N ALA A 188 -9.96 -7.44 42.34
CA ALA A 188 -11.38 -7.74 42.49
C ALA A 188 -11.90 -7.30 43.83
N GLU A 189 -11.13 -7.55 44.88
CA GLU A 189 -11.57 -7.18 46.21
C GLU A 189 -11.63 -5.66 46.38
N ASN A 190 -10.56 -4.97 46.02
CA ASN A 190 -10.54 -3.51 46.15
C ASN A 190 -11.71 -2.92 45.38
N GLY A 191 -12.05 -3.54 44.25
CA GLY A 191 -13.17 -3.05 43.47
C GLY A 191 -14.44 -3.14 44.29
N ARG A 192 -14.55 -4.21 45.09
CA ARG A 192 -15.71 -4.44 45.95
C ARG A 192 -15.77 -3.45 47.11
N LEU A 193 -14.63 -3.24 47.76
CA LEU A 193 -14.57 -2.30 48.87
C LEU A 193 -14.94 -0.89 48.42
N TRP A 194 -14.56 -0.56 47.18
CA TRP A 194 -14.86 0.76 46.63
C TRP A 194 -16.35 0.95 46.47
N LYS A 195 -17.02 0.02 45.81
CA LYS A 195 -18.46 0.14 45.61
C LYS A 195 -19.20 0.18 46.95
N TYR A 196 -18.82 -0.71 47.87
CA TYR A 196 -19.47 -0.77 49.16
C TYR A 196 -19.28 0.50 50.01
N SER A 197 -18.02 0.84 50.28
CA SER A 197 -17.72 2.00 51.11
C SER A 197 -18.34 3.27 50.57
N MET A 198 -18.13 3.54 49.29
CA MET A 198 -18.66 4.75 48.66
C MET A 198 -20.17 4.73 48.43
N SER A 199 -20.83 3.64 48.78
CA SER A 199 -22.27 3.53 48.60
C SER A 199 -23.05 3.77 49.89
N LEU A 200 -22.35 3.70 51.01
CA LEU A 200 -22.98 3.90 52.32
C LEU A 200 -23.89 5.14 52.40
N PRO A 201 -23.49 6.27 51.78
CA PRO A 201 -24.34 7.45 51.85
C PRO A 201 -25.82 7.21 51.57
N ALA A 202 -26.12 6.20 50.75
CA ALA A 202 -27.50 5.88 50.37
C ALA A 202 -28.37 5.47 51.56
N ASP A 203 -27.73 5.27 52.72
CA ASP A 203 -28.45 4.89 53.93
C ASP A 203 -28.29 6.00 54.97
N SER A 204 -27.77 5.65 56.13
CA SER A 204 -27.54 6.60 57.21
C SER A 204 -28.61 7.68 57.39
N SER A 205 -28.44 8.81 56.72
CA SER A 205 -29.40 9.92 56.84
C SER A 205 -29.33 10.42 58.27
N PRO A 206 -28.36 11.29 58.59
CA PRO A 206 -27.28 11.87 57.77
C PRO A 206 -26.28 10.86 57.24
N SER A 207 -25.67 11.18 56.10
CA SER A 207 -24.67 10.30 55.50
C SER A 207 -23.40 10.37 56.33
N PRO A 208 -22.68 9.23 56.45
CA PRO A 208 -21.44 9.18 57.23
C PRO A 208 -20.31 10.07 56.71
N MET A 209 -20.51 10.67 55.54
CA MET A 209 -19.48 11.52 54.97
C MET A 209 -20.08 12.61 54.08
N ASN A 210 -19.24 13.57 53.72
CA ASN A 210 -19.63 14.64 52.82
C ASN A 210 -19.38 14.06 51.42
N GLY A 211 -20.38 14.10 50.56
CA GLY A 211 -20.22 13.56 49.21
C GLY A 211 -18.88 13.82 48.54
N PHE A 212 -18.30 14.98 48.78
CA PHE A 212 -17.03 15.34 48.16
C PHE A 212 -15.85 14.49 48.62
N ASP A 213 -15.93 13.90 49.81
CA ASP A 213 -14.83 13.07 50.29
C ASP A 213 -14.57 11.93 49.32
N LEU A 214 -15.61 11.52 48.63
CA LEU A 214 -15.54 10.44 47.66
C LEU A 214 -14.41 10.71 46.67
N PHE A 215 -14.33 11.94 46.19
CA PHE A 215 -13.31 12.31 45.23
C PHE A 215 -11.89 12.27 45.76
N THR A 216 -11.74 12.29 47.08
CA THR A 216 -10.42 12.19 47.68
C THR A 216 -10.05 10.71 47.68
N TYR A 217 -10.96 9.88 48.16
CA TYR A 217 -10.73 8.44 48.20
C TYR A 217 -10.68 7.88 46.78
N MET A 218 -11.29 8.60 45.85
CA MET A 218 -11.32 8.17 44.46
C MET A 218 -9.91 8.01 43.90
N ALA A 219 -8.97 8.74 44.48
CA ALA A 219 -7.59 8.70 44.01
C ALA A 219 -6.95 7.35 44.26
N VAL A 220 -7.23 6.75 45.41
CA VAL A 220 -6.64 5.47 45.74
C VAL A 220 -7.14 4.35 44.83
N ILE A 221 -8.46 4.28 44.61
CA ILE A 221 -9.00 3.24 43.77
C ILE A 221 -8.53 3.40 42.32
N VAL A 222 -8.02 4.58 42.01
CA VAL A 222 -7.55 4.87 40.66
C VAL A 222 -6.09 4.48 40.42
N CYS A 223 -5.19 4.92 41.30
N CYS A 223 -5.24 4.95 41.32
CA CYS A 223 -3.78 4.60 41.09
CA CYS A 223 -3.79 4.75 41.25
C CYS A 223 -3.30 3.29 41.69
C CYS A 223 -3.23 3.46 41.86
N ALA A 224 -4.01 2.78 42.70
CA ALA A 224 -3.57 1.52 43.33
C ALA A 224 -4.65 0.46 43.46
N ARG A 225 -5.32 0.16 42.36
CA ARG A 225 -6.40 -0.81 42.38
C ARG A 225 -5.95 -2.27 42.57
N GLY A 226 -4.70 -2.57 42.27
CA GLY A 226 -4.23 -3.93 42.40
C GLY A 226 -3.22 -4.15 43.51
N LYS A 227 -3.27 -3.27 44.52
CA LYS A 227 -2.34 -3.39 45.63
C LYS A 227 -3.04 -3.73 46.94
N LYS A 228 -2.39 -4.60 47.73
CA LYS A 228 -2.93 -5.03 49.01
C LYS A 228 -3.06 -3.89 50.01
N GLU A 229 -2.22 -2.87 49.85
CA GLU A 229 -2.26 -1.71 50.76
C GLU A 229 -3.63 -1.04 50.66
N THR A 230 -4.14 -0.92 49.44
CA THR A 230 -5.44 -0.29 49.23
C THR A 230 -6.53 -1.04 49.98
N THR A 231 -6.44 -2.37 49.94
CA THR A 231 -7.39 -3.23 50.62
C THR A 231 -7.50 -2.86 52.09
N GLU A 232 -6.35 -2.75 52.74
CA GLU A 232 -6.30 -2.38 54.15
C GLU A 232 -6.77 -0.95 54.34
N ALA A 233 -6.42 -0.09 53.39
CA ALA A 233 -6.80 1.31 53.46
C ALA A 233 -8.31 1.44 53.48
N PHE A 234 -8.98 0.80 52.52
CA PHE A 234 -10.43 0.87 52.47
C PHE A 234 -11.09 0.18 53.66
N LYS A 235 -10.41 -0.80 54.24
CA LYS A 235 -10.93 -1.51 55.41
C LYS A 235 -10.97 -0.58 56.61
N LEU A 236 -9.91 0.19 56.79
CA LEU A 236 -9.84 1.14 57.90
C LEU A 236 -10.90 2.22 57.68
N LEU A 237 -11.02 2.69 56.44
CA LEU A 237 -12.01 3.71 56.12
C LEU A 237 -13.41 3.21 56.47
N ILE A 238 -13.77 2.06 55.92
CA ILE A 238 -15.07 1.46 56.16
C ILE A 238 -15.38 1.46 57.66
N GLU A 239 -14.46 0.90 58.44
CA GLU A 239 -14.62 0.84 59.88
C GLU A 239 -14.95 2.22 60.48
N GLU A 240 -14.37 3.27 59.90
CA GLU A 240 -14.62 4.61 60.40
C GLU A 240 -15.98 5.13 59.95
N LEU A 241 -16.36 4.82 58.71
CA LEU A 241 -17.64 5.28 58.19
C LEU A 241 -18.81 4.59 58.88
N GLU A 242 -18.64 3.31 59.21
CA GLU A 242 -19.69 2.57 59.88
C GLU A 242 -19.77 3.04 61.33
N ASP A 243 -18.62 3.36 61.91
CA ASP A 243 -18.59 3.86 63.27
C ASP A 243 -19.39 5.15 63.30
N ASN A 244 -19.31 5.92 62.22
CA ASN A 244 -20.04 7.18 62.14
C ASN A 244 -21.53 6.92 61.97
N MET A 245 -21.88 6.00 61.08
CA MET A 245 -23.28 5.69 60.83
C MET A 245 -23.98 5.29 62.14
N LYS A 246 -23.31 4.46 62.94
CA LYS A 246 -23.88 4.00 64.19
C LYS A 246 -23.94 5.07 65.29
N THR A 247 -23.31 6.21 65.05
CA THR A 247 -23.30 7.31 66.03
C THR A 247 -23.93 8.58 65.47
N GLY A 248 -24.61 8.45 64.33
CA GLY A 248 -25.24 9.59 63.72
C GLY A 248 -24.27 10.73 63.44
N LYS A 249 -23.00 10.40 63.24
CA LYS A 249 -21.98 11.39 62.97
C LYS A 249 -21.54 11.39 61.50
N SER A 250 -20.81 12.43 61.11
CA SER A 250 -20.35 12.55 59.73
C SER A 250 -19.31 13.66 59.56
N SER A 251 -18.60 13.62 58.43
CA SER A 251 -17.61 14.66 58.15
C SER A 251 -18.32 15.89 57.60
N PHE A 252 -19.61 15.73 57.25
CA PHE A 252 -20.42 16.81 56.70
C PHE A 252 -20.92 17.76 57.79
N ARG A 253 -20.31 18.92 57.87
CA ARG A 253 -20.67 19.94 58.85
C ARG A 253 -22.16 20.26 58.84
N GLY A 254 -22.71 20.51 60.04
CA GLY A 254 -24.12 20.87 60.16
C GLY A 254 -25.16 19.83 59.80
N GLU A 255 -26.41 20.28 59.73
CA GLU A 255 -27.54 19.42 59.41
C GLU A 255 -27.66 19.13 57.92
N GLU A 256 -28.05 17.90 57.60
CA GLU A 256 -28.22 17.45 56.22
C GLU A 256 -29.69 17.63 55.82
N LYS A 257 -30.09 18.86 55.52
CA LYS A 257 -31.46 19.12 55.13
C LYS A 257 -31.84 18.59 53.77
N TYR A 258 -30.86 18.49 52.86
CA TYR A 258 -31.14 18.02 51.51
C TYR A 258 -30.16 17.01 50.97
N ARG A 259 -30.69 16.02 50.26
CA ARG A 259 -29.91 14.95 49.65
C ARG A 259 -29.99 15.10 48.13
N ILE A 260 -28.85 15.15 47.47
CA ILE A 260 -28.86 15.31 46.02
C ILE A 260 -27.80 14.48 45.32
N MET A 261 -27.85 14.50 43.99
CA MET A 261 -26.86 13.82 43.18
C MET A 261 -26.25 14.86 42.26
N MET A 262 -24.94 15.02 42.32
CA MET A 262 -24.26 15.96 41.45
C MET A 262 -23.70 15.15 40.29
N GLU A 263 -24.05 15.54 39.07
CA GLU A 263 -23.60 14.84 37.87
C GLU A 263 -22.32 15.49 37.35
N GLY A 264 -21.26 14.70 37.22
CA GLY A 264 -20.01 15.23 36.72
C GLY A 264 -18.91 15.40 37.75
N ILE A 265 -17.71 15.67 37.27
CA ILE A 265 -16.54 15.87 38.13
C ILE A 265 -16.67 17.25 38.75
N PRO A 266 -16.23 17.41 40.01
CA PRO A 266 -16.33 18.72 40.65
C PRO A 266 -15.23 19.64 40.14
N CYS A 267 -15.42 20.96 40.27
CA CYS A 267 -14.42 21.92 39.80
C CYS A 267 -13.30 22.05 40.84
N TRP A 268 -12.30 21.19 40.69
CA TRP A 268 -11.16 21.15 41.59
C TRP A 268 -10.57 22.49 42.00
N PRO A 269 -10.53 23.48 41.09
CA PRO A 269 -9.96 24.77 41.50
C PRO A 269 -10.89 25.54 42.43
N TYR A 270 -12.06 24.98 42.70
CA TYR A 270 -13.05 25.64 43.56
C TYR A 270 -13.73 24.62 44.47
N ILE A 271 -13.10 23.47 44.63
CA ILE A 271 -13.65 22.41 45.48
C ILE A 271 -13.93 22.95 46.89
N GLY A 272 -13.03 23.77 47.40
CA GLY A 272 -13.23 24.33 48.72
C GLY A 272 -14.49 25.16 48.75
N TYR A 273 -14.57 26.14 47.84
CA TYR A 273 -15.73 27.01 47.76
C TYR A 273 -17.04 26.24 47.53
N LYS A 274 -16.98 25.19 46.73
CA LYS A 274 -18.19 24.43 46.47
C LYS A 274 -18.64 23.67 47.71
N MET A 275 -17.69 23.25 48.53
CA MET A 275 -18.00 22.53 49.76
C MET A 275 -18.77 23.45 50.72
N LYS A 276 -18.16 24.59 51.07
CA LYS A 276 -18.77 25.56 51.96
C LYS A 276 -20.17 25.94 51.51
N THR A 277 -20.28 26.44 50.29
CA THR A 277 -21.56 26.88 49.74
C THR A 277 -22.68 25.87 49.94
N LEU A 278 -22.45 24.61 49.59
CA LEU A 278 -23.49 23.60 49.74
C LEU A 278 -23.81 23.34 51.21
N ALA A 279 -22.79 23.39 52.06
CA ALA A 279 -22.98 23.15 53.49
C ALA A 279 -23.89 24.18 54.14
N LYS A 280 -23.62 25.45 53.91
CA LYS A 280 -24.44 26.50 54.49
C LYS A 280 -25.90 26.31 54.10
N PHE A 281 -26.14 25.65 52.97
CA PHE A 281 -27.50 25.41 52.49
C PHE A 281 -28.06 24.05 52.91
N GLY A 282 -27.31 23.33 53.74
CA GLY A 282 -27.73 22.02 54.19
C GLY A 282 -27.85 21.02 53.06
N VAL A 283 -27.03 21.18 52.03
CA VAL A 283 -27.06 20.25 50.89
C VAL A 283 -25.89 19.27 50.87
N ASN A 284 -26.22 18.00 50.67
CA ASN A 284 -25.20 16.95 50.63
C ASN A 284 -25.53 15.94 49.54
N MET A 285 -24.48 15.42 48.92
CA MET A 285 -24.61 14.45 47.85
C MET A 285 -24.54 13.06 48.45
N THR A 286 -25.63 12.30 48.30
CA THR A 286 -25.68 10.94 48.82
C THR A 286 -26.03 10.00 47.67
N GLY A 287 -26.11 10.58 46.48
CA GLY A 287 -26.40 9.80 45.29
C GLY A 287 -25.23 9.99 44.34
N SER A 288 -24.55 8.90 44.00
CA SER A 288 -23.42 8.99 43.09
C SER A 288 -23.29 7.82 42.12
N VAL A 289 -22.82 8.14 40.92
CA VAL A 289 -22.63 7.14 39.87
C VAL A 289 -21.23 6.54 40.01
N TYR A 290 -20.33 7.29 40.63
CA TYR A 290 -18.94 6.87 40.79
C TYR A 290 -18.63 5.59 41.58
N PRO A 291 -19.54 5.15 42.46
CA PRO A 291 -19.22 3.92 43.19
C PRO A 291 -19.15 2.74 42.21
N HIS A 292 -19.73 2.94 41.02
CA HIS A 292 -19.78 1.91 39.98
C HIS A 292 -18.58 1.98 39.02
N ALA A 293 -18.09 3.18 38.78
CA ALA A 293 -16.97 3.39 37.87
C ALA A 293 -15.79 2.42 38.04
N TRP A 294 -15.33 2.23 39.28
CA TRP A 294 -14.20 1.32 39.49
C TRP A 294 -14.55 -0.01 40.13
N ALA A 295 -15.84 -0.34 40.15
CA ALA A 295 -16.31 -1.61 40.69
C ALA A 295 -15.54 -2.72 39.99
N LEU A 296 -15.55 -2.65 38.65
CA LEU A 296 -14.84 -3.60 37.79
C LEU A 296 -14.77 -5.00 38.42
N GLN A 297 -15.84 -5.79 38.25
CA GLN A 297 -15.88 -7.13 38.82
C GLN A 297 -15.87 -8.24 37.77
N TYR A 298 -15.12 -9.30 38.07
CA TYR A 298 -15.01 -10.44 37.18
C TYR A 298 -14.43 -11.63 37.96
N GLU A 299 -14.63 -12.84 37.44
CA GLU A 299 -14.11 -14.01 38.13
C GLU A 299 -12.61 -14.10 37.87
N VAL A 300 -11.88 -14.67 38.83
CA VAL A 300 -10.43 -14.82 38.69
C VAL A 300 -10.12 -15.64 37.42
N ASN A 301 -9.13 -15.18 36.66
CA ASN A 301 -8.71 -15.84 35.42
C ASN A 301 -9.80 -15.82 34.34
N ASP A 302 -10.75 -14.89 34.44
CA ASP A 302 -11.81 -14.80 33.43
C ASP A 302 -11.68 -13.56 32.54
N LEU A 303 -10.79 -13.65 31.56
CA LEU A 303 -10.53 -12.56 30.62
C LEU A 303 -11.77 -12.02 29.93
N ASP A 304 -12.77 -12.89 29.73
CA ASP A 304 -14.00 -12.46 29.08
C ASP A 304 -14.74 -11.50 30.01
N GLY A 305 -14.78 -11.86 31.29
CA GLY A 305 -15.46 -11.02 32.27
C GLY A 305 -14.73 -9.71 32.53
N MET A 306 -13.41 -9.76 32.53
CA MET A 306 -12.60 -8.57 32.76
C MET A 306 -12.86 -7.60 31.61
N ALA A 307 -12.85 -8.14 30.40
CA ALA A 307 -13.09 -7.37 29.19
C ALA A 307 -14.41 -6.64 29.31
N VAL A 308 -15.45 -7.39 29.68
CA VAL A 308 -16.79 -6.82 29.84
C VAL A 308 -16.82 -5.73 30.90
N ALA A 309 -16.11 -5.95 32.00
CA ALA A 309 -16.06 -4.97 33.09
C ALA A 309 -15.55 -3.61 32.62
N TYR A 310 -14.41 -3.61 31.93
CA TYR A 310 -13.82 -2.37 31.44
C TYR A 310 -14.60 -1.70 30.32
N SER A 311 -15.28 -2.50 29.50
CA SER A 311 -16.07 -1.96 28.40
C SER A 311 -17.39 -1.35 28.88
N THR A 312 -17.88 -1.86 30.01
CA THR A 312 -19.15 -1.40 30.56
C THR A 312 -19.08 -0.21 31.52
N MET A 313 -17.87 0.33 31.71
CA MET A 313 -17.70 1.50 32.56
C MET A 313 -18.77 2.46 32.00
N PHE A 314 -19.49 3.16 32.86
CA PHE A 314 -20.59 4.00 32.41
C PHE A 314 -20.41 5.05 31.31
N ASN A 315 -19.17 5.42 31.01
CA ASN A 315 -18.90 6.41 29.96
C ASN A 315 -18.90 5.74 28.57
N ASN A 316 -18.97 4.42 28.55
CA ASN A 316 -18.91 3.69 27.29
C ASN A 316 -20.14 2.83 27.01
N VAL A 317 -21.31 3.29 27.46
CA VAL A 317 -22.56 2.54 27.21
C VAL A 317 -23.64 3.48 26.70
N ASN A 318 -24.54 2.99 25.84
CA ASN A 318 -25.58 3.84 25.25
C ASN A 318 -26.30 4.76 26.23
N LEU A 319 -26.86 5.83 25.68
CA LEU A 319 -27.54 6.86 26.46
C LEU A 319 -28.55 6.30 27.44
N ASP A 320 -29.33 5.32 27.00
CA ASP A 320 -30.32 4.70 27.85
C ASP A 320 -29.69 4.17 29.12
N ARG A 321 -28.60 3.41 28.99
CA ARG A 321 -27.95 2.85 30.16
C ARG A 321 -27.29 3.94 31.01
N MET A 322 -26.79 4.99 30.35
CA MET A 322 -26.15 6.10 31.06
C MET A 322 -27.23 6.75 31.90
N THR A 323 -28.39 6.95 31.29
CA THR A 323 -29.52 7.56 31.98
C THR A 323 -29.94 6.72 33.18
N LYS A 324 -30.00 5.41 33.01
CA LYS A 324 -30.38 4.54 34.11
C LYS A 324 -29.42 4.65 35.28
N TYR A 325 -28.14 4.85 35.00
CA TYR A 325 -27.16 4.96 36.08
C TYR A 325 -27.53 6.11 36.99
N ARG A 326 -27.99 7.21 36.39
CA ARG A 326 -28.37 8.39 37.16
C ARG A 326 -29.67 8.17 37.91
N VAL A 327 -30.72 7.81 37.18
CA VAL A 327 -32.01 7.55 37.78
C VAL A 327 -31.83 6.65 39.00
N ASP A 328 -31.11 5.56 38.81
CA ASP A 328 -30.85 4.58 39.88
C ASP A 328 -30.11 5.21 41.06
N SER A 329 -29.06 6.00 40.78
CA SER A 329 -28.29 6.62 41.84
C SER A 329 -29.10 7.68 42.61
N LEU A 330 -30.08 8.27 41.94
CA LEU A 330 -30.94 9.27 42.57
C LEU A 330 -31.84 8.56 43.58
N VAL A 331 -32.58 7.56 43.10
CA VAL A 331 -33.49 6.80 43.94
C VAL A 331 -32.81 6.15 45.14
N GLU A 332 -31.91 5.21 44.87
CA GLU A 332 -31.18 4.49 45.91
C GLU A 332 -30.56 5.43 46.94
N GLY A 333 -30.21 6.65 46.51
CA GLY A 333 -29.61 7.59 47.42
C GLY A 333 -30.66 8.42 48.15
N LYS A 334 -31.93 8.15 47.86
CA LYS A 334 -33.02 8.89 48.49
C LYS A 334 -32.78 10.38 48.29
N CYS A 335 -32.53 10.77 47.05
CA CYS A 335 -32.25 12.16 46.71
C CYS A 335 -33.50 12.99 46.49
N ASP A 336 -33.39 14.30 46.75
CA ASP A 336 -34.49 15.22 46.60
C ASP A 336 -34.36 16.04 45.33
N GLY A 337 -33.17 15.99 44.72
CA GLY A 337 -32.94 16.75 43.50
C GLY A 337 -31.68 16.32 42.76
N ALA A 338 -31.47 16.89 41.57
CA ALA A 338 -30.31 16.56 40.76
C ALA A 338 -29.56 17.83 40.37
N PHE A 339 -28.26 17.85 40.65
CA PHE A 339 -27.43 19.01 40.32
C PHE A 339 -26.43 18.61 39.22
N TYR A 340 -26.53 19.27 38.08
CA TYR A 340 -25.70 18.97 36.91
C TYR A 340 -24.58 19.94 36.58
N HIS A 341 -23.38 19.40 36.40
CA HIS A 341 -22.23 20.19 36.03
C HIS A 341 -22.07 20.12 34.51
N MET A 342 -22.13 21.28 33.86
CA MET A 342 -21.94 21.35 32.42
C MET A 342 -20.44 21.64 32.29
N ASN A 343 -19.66 20.57 32.23
CA ASN A 343 -18.20 20.64 32.16
C ASN A 343 -17.68 21.00 30.75
N ARG A 344 -17.10 22.20 30.60
CA ARG A 344 -16.58 22.64 29.32
C ARG A 344 -15.55 21.70 28.72
N SER A 345 -14.78 21.03 29.58
CA SER A 345 -13.74 20.09 29.15
C SER A 345 -14.23 18.76 28.59
N CYS A 346 -15.13 18.11 29.33
CA CYS A 346 -15.65 16.79 28.98
C CYS A 346 -16.83 16.79 28.04
N LYS A 347 -16.53 16.78 26.74
CA LYS A 347 -17.59 16.80 25.73
C LYS A 347 -18.47 15.56 25.76
N LEU A 348 -17.87 14.40 25.98
CA LEU A 348 -18.64 13.16 26.05
C LEU A 348 -19.79 13.33 27.06
N MET A 349 -19.47 13.78 28.27
CA MET A 349 -20.47 13.97 29.32
C MET A 349 -21.42 15.15 29.10
N SER A 350 -20.90 16.21 28.49
CA SER A 350 -21.70 17.41 28.25
C SER A 350 -22.65 17.34 27.07
N LEU A 351 -22.28 16.62 26.02
CA LEU A 351 -23.12 16.54 24.82
C LEU A 351 -24.31 15.59 24.86
N ILE A 352 -24.56 14.99 26.02
CA ILE A 352 -25.72 14.13 26.15
C ILE A 352 -26.45 14.46 27.43
N GLN A 353 -25.98 15.50 28.12
CA GLN A 353 -26.58 15.92 29.38
C GLN A 353 -28.01 16.44 29.26
N TYR A 354 -28.33 17.21 28.23
CA TYR A 354 -29.68 17.72 28.09
C TYR A 354 -30.69 16.57 28.05
N GLU A 355 -30.63 15.76 27.00
CA GLU A 355 -31.54 14.63 26.86
C GLU A 355 -31.54 13.75 28.12
N MET A 356 -30.35 13.49 28.66
CA MET A 356 -30.22 12.66 29.86
C MET A 356 -30.90 13.25 31.10
N GLN A 357 -30.75 14.56 31.34
CA GLN A 357 -31.36 15.19 32.51
C GLN A 357 -32.87 15.29 32.37
N ARG A 358 -33.35 15.37 31.14
CA ARG A 358 -34.79 15.44 30.88
C ARG A 358 -35.42 14.10 31.27
N ARG A 359 -34.82 13.02 30.77
CA ARG A 359 -35.28 11.66 31.01
C ARG A 359 -35.28 11.24 32.48
N ALA A 360 -34.21 11.57 33.20
CA ALA A 360 -34.11 11.19 34.60
C ALA A 360 -35.13 11.93 35.44
N ALA A 361 -35.37 13.20 35.09
CA ALA A 361 -36.32 14.01 35.83
C ALA A 361 -37.76 13.58 35.55
N GLU A 362 -37.99 13.08 34.34
CA GLU A 362 -39.33 12.65 33.95
C GLU A 362 -39.61 11.24 34.48
N GLU A 363 -38.57 10.56 34.94
CA GLU A 363 -38.74 9.21 35.48
C GLU A 363 -38.72 9.21 37.00
N THR A 364 -37.84 10.04 37.58
CA THR A 364 -37.71 10.12 39.03
C THR A 364 -38.69 11.11 39.67
N GLY A 365 -39.19 12.05 38.87
CA GLY A 365 -40.10 13.04 39.41
C GLY A 365 -39.38 14.01 40.34
N LEU A 366 -38.05 14.01 40.29
CA LEU A 366 -37.24 14.90 41.12
C LEU A 366 -36.87 16.14 40.31
N PRO A 367 -36.66 17.29 40.98
CA PRO A 367 -36.29 18.51 40.28
C PRO A 367 -34.78 18.59 40.06
N TYR A 368 -34.35 19.42 39.12
CA TYR A 368 -32.92 19.57 38.87
C TYR A 368 -32.51 20.99 38.46
N ALA A 369 -31.21 21.23 38.49
CA ALA A 369 -30.64 22.51 38.14
C ALA A 369 -29.22 22.24 37.67
N GLY A 370 -28.56 23.25 37.15
CA GLY A 370 -27.20 23.05 36.70
C GLY A 370 -26.37 24.30 36.79
N PHE A 371 -25.07 24.14 36.53
CA PHE A 371 -24.14 25.25 36.57
C PHE A 371 -23.01 24.96 35.58
N ASP A 372 -22.35 26.01 35.12
CA ASP A 372 -21.23 25.87 34.18
C ASP A 372 -19.91 25.80 34.94
N GLY A 373 -18.93 25.12 34.36
CA GLY A 373 -17.64 25.00 35.00
C GLY A 373 -16.68 24.15 34.21
N ASP A 374 -15.67 23.65 34.91
CA ASP A 374 -14.63 22.81 34.32
C ASP A 374 -13.92 22.16 35.49
N GLN A 375 -13.43 20.93 35.35
CA GLN A 375 -12.75 20.29 36.47
C GLN A 375 -11.34 20.80 36.77
N ALA A 376 -10.68 21.39 35.78
CA ALA A 376 -9.32 21.89 36.03
C ALA A 376 -9.05 23.32 35.55
N ASP A 377 -9.92 23.88 34.72
CA ASP A 377 -9.73 25.26 34.22
C ASP A 377 -10.54 26.25 35.05
N PRO A 378 -9.88 27.00 35.94
CA PRO A 378 -10.54 27.98 36.80
C PRO A 378 -11.20 29.15 36.08
N ARG A 379 -11.03 29.21 34.76
CA ARG A 379 -11.62 30.30 34.00
C ARG A 379 -13.05 30.00 33.59
N ALA A 380 -13.47 28.74 33.69
CA ALA A 380 -14.82 28.33 33.28
C ALA A 380 -15.85 28.33 34.38
N PHE A 381 -15.42 28.51 35.63
CA PHE A 381 -16.33 28.50 36.77
C PHE A 381 -16.58 29.90 37.30
N THR A 382 -17.83 30.18 37.66
CA THR A 382 -18.21 31.47 38.21
C THR A 382 -18.92 31.27 39.54
N ASN A 383 -18.27 31.64 40.64
CA ASN A 383 -18.83 31.47 41.98
C ASN A 383 -20.24 32.02 42.14
N ALA A 384 -20.38 33.33 41.95
CA ALA A 384 -21.67 34.01 42.09
C ALA A 384 -22.77 33.20 41.40
N GLN A 385 -22.44 32.60 40.27
CA GLN A 385 -23.40 31.80 39.52
C GLN A 385 -23.74 30.49 40.23
N PHE A 386 -22.72 29.80 40.72
CA PHE A 386 -22.93 28.54 41.42
C PHE A 386 -23.90 28.70 42.59
N GLU A 387 -23.69 29.75 43.38
CA GLU A 387 -24.53 30.01 44.54
C GLU A 387 -26.01 30.19 44.19
N THR A 388 -26.33 31.11 43.29
CA THR A 388 -27.73 31.32 42.94
C THR A 388 -28.40 30.09 42.32
N ARG A 389 -27.62 29.24 41.64
CA ARG A 389 -28.17 28.03 41.01
C ARG A 389 -28.51 26.96 42.03
N ILE A 390 -27.65 26.76 43.03
CA ILE A 390 -27.93 25.75 44.05
C ILE A 390 -29.04 26.28 44.96
N GLN A 391 -29.06 27.60 45.17
CA GLN A 391 -30.08 28.20 46.00
C GLN A 391 -31.44 28.01 45.32
N GLY A 392 -31.43 28.10 43.99
CA GLY A 392 -32.65 27.93 43.23
C GLY A 392 -33.22 26.53 43.41
N LEU A 393 -32.33 25.55 43.44
CA LEU A 393 -32.74 24.16 43.60
C LEU A 393 -33.28 23.99 45.01
N VAL A 394 -32.57 24.56 45.97
CA VAL A 394 -32.96 24.49 47.37
C VAL A 394 -34.39 24.97 47.55
N GLU A 395 -34.72 26.09 46.90
CA GLU A 395 -36.07 26.65 46.98
C GLU A 395 -37.10 25.63 46.53
N VAL A 396 -36.83 24.97 45.41
CA VAL A 396 -37.73 23.96 44.87
C VAL A 396 -37.88 22.78 45.82
N MET A 397 -36.76 22.21 46.24
CA MET A 397 -36.80 21.06 47.15
C MET A 397 -37.52 21.38 48.46
N GLU A 398 -37.22 22.53 49.05
CA GLU A 398 -37.86 22.95 50.29
C GLU A 398 -39.35 23.18 50.04
N GLU A 399 -39.68 23.60 48.82
CA GLU A 399 -41.05 23.89 48.41
C GLU A 399 -41.89 22.61 48.29
N ARG A 400 -41.32 21.57 47.69
CA ARG A 400 -42.04 20.32 47.52
C ARG A 400 -41.99 19.52 48.81
N LYS A 401 -40.95 19.76 49.60
CA LYS A 401 -40.76 19.07 50.87
C LYS A 401 -41.95 19.25 51.80
N LYS A 402 -42.21 20.49 52.22
CA LYS A 402 -43.30 20.78 53.11
C LYS A 402 -44.63 20.75 52.35
N LEU A 403 -44.96 19.57 51.85
CA LEU A 403 -46.19 19.36 51.07
C LEU A 403 -46.54 20.57 50.21
N MET B 1 -15.31 21.77 -19.37
CA MET B 1 -16.08 23.00 -19.68
C MET B 1 -17.35 23.08 -18.86
N GLU B 2 -18.10 24.17 -19.01
CA GLU B 2 -19.34 24.37 -18.28
C GLU B 2 -20.18 23.09 -18.25
N ALA B 3 -20.19 22.38 -19.36
CA ALA B 3 -20.95 21.14 -19.48
C ALA B 3 -20.83 20.25 -18.25
N ILE B 4 -19.60 19.88 -17.90
CA ILE B 4 -19.36 19.03 -16.75
C ILE B 4 -19.55 19.74 -15.41
N LEU B 5 -19.02 20.96 -15.31
CA LEU B 5 -19.15 21.74 -14.08
C LEU B 5 -20.61 22.02 -13.77
N SER B 6 -21.39 22.23 -14.82
CA SER B 6 -22.82 22.49 -14.67
C SER B 6 -23.47 21.34 -13.94
N LYS B 7 -23.28 20.13 -14.47
CA LYS B 7 -23.87 18.94 -13.87
C LYS B 7 -23.49 18.80 -12.40
N MET B 8 -22.21 18.94 -12.10
CA MET B 8 -21.73 18.83 -10.73
C MET B 8 -22.34 19.92 -9.85
N LYS B 9 -22.36 21.14 -10.36
CA LYS B 9 -22.91 22.26 -9.62
C LYS B 9 -24.36 21.97 -9.18
N GLU B 10 -25.18 21.55 -10.14
CA GLU B 10 -26.59 21.25 -9.88
C GLU B 10 -26.84 20.21 -8.81
N VAL B 11 -25.86 19.34 -8.57
CA VAL B 11 -26.02 18.29 -7.56
C VAL B 11 -25.50 18.72 -6.20
N VAL B 12 -24.53 19.63 -6.19
CA VAL B 12 -23.96 20.11 -4.93
C VAL B 12 -24.79 21.26 -4.38
N GLU B 13 -25.39 22.05 -5.28
CA GLU B 13 -26.21 23.18 -4.86
C GLU B 13 -27.63 22.75 -4.51
N ASN B 14 -27.96 21.50 -4.78
CA ASN B 14 -29.29 21.00 -4.46
C ASN B 14 -29.25 19.50 -4.19
N PRO B 15 -28.57 19.09 -3.10
CA PRO B 15 -28.43 17.70 -2.69
C PRO B 15 -29.74 16.93 -2.56
N ASN B 16 -30.75 17.56 -1.97
CA ASN B 16 -32.03 16.92 -1.76
C ASN B 16 -32.74 16.54 -3.06
N ALA B 17 -32.71 17.45 -4.04
CA ALA B 17 -33.34 17.20 -5.33
C ALA B 17 -32.79 15.92 -5.94
N ALA B 18 -31.46 15.83 -6.01
CA ALA B 18 -30.80 14.66 -6.60
C ALA B 18 -31.17 13.36 -5.91
N VAL B 19 -31.36 13.42 -4.59
CA VAL B 19 -31.73 12.21 -3.85
C VAL B 19 -33.11 11.77 -4.30
N LYS B 20 -34.00 12.73 -4.48
CA LYS B 20 -35.35 12.41 -4.92
C LYS B 20 -35.34 11.85 -6.33
N LYS B 21 -34.60 12.50 -7.22
CA LYS B 21 -34.50 12.03 -8.59
C LYS B 21 -34.05 10.57 -8.60
N TYR B 22 -32.90 10.31 -7.99
CA TYR B 22 -32.35 8.95 -7.92
C TYR B 22 -33.36 7.91 -7.44
N LYS B 23 -34.04 8.20 -6.34
CA LYS B 23 -35.02 7.27 -5.79
C LYS B 23 -36.17 6.94 -6.74
N SER B 24 -36.64 7.93 -7.48
CA SER B 24 -37.74 7.71 -8.42
C SER B 24 -37.25 7.05 -9.70
N GLU B 25 -36.09 7.47 -10.18
CA GLU B 25 -35.53 6.91 -11.40
C GLU B 25 -35.03 5.48 -11.22
N THR B 26 -34.80 5.08 -9.97
CA THR B 26 -34.30 3.72 -9.70
C THR B 26 -35.24 2.89 -8.82
N GLY B 27 -36.06 3.56 -8.01
CA GLY B 27 -36.95 2.85 -7.12
C GLY B 27 -36.18 2.23 -5.97
N LYS B 28 -34.99 2.75 -5.70
CA LYS B 28 -34.15 2.26 -4.63
C LYS B 28 -33.97 3.31 -3.53
N LYS B 29 -33.57 2.85 -2.35
CA LYS B 29 -33.38 3.72 -1.19
C LYS B 29 -31.99 4.37 -1.13
N ALA B 30 -31.87 5.42 -0.33
CA ALA B 30 -30.61 6.13 -0.16
C ALA B 30 -30.22 6.21 1.31
N ILE B 31 -28.95 5.95 1.59
CA ILE B 31 -28.39 5.97 2.94
C ILE B 31 -27.40 7.12 3.09
N GLY B 32 -27.53 7.85 4.19
CA GLY B 32 -26.61 8.95 4.44
C GLY B 32 -25.36 8.42 5.10
N CYS B 33 -24.22 8.94 4.68
CA CYS B 33 -22.93 8.53 5.23
C CYS B 33 -22.30 9.70 5.94
N PHE B 34 -22.28 9.65 7.27
CA PHE B 34 -21.71 10.71 8.06
C PHE B 34 -20.20 10.89 7.90
N PRO B 35 -19.69 12.05 8.32
CA PRO B 35 -18.30 12.48 8.25
C PRO B 35 -17.16 11.52 8.52
N VAL B 36 -16.21 11.65 7.59
CA VAL B 36 -14.97 10.92 7.50
C VAL B 36 -15.12 9.56 6.85
N TYR B 37 -15.11 8.46 7.59
CA TYR B 37 -15.21 7.16 6.92
C TYR B 37 -16.43 6.26 7.14
N CYS B 38 -16.99 5.81 6.03
CA CYS B 38 -18.15 4.92 6.03
C CYS B 38 -17.93 3.89 4.92
N PRO B 39 -18.45 2.67 5.11
CA PRO B 39 -18.30 1.62 4.11
C PRO B 39 -19.30 1.80 2.96
N GLU B 40 -19.09 2.81 2.15
CA GLU B 40 -20.00 3.08 1.04
C GLU B 40 -20.18 1.87 0.12
N GLU B 41 -19.11 1.13 -0.12
CA GLU B 41 -19.20 -0.05 -0.98
C GLU B 41 -20.32 -1.01 -0.59
N ILE B 42 -20.65 -1.08 0.69
CA ILE B 42 -21.72 -1.98 1.12
C ILE B 42 -23.07 -1.40 0.70
N ILE B 43 -23.18 -0.08 0.79
CA ILE B 43 -24.39 0.62 0.42
C ILE B 43 -24.57 0.54 -1.09
N HIS B 44 -23.46 0.69 -1.80
CA HIS B 44 -23.45 0.66 -3.26
C HIS B 44 -23.78 -0.73 -3.84
N ALA B 45 -23.23 -1.78 -3.26
CA ALA B 45 -23.49 -3.13 -3.73
C ALA B 45 -24.98 -3.43 -3.64
N ALA B 46 -25.61 -2.82 -2.65
CA ALA B 46 -27.03 -3.00 -2.42
C ALA B 46 -27.86 -2.31 -3.50
N GLY B 47 -27.20 -1.49 -4.32
CA GLY B 47 -27.91 -0.79 -5.37
C GLY B 47 -28.42 0.56 -4.89
N MET B 48 -28.21 0.85 -3.61
CA MET B 48 -28.65 2.11 -3.03
C MET B 48 -27.60 3.19 -3.21
N LEU B 49 -28.00 4.44 -2.96
CA LEU B 49 -27.09 5.56 -3.12
C LEU B 49 -26.45 6.05 -1.82
N PRO B 50 -25.10 6.01 -1.76
CA PRO B 50 -24.35 6.46 -0.58
C PRO B 50 -24.33 8.00 -0.63
N VAL B 51 -25.00 8.64 0.30
CA VAL B 51 -25.05 10.09 0.32
C VAL B 51 -24.25 10.70 1.47
N GLY B 52 -23.17 11.38 1.11
CA GLY B 52 -22.33 12.02 2.11
C GLY B 52 -22.98 13.19 2.84
N ILE B 53 -22.82 13.21 4.15
CA ILE B 53 -23.37 14.28 4.97
C ILE B 53 -22.22 15.08 5.60
N TRP B 54 -22.09 16.34 5.22
CA TRP B 54 -21.02 17.17 5.77
C TRP B 54 -21.53 18.52 6.27
N GLY B 55 -22.75 18.51 6.79
CA GLY B 55 -23.34 19.74 7.30
C GLY B 55 -23.68 20.76 6.24
N GLY B 56 -23.44 22.03 6.57
CA GLY B 56 -23.73 23.12 5.65
C GLY B 56 -23.89 24.43 6.41
N GLN B 57 -24.07 25.53 5.69
CA GLN B 57 -24.24 26.82 6.34
C GLN B 57 -25.65 26.97 6.91
N THR B 58 -25.76 27.02 8.23
CA THR B 58 -27.05 27.16 8.87
C THR B 58 -26.92 27.67 10.31
N GLU B 59 -27.90 28.44 10.75
CA GLU B 59 -27.88 28.94 12.11
C GLU B 59 -28.34 27.77 12.97
N LEU B 60 -28.16 27.88 14.28
CA LEU B 60 -28.58 26.82 15.18
C LEU B 60 -29.80 27.24 15.98
N ASP B 61 -30.72 26.31 16.19
CA ASP B 61 -31.94 26.56 16.94
C ASP B 61 -32.42 25.28 17.59
N LEU B 62 -32.89 24.35 16.78
CA LEU B 62 -33.41 23.09 17.28
C LEU B 62 -32.32 22.20 17.89
N ALA B 63 -31.08 22.42 17.48
CA ALA B 63 -29.96 21.63 17.99
C ALA B 63 -29.63 21.99 19.43
N LYS B 64 -30.10 23.16 19.86
CA LYS B 64 -29.83 23.64 21.21
C LYS B 64 -30.52 22.83 22.29
N GLN B 65 -31.39 21.91 21.88
CA GLN B 65 -32.09 21.07 22.84
C GLN B 65 -31.28 19.82 23.17
N TYR B 66 -30.24 19.57 22.39
CA TYR B 66 -29.41 18.40 22.61
C TYR B 66 -27.93 18.73 22.78
N PHE B 67 -27.48 19.83 22.17
CA PHE B 67 -26.07 20.21 22.25
C PHE B 67 -25.81 21.59 22.86
N PRO B 68 -24.80 21.69 23.73
CA PRO B 68 -24.50 23.00 24.32
C PRO B 68 -23.73 23.76 23.23
N ALA B 69 -23.23 24.95 23.52
CA ALA B 69 -22.53 25.73 22.50
C ALA B 69 -21.19 25.16 21.99
N PHE B 70 -20.50 24.40 22.83
CA PHE B 70 -19.19 23.90 22.41
C PHE B 70 -19.06 22.63 21.59
N ALA B 71 -20.13 22.22 20.89
CA ALA B 71 -20.04 21.04 20.03
C ALA B 71 -19.51 21.57 18.70
N CYS B 72 -18.70 20.78 17.99
CA CYS B 72 -18.14 21.28 16.73
C CYS B 72 -19.21 21.77 15.76
N SER B 73 -18.88 22.85 15.05
CA SER B 73 -19.78 23.47 14.09
C SER B 73 -20.43 22.49 13.10
N ILE B 74 -19.61 21.71 12.40
CA ILE B 74 -20.13 20.77 11.43
C ILE B 74 -21.17 19.81 12.00
N MET B 75 -20.94 19.27 13.20
CA MET B 75 -21.91 18.34 13.77
C MET B 75 -23.14 19.08 14.28
N GLN B 76 -22.97 20.36 14.64
CA GLN B 76 -24.09 21.16 15.09
C GLN B 76 -25.02 21.31 13.88
N SER B 77 -24.40 21.52 12.70
CA SER B 77 -25.13 21.65 11.46
C SER B 77 -25.90 20.37 11.12
N CYS B 78 -25.19 19.25 11.10
CA CYS B 78 -25.85 17.97 10.79
C CYS B 78 -27.07 17.71 11.67
N LEU B 79 -26.98 18.01 12.96
CA LEU B 79 -28.10 17.80 13.88
C LEU B 79 -29.25 18.75 13.61
N GLU B 80 -28.92 20.00 13.33
CA GLU B 80 -29.93 21.02 13.03
C GLU B 80 -30.74 20.53 11.84
N TYR B 81 -30.04 20.24 10.75
CA TYR B 81 -30.69 19.77 9.53
C TYR B 81 -31.51 18.52 9.83
N GLY B 82 -31.00 17.68 10.71
CA GLY B 82 -31.71 16.48 11.07
C GLY B 82 -33.04 16.78 11.73
N LEU B 83 -33.03 17.69 12.71
CA LEU B 83 -34.24 18.07 13.41
C LEU B 83 -35.19 18.84 12.51
N LYS B 84 -34.64 19.55 11.53
CA LYS B 84 -35.45 20.32 10.59
C LYS B 84 -36.06 19.43 9.50
N GLY B 85 -35.70 18.15 9.52
CA GLY B 85 -36.21 17.20 8.55
C GLY B 85 -35.51 17.16 7.20
N ALA B 86 -34.45 17.95 7.05
CA ALA B 86 -33.72 18.03 5.79
C ALA B 86 -33.14 16.71 5.29
N TYR B 87 -33.21 15.67 6.12
CA TYR B 87 -32.68 14.37 5.75
C TYR B 87 -33.77 13.31 5.75
N ASP B 88 -35.03 13.73 5.84
CA ASP B 88 -36.14 12.80 5.87
C ASP B 88 -36.21 11.87 4.64
N GLU B 89 -35.61 12.30 3.54
CA GLU B 89 -35.60 11.51 2.30
C GLU B 89 -34.68 10.29 2.34
N LEU B 90 -33.92 10.14 3.43
CA LEU B 90 -33.01 9.01 3.57
C LEU B 90 -33.68 7.90 4.36
N SER B 91 -33.32 6.66 4.05
CA SER B 91 -33.90 5.52 4.73
C SER B 91 -33.03 5.10 5.91
N GLY B 92 -32.00 5.89 6.17
CA GLY B 92 -31.10 5.59 7.27
C GLY B 92 -29.80 6.36 7.15
N VAL B 93 -29.01 6.36 8.24
CA VAL B 93 -27.72 7.05 8.25
C VAL B 93 -26.69 6.29 9.05
N ILE B 94 -25.45 6.31 8.58
CA ILE B 94 -24.37 5.65 9.30
C ILE B 94 -23.59 6.76 10.00
N ILE B 95 -23.55 6.69 11.32
CA ILE B 95 -22.83 7.69 12.11
C ILE B 95 -21.70 6.97 12.82
N PRO B 96 -20.52 6.92 12.19
CA PRO B 96 -19.38 6.24 12.80
C PRO B 96 -18.90 6.97 14.05
N GLY B 97 -18.65 6.23 15.12
CA GLY B 97 -18.19 6.83 16.36
C GLY B 97 -16.69 7.09 16.33
N MET B 98 -16.25 7.97 15.43
CA MET B 98 -14.83 8.28 15.28
C MET B 98 -14.24 9.15 16.39
N CYS B 99 -15.12 9.85 17.11
CA CYS B 99 -14.70 10.75 18.19
C CYS B 99 -15.88 10.94 19.13
N ASP B 100 -15.67 11.62 20.26
CA ASP B 100 -16.75 11.83 21.23
C ASP B 100 -17.99 12.54 20.68
N THR B 101 -17.79 13.59 19.88
CA THR B 101 -18.92 14.35 19.33
C THR B 101 -19.77 13.51 18.38
N LEU B 102 -19.12 12.72 17.52
CA LEU B 102 -19.84 11.85 16.59
C LEU B 102 -20.58 10.76 17.38
N ILE B 103 -19.96 10.30 18.46
CA ILE B 103 -20.56 9.28 19.31
C ILE B 103 -21.82 9.86 19.96
N CYS B 104 -21.70 11.04 20.57
CA CYS B 104 -22.85 11.67 21.22
C CYS B 104 -23.96 12.02 20.24
N LEU B 105 -23.60 12.42 19.02
CA LEU B 105 -24.64 12.75 18.04
C LEU B 105 -25.45 11.49 17.72
N GLY B 106 -24.74 10.37 17.63
CA GLY B 106 -25.41 9.11 17.33
C GLY B 106 -26.38 8.69 18.42
N GLN B 107 -26.08 9.03 19.67
CA GLN B 107 -26.95 8.67 20.78
C GLN B 107 -28.17 9.59 20.82
N ASN B 108 -27.96 10.88 20.59
CA ASN B 108 -29.05 11.86 20.58
C ASN B 108 -29.92 11.65 19.36
N TRP B 109 -29.29 11.27 18.25
CA TRP B 109 -30.01 11.03 17.01
C TRP B 109 -31.06 9.94 17.16
N LYS B 110 -30.72 8.90 17.90
CA LYS B 110 -31.62 7.77 18.14
C LYS B 110 -32.90 8.23 18.82
N SER B 111 -32.83 9.41 19.42
CA SER B 111 -33.96 9.98 20.13
C SER B 111 -34.59 11.18 19.43
N ALA B 112 -33.76 12.03 18.82
CA ALA B 112 -34.21 13.24 18.13
C ALA B 112 -34.69 13.06 16.69
N VAL B 113 -34.30 11.96 16.05
CA VAL B 113 -34.71 11.69 14.68
C VAL B 113 -35.04 10.19 14.61
N PRO B 114 -36.08 9.77 15.35
CA PRO B 114 -36.53 8.37 15.39
C PRO B 114 -36.89 7.80 14.02
N HIS B 115 -37.33 8.67 13.12
CA HIS B 115 -37.75 8.21 11.80
C HIS B 115 -36.63 7.88 10.83
N ILE B 116 -35.39 8.23 11.15
CA ILE B 116 -34.27 7.91 10.29
C ILE B 116 -33.31 6.98 11.02
N LYS B 117 -33.36 5.71 10.64
CA LYS B 117 -32.53 4.66 11.25
C LYS B 117 -31.05 5.02 11.41
N TYR B 118 -30.55 4.83 12.62
CA TYR B 118 -29.15 5.08 12.94
C TYR B 118 -28.43 3.74 12.98
N ILE B 119 -27.45 3.60 12.10
CA ILE B 119 -26.65 2.38 12.00
C ILE B 119 -25.32 2.64 12.69
N SER B 120 -25.00 1.85 13.71
CA SER B 120 -23.75 2.03 14.44
C SER B 120 -22.53 1.38 13.80
N LEU B 121 -21.38 2.03 13.95
CA LEU B 121 -20.12 1.55 13.42
C LEU B 121 -18.97 2.25 14.13
N VAL B 122 -18.13 1.47 14.81
CA VAL B 122 -16.98 2.05 15.50
C VAL B 122 -15.70 1.40 14.99
N HIS B 123 -14.91 2.19 14.26
CA HIS B 123 -13.65 1.68 13.72
C HIS B 123 -12.70 1.47 14.87
N PRO B 124 -11.87 0.41 14.79
CA PRO B 124 -10.91 0.10 15.85
C PRO B 124 -9.68 1.01 15.81
N GLN B 125 -9.23 1.41 16.99
CA GLN B 125 -8.04 2.23 17.08
C GLN B 125 -6.86 1.33 16.71
N ASN B 126 -6.84 0.11 17.23
CA ASN B 126 -5.76 -0.83 16.90
C ASN B 126 -6.09 -1.45 15.54
N ARG B 127 -6.13 -0.61 14.51
CA ARG B 127 -6.46 -1.05 13.17
C ARG B 127 -5.39 -1.91 12.49
N LYS B 128 -4.20 -2.00 13.07
CA LYS B 128 -3.13 -2.79 12.47
C LYS B 128 -3.08 -4.22 13.03
N LEU B 129 -3.72 -4.43 14.18
CA LEU B 129 -3.75 -5.76 14.78
C LEU B 129 -4.73 -6.63 14.00
N GLU B 130 -4.35 -7.87 13.75
CA GLU B 130 -5.22 -8.78 13.03
C GLU B 130 -6.57 -8.83 13.75
N ALA B 131 -6.53 -8.73 15.08
CA ALA B 131 -7.74 -8.76 15.89
C ALA B 131 -8.57 -7.51 15.57
N GLY B 132 -7.89 -6.41 15.28
CA GLY B 132 -8.60 -5.19 14.94
C GLY B 132 -9.37 -5.41 13.66
N VAL B 133 -8.73 -6.03 12.68
CA VAL B 133 -9.38 -6.30 11.40
C VAL B 133 -10.59 -7.24 11.52
N LYS B 134 -10.44 -8.32 12.28
CA LYS B 134 -11.55 -9.26 12.46
C LYS B 134 -12.72 -8.56 13.17
N TYR B 135 -12.41 -7.69 14.11
CA TYR B 135 -13.44 -6.95 14.81
C TYR B 135 -14.18 -6.03 13.85
N LEU B 136 -13.42 -5.31 13.03
CA LEU B 136 -14.02 -4.38 12.07
C LEU B 136 -14.91 -5.12 11.08
N ILE B 137 -14.53 -6.34 10.75
CA ILE B 137 -15.32 -7.14 9.83
C ILE B 137 -16.67 -7.42 10.48
N SER B 138 -16.66 -7.73 11.77
CA SER B 138 -17.91 -7.99 12.48
C SER B 138 -18.78 -6.72 12.46
N GLU B 139 -18.16 -5.58 12.74
CA GLU B 139 -18.91 -4.32 12.71
C GLU B 139 -19.55 -4.22 11.34
N TYR B 140 -18.76 -4.52 10.31
CA TYR B 140 -19.24 -4.45 8.94
C TYR B 140 -20.36 -5.44 8.63
N LYS B 141 -20.29 -6.63 9.20
CA LYS B 141 -21.35 -7.62 8.98
C LYS B 141 -22.60 -7.03 9.62
N GLY B 142 -22.40 -6.35 10.74
CA GLY B 142 -23.52 -5.72 11.43
C GLY B 142 -24.10 -4.63 10.56
N VAL B 143 -23.21 -3.87 9.92
CA VAL B 143 -23.64 -2.78 9.04
C VAL B 143 -24.41 -3.36 7.87
N LYS B 144 -23.92 -4.50 7.38
CA LYS B 144 -24.54 -5.17 6.25
C LYS B 144 -26.00 -5.52 6.53
N ARG B 145 -26.24 -6.22 7.63
CA ARG B 145 -27.60 -6.60 8.01
C ARG B 145 -28.53 -5.41 8.07
N GLU B 146 -28.19 -4.42 8.90
CA GLU B 146 -29.00 -3.21 9.05
C GLU B 146 -29.40 -2.66 7.70
N LEU B 147 -28.45 -2.64 6.77
CA LEU B 147 -28.73 -2.14 5.43
C LEU B 147 -29.67 -3.09 4.71
N GLU B 148 -29.55 -4.38 5.03
CA GLU B 148 -30.40 -5.39 4.42
C GLU B 148 -31.81 -5.28 5.00
N GLU B 149 -31.89 -4.88 6.27
CA GLU B 149 -33.18 -4.72 6.95
C GLU B 149 -33.92 -3.54 6.34
N ILE B 150 -33.17 -2.61 5.77
CA ILE B 150 -33.75 -1.41 5.17
C ILE B 150 -34.20 -1.58 3.73
N CYS B 151 -33.30 -2.06 2.87
CA CYS B 151 -33.65 -2.23 1.46
C CYS B 151 -34.56 -3.43 1.24
N GLY B 152 -34.53 -4.37 2.19
CA GLY B 152 -35.37 -5.55 2.10
C GLY B 152 -34.66 -6.80 1.61
N TYR B 153 -33.98 -6.69 0.47
CA TYR B 153 -33.27 -7.83 -0.10
C TYR B 153 -31.88 -8.02 0.50
N GLU B 154 -31.24 -9.13 0.14
CA GLU B 154 -29.91 -9.45 0.65
C GLU B 154 -28.80 -8.84 -0.21
N ILE B 155 -27.68 -8.52 0.43
CA ILE B 155 -26.54 -7.93 -0.27
C ILE B 155 -25.54 -9.04 -0.57
N GLU B 156 -25.35 -9.33 -1.85
CA GLU B 156 -24.46 -10.40 -2.29
C GLU B 156 -22.95 -10.16 -2.27
N GLU B 157 -22.24 -11.14 -1.72
CA GLU B 157 -20.79 -11.13 -1.61
C GLU B 157 -20.15 -10.70 -2.92
N ALA B 158 -20.70 -11.20 -4.02
CA ALA B 158 -20.19 -10.88 -5.34
C ALA B 158 -20.37 -9.40 -5.68
N LYS B 159 -21.53 -8.84 -5.30
CA LYS B 159 -21.82 -7.44 -5.57
C LYS B 159 -20.89 -6.49 -4.82
N ILE B 160 -20.54 -6.84 -3.59
CA ILE B 160 -19.65 -6.01 -2.80
C ILE B 160 -18.30 -5.94 -3.50
N HIS B 161 -17.75 -7.11 -3.85
CA HIS B 161 -16.47 -7.17 -4.57
C HIS B 161 -16.57 -6.28 -5.80
N GLU B 162 -17.71 -6.35 -6.47
CA GLU B 162 -17.96 -5.56 -7.66
C GLU B 162 -17.92 -4.07 -7.31
N SER B 163 -18.59 -3.71 -6.22
CA SER B 163 -18.61 -2.32 -5.78
C SER B 163 -17.21 -1.84 -5.39
N ILE B 164 -16.46 -2.68 -4.70
CA ILE B 164 -15.11 -2.33 -4.29
C ILE B 164 -14.33 -1.96 -5.55
N GLU B 165 -14.56 -2.70 -6.63
CA GLU B 165 -13.88 -2.41 -7.88
C GLU B 165 -14.26 -1.05 -8.46
N VAL B 166 -15.55 -0.73 -8.41
CA VAL B 166 -16.02 0.56 -8.92
C VAL B 166 -15.36 1.71 -8.16
N TYR B 167 -15.34 1.60 -6.83
CA TYR B 167 -14.75 2.63 -5.98
C TYR B 167 -13.25 2.82 -6.17
N ASN B 168 -12.50 1.73 -6.26
CA ASN B 168 -11.06 1.86 -6.46
C ASN B 168 -10.75 2.56 -7.78
N GLU B 169 -11.60 2.33 -8.78
CA GLU B 169 -11.41 2.97 -10.08
C GLU B 169 -11.70 4.45 -9.87
N HIS B 170 -12.68 4.75 -9.01
CA HIS B 170 -13.02 6.12 -8.74
C HIS B 170 -11.87 6.83 -8.01
N ARG B 171 -11.30 6.16 -7.02
CA ARG B 171 -10.20 6.76 -6.28
C ARG B 171 -9.01 7.09 -7.18
N LYS B 172 -8.57 6.15 -8.00
CA LYS B 172 -7.44 6.44 -8.85
C LYS B 172 -7.76 7.52 -9.89
N THR B 173 -9.02 7.61 -10.30
CA THR B 173 -9.39 8.65 -11.25
C THR B 173 -9.25 9.99 -10.52
N MET B 174 -9.71 10.04 -9.27
CA MET B 174 -9.62 11.26 -8.47
C MET B 174 -8.16 11.68 -8.28
N ARG B 175 -7.30 10.73 -7.92
CA ARG B 175 -5.88 11.05 -7.73
C ARG B 175 -5.31 11.59 -9.03
N ASP B 176 -5.80 11.06 -10.14
CA ASP B 176 -5.39 11.49 -11.48
C ASP B 176 -5.80 12.95 -11.63
N PHE B 177 -7.02 13.27 -11.20
CA PHE B 177 -7.52 14.64 -11.27
C PHE B 177 -6.59 15.59 -10.50
N VAL B 178 -6.15 15.16 -9.33
CA VAL B 178 -5.25 15.98 -8.51
C VAL B 178 -4.01 16.42 -9.26
N GLU B 179 -3.42 15.50 -10.02
CA GLU B 179 -2.21 15.80 -10.79
C GLU B 179 -2.52 16.71 -11.97
N VAL B 180 -3.69 16.51 -12.58
CA VAL B 180 -4.09 17.32 -13.72
C VAL B 180 -4.45 18.73 -13.27
N ALA B 181 -5.15 18.84 -12.14
CA ALA B 181 -5.53 20.15 -11.62
C ALA B 181 -4.25 20.90 -11.27
N TYR B 182 -3.29 20.16 -10.73
CA TYR B 182 -2.00 20.72 -10.35
C TYR B 182 -1.24 21.28 -11.56
N LYS B 183 -1.34 20.60 -12.70
CA LYS B 183 -0.67 21.04 -13.92
C LYS B 183 -1.42 22.24 -14.51
N HIS B 184 -2.65 22.44 -14.06
CA HIS B 184 -3.48 23.55 -14.52
C HIS B 184 -4.00 24.35 -13.33
N SER B 185 -3.07 24.83 -12.51
CA SER B 185 -3.40 25.60 -11.31
C SER B 185 -4.04 26.96 -11.54
N ASN B 186 -3.97 27.48 -12.77
CA ASN B 186 -4.57 28.79 -13.04
C ASN B 186 -5.99 28.61 -13.58
N THR B 187 -6.24 27.48 -14.24
CA THR B 187 -7.55 27.19 -14.81
C THR B 187 -8.47 26.67 -13.72
N ILE B 188 -7.92 25.80 -12.86
CA ILE B 188 -8.69 25.21 -11.77
C ILE B 188 -8.59 26.06 -10.52
N LYS B 189 -9.51 27.01 -10.38
CA LYS B 189 -9.51 27.87 -9.21
C LYS B 189 -9.97 27.02 -8.02
N PRO B 190 -9.63 27.44 -6.80
CA PRO B 190 -10.01 26.69 -5.59
C PRO B 190 -11.46 26.20 -5.59
N SER B 191 -12.37 27.07 -6.00
CA SER B 191 -13.80 26.73 -6.02
C SER B 191 -14.11 25.64 -7.05
N ILE B 192 -13.31 25.56 -8.10
CA ILE B 192 -13.52 24.54 -9.14
C ILE B 192 -13.09 23.18 -8.61
N ARG B 193 -11.89 23.15 -8.04
CA ARG B 193 -11.34 21.94 -7.47
C ARG B 193 -12.33 21.33 -6.49
N SER B 194 -12.77 22.15 -5.54
CA SER B 194 -13.72 21.71 -4.52
C SER B 194 -14.97 21.13 -5.15
N LEU B 195 -15.52 21.82 -6.14
CA LEU B 195 -16.73 21.35 -6.81
C LEU B 195 -16.55 20.00 -7.50
N VAL B 196 -15.41 19.81 -8.18
CA VAL B 196 -15.14 18.55 -8.87
C VAL B 196 -15.06 17.36 -7.91
N ILE B 197 -14.58 17.60 -6.70
CA ILE B 197 -14.42 16.54 -5.70
C ILE B 197 -15.67 16.30 -4.85
N LYS B 198 -16.28 17.37 -4.36
CA LYS B 198 -17.45 17.24 -3.52
C LYS B 198 -18.66 16.63 -4.23
N SER B 199 -18.80 16.90 -5.52
CA SER B 199 -19.92 16.35 -6.27
C SER B 199 -19.98 14.82 -6.20
N GLY B 200 -18.87 14.19 -5.80
CA GLY B 200 -18.84 12.74 -5.70
C GLY B 200 -19.63 12.16 -4.54
N PHE B 201 -20.07 13.02 -3.62
CA PHE B 201 -20.85 12.59 -2.46
C PHE B 201 -22.34 12.55 -2.76
N PHE B 202 -22.74 13.01 -3.94
CA PHE B 202 -24.15 13.06 -4.25
C PHE B 202 -24.63 12.28 -5.47
N MET B 203 -23.79 11.38 -5.99
CA MET B 203 -24.14 10.56 -7.15
C MET B 203 -23.37 9.25 -7.10
N ARG B 204 -23.90 8.24 -7.78
CA ARG B 204 -23.25 6.93 -7.83
C ARG B 204 -21.82 7.20 -8.31
N LYS B 205 -20.85 6.57 -7.67
CA LYS B 205 -19.46 6.76 -8.04
C LYS B 205 -19.10 6.45 -9.50
N GLU B 206 -19.71 5.42 -10.08
CA GLU B 206 -19.44 5.07 -11.47
C GLU B 206 -19.80 6.23 -12.39
N GLU B 207 -20.86 6.94 -12.03
CA GLU B 207 -21.36 8.07 -12.79
C GLU B 207 -20.43 9.27 -12.64
N HIS B 208 -19.87 9.42 -11.43
CA HIS B 208 -18.96 10.51 -11.13
C HIS B 208 -17.63 10.22 -11.82
N THR B 209 -17.29 8.93 -11.90
CA THR B 209 -16.05 8.49 -12.54
C THR B 209 -15.98 8.95 -14.00
N GLU B 210 -17.10 8.87 -14.71
CA GLU B 210 -17.15 9.28 -16.11
C GLU B 210 -17.03 10.79 -16.24
N LEU B 211 -17.72 11.52 -15.39
CA LEU B 211 -17.67 12.97 -15.42
C LEU B 211 -16.24 13.46 -15.26
N VAL B 212 -15.53 12.92 -14.26
CA VAL B 212 -14.15 13.33 -14.01
C VAL B 212 -13.20 12.91 -15.13
N LYS B 213 -13.45 11.74 -15.73
CA LYS B 213 -12.60 11.29 -16.83
C LYS B 213 -12.72 12.25 -18.01
N ASP B 214 -13.93 12.71 -18.30
CA ASP B 214 -14.15 13.65 -19.40
C ASP B 214 -13.39 14.93 -19.10
N LEU B 215 -13.66 15.52 -17.93
CA LEU B 215 -12.99 16.75 -17.53
C LEU B 215 -11.47 16.63 -17.64
N ILE B 216 -10.94 15.49 -17.23
CA ILE B 216 -9.51 15.24 -17.31
C ILE B 216 -9.05 15.27 -18.77
N ALA B 217 -9.93 14.84 -19.66
CA ALA B 217 -9.62 14.82 -21.08
C ALA B 217 -9.53 16.25 -21.61
N LYS B 218 -10.58 17.03 -21.37
CA LYS B 218 -10.61 18.42 -21.82
C LYS B 218 -9.38 19.15 -21.31
N LEU B 219 -8.98 18.82 -20.08
CA LEU B 219 -7.83 19.44 -19.44
C LEU B 219 -6.50 19.03 -20.05
N ASN B 220 -6.39 17.78 -20.48
CA ASN B 220 -5.15 17.30 -21.09
C ASN B 220 -4.92 18.03 -22.41
N ALA B 221 -6.02 18.29 -23.12
CA ALA B 221 -5.95 18.98 -24.40
C ALA B 221 -5.44 20.41 -24.24
N MET B 222 -5.36 20.87 -22.99
CA MET B 222 -4.89 22.21 -22.69
C MET B 222 -3.42 22.18 -22.28
N PRO B 223 -2.64 23.18 -22.72
CA PRO B 223 -1.23 23.20 -22.36
C PRO B 223 -1.00 23.29 -20.85
N GLU B 224 0.09 22.69 -20.39
CA GLU B 224 0.46 22.72 -18.98
C GLU B 224 0.74 24.17 -18.62
N GLU B 225 0.05 24.68 -17.61
CA GLU B 225 0.20 26.06 -17.18
C GLU B 225 0.93 26.26 -15.86
N VAL B 226 1.81 27.26 -15.83
CA VAL B 226 2.57 27.61 -14.65
C VAL B 226 1.68 28.51 -13.80
N CYS B 227 1.58 28.21 -12.52
CA CYS B 227 0.75 29.00 -11.62
C CYS B 227 1.25 30.44 -11.60
N SER B 228 0.32 31.39 -11.72
CA SER B 228 0.67 32.81 -11.72
C SER B 228 0.77 33.38 -10.30
N GLY B 229 0.16 32.70 -9.34
CA GLY B 229 0.19 33.16 -7.97
C GLY B 229 0.83 32.16 -7.02
N LYS B 230 0.48 32.22 -5.75
CA LYS B 230 1.02 31.30 -4.76
C LYS B 230 0.19 30.04 -4.62
N LYS B 231 0.86 28.90 -4.46
CA LYS B 231 0.16 27.62 -4.32
C LYS B 231 0.13 27.24 -2.84
N VAL B 232 -0.94 26.55 -2.44
CA VAL B 232 -1.09 26.11 -1.06
C VAL B 232 -1.75 24.74 -0.95
N LEU B 233 -1.59 24.12 0.21
CA LEU B 233 -2.18 22.82 0.51
C LEU B 233 -3.13 23.04 1.67
N LEU B 234 -4.37 22.62 1.54
CA LEU B 234 -5.31 22.81 2.63
C LEU B 234 -5.41 21.49 3.41
N THR B 235 -5.53 21.60 4.73
CA THR B 235 -5.65 20.42 5.57
C THR B 235 -6.62 20.69 6.71
N GLY B 236 -7.45 19.70 6.98
CA GLY B 236 -8.45 19.82 8.03
C GLY B 236 -9.67 18.98 7.69
N ILE B 237 -10.80 19.26 8.34
CA ILE B 237 -12.02 18.53 8.07
C ILE B 237 -12.58 18.93 6.70
N LEU B 238 -12.80 20.22 6.50
CA LEU B 238 -13.31 20.70 5.22
C LEU B 238 -13.09 22.20 5.00
N ALA B 239 -13.31 22.62 3.75
CA ALA B 239 -13.16 24.02 3.36
C ALA B 239 -13.95 24.19 2.08
N ASP B 240 -15.26 23.93 2.14
CA ASP B 240 -16.11 24.02 0.97
C ASP B 240 -16.96 25.30 0.86
N SER B 241 -17.03 26.09 1.92
CA SER B 241 -17.82 27.32 1.87
C SER B 241 -17.31 28.21 0.74
N LYS B 242 -18.24 28.75 -0.05
CA LYS B 242 -17.87 29.62 -1.16
C LYS B 242 -17.04 30.78 -0.66
N ASP B 243 -17.36 31.22 0.55
CA ASP B 243 -16.69 32.35 1.18
C ASP B 243 -15.17 32.18 1.20
N ILE B 244 -14.71 31.14 1.89
CA ILE B 244 -13.28 30.87 2.00
C ILE B 244 -12.63 30.68 0.63
N LEU B 245 -13.31 29.95 -0.25
CA LEU B 245 -12.78 29.69 -1.59
C LEU B 245 -12.60 30.97 -2.40
N ASP B 246 -13.49 31.94 -2.19
CA ASP B 246 -13.39 33.21 -2.92
C ASP B 246 -12.17 33.98 -2.45
N ILE B 247 -11.94 34.00 -1.13
CA ILE B 247 -10.82 34.70 -0.55
C ILE B 247 -9.48 34.26 -1.12
N LEU B 248 -9.32 32.94 -1.29
CA LEU B 248 -8.10 32.39 -1.85
C LEU B 248 -7.95 32.88 -3.29
N GLU B 249 -9.06 32.83 -4.02
CA GLU B 249 -9.08 33.25 -5.41
C GLU B 249 -8.79 34.74 -5.57
N ASP B 250 -9.36 35.56 -4.70
CA ASP B 250 -9.14 37.00 -4.76
C ASP B 250 -7.68 37.36 -4.52
N ASN B 251 -6.99 36.51 -3.77
CA ASN B 251 -5.58 36.72 -3.47
C ASN B 251 -4.71 35.89 -4.43
N ASN B 252 -5.35 35.43 -5.49
CA ASN B 252 -4.69 34.63 -6.52
C ASN B 252 -3.93 33.45 -5.92
N ILE B 253 -4.60 32.73 -5.02
CA ILE B 253 -3.99 31.56 -4.43
C ILE B 253 -4.61 30.38 -5.13
N SER B 254 -3.78 29.39 -5.42
CA SER B 254 -4.27 28.21 -6.09
C SER B 254 -4.07 27.02 -5.16
N VAL B 255 -5.11 26.20 -5.03
CA VAL B 255 -5.05 25.00 -4.20
C VAL B 255 -4.63 23.87 -5.12
N VAL B 256 -3.45 23.31 -4.91
CA VAL B 256 -3.00 22.22 -5.75
C VAL B 256 -2.92 20.89 -5.03
N ALA B 257 -3.20 20.92 -3.73
CA ALA B 257 -3.18 19.70 -2.93
C ALA B 257 -3.93 19.96 -1.63
N ASP B 258 -4.50 18.90 -1.05
CA ASP B 258 -5.23 19.04 0.20
C ASP B 258 -5.12 17.78 1.07
N ASP B 259 -5.33 17.99 2.36
CA ASP B 259 -5.36 16.93 3.35
C ASP B 259 -6.64 17.16 4.13
N LEU B 260 -7.73 17.36 3.37
CA LEU B 260 -9.05 17.59 3.92
C LEU B 260 -9.84 16.28 4.01
N ALA B 261 -10.54 16.07 5.12
CA ALA B 261 -11.30 14.84 5.32
C ALA B 261 -12.45 14.69 4.34
N GLN B 262 -12.93 15.82 3.82
CA GLN B 262 -14.04 15.79 2.87
C GLN B 262 -13.54 15.51 1.46
N GLU B 263 -12.25 15.75 1.23
CA GLU B 263 -11.65 15.56 -0.08
C GLU B 263 -10.62 14.43 -0.24
N THR B 264 -9.37 14.79 -0.49
CA THR B 264 -8.32 13.80 -0.72
C THR B 264 -8.22 12.64 0.28
N ARG B 265 -8.63 12.83 1.52
CA ARG B 265 -8.55 11.73 2.49
C ARG B 265 -9.49 10.60 2.09
N GLN B 266 -10.56 10.93 1.38
CA GLN B 266 -11.54 9.94 0.96
C GLN B 266 -11.03 9.01 -0.15
N PHE B 267 -10.03 9.43 -0.89
CA PHE B 267 -9.56 8.61 -1.99
C PHE B 267 -8.06 8.40 -2.16
N ARG B 268 -7.28 8.65 -1.12
CA ARG B 268 -5.84 8.47 -1.29
C ARG B 268 -5.36 7.06 -0.95
N THR B 269 -6.26 6.27 -0.37
CA THR B 269 -5.95 4.90 0.02
C THR B 269 -6.99 3.96 -0.59
N ASP B 270 -6.55 3.02 -1.41
CA ASP B 270 -7.49 2.08 -2.03
C ASP B 270 -7.76 0.90 -1.13
N VAL B 271 -8.87 0.22 -1.40
CA VAL B 271 -9.27 -0.96 -0.67
C VAL B 271 -8.38 -2.06 -1.23
N PRO B 272 -7.66 -2.78 -0.35
CA PRO B 272 -6.77 -3.88 -0.77
C PRO B 272 -7.52 -5.02 -1.45
N ALA B 273 -6.78 -5.91 -2.08
CA ALA B 273 -7.37 -7.06 -2.76
C ALA B 273 -7.60 -8.18 -1.76
N GLY B 274 -8.39 -9.17 -2.15
CA GLY B 274 -8.67 -10.29 -1.27
C GLY B 274 -9.89 -11.07 -1.72
N ASP B 275 -9.99 -12.32 -1.26
CA ASP B 275 -11.12 -13.17 -1.61
C ASP B 275 -12.36 -12.80 -0.81
N ASP B 276 -12.15 -12.33 0.42
CA ASP B 276 -13.23 -11.95 1.31
C ASP B 276 -13.56 -10.46 1.13
N ALA B 277 -14.78 -10.16 0.71
CA ALA B 277 -15.18 -8.77 0.48
C ALA B 277 -15.13 -7.87 1.72
N LEU B 278 -15.85 -8.24 2.77
CA LEU B 278 -15.82 -7.40 3.97
C LEU B 278 -14.41 -7.28 4.54
N GLU B 279 -13.61 -8.32 4.36
CA GLU B 279 -12.23 -8.31 4.84
C GLU B 279 -11.43 -7.25 4.10
N ARG B 280 -11.70 -7.11 2.80
CA ARG B 280 -11.00 -6.12 1.98
C ARG B 280 -11.26 -4.71 2.49
N LEU B 281 -12.52 -4.43 2.81
CA LEU B 281 -12.91 -3.12 3.30
C LEU B 281 -12.23 -2.84 4.63
N ALA B 282 -12.29 -3.82 5.53
CA ALA B 282 -11.68 -3.70 6.85
C ALA B 282 -10.19 -3.37 6.78
N ARG B 283 -9.49 -3.98 5.82
CA ARG B 283 -8.06 -3.73 5.69
C ARG B 283 -7.72 -2.36 5.10
N GLN B 284 -8.67 -1.71 4.45
CA GLN B 284 -8.40 -0.38 3.92
C GLN B 284 -8.19 0.52 5.14
N TRP B 285 -9.03 0.34 6.16
CA TRP B 285 -8.94 1.12 7.40
C TRP B 285 -7.56 0.90 8.02
N SER B 286 -7.00 -0.29 7.81
CA SER B 286 -5.68 -0.61 8.33
C SER B 286 -4.62 0.21 7.60
N ASN B 287 -4.90 0.55 6.34
CA ASN B 287 -3.96 1.27 5.50
C ASN B 287 -4.11 2.81 5.42
N ILE B 288 -5.13 3.35 6.09
CA ILE B 288 -5.31 4.80 6.11
C ILE B 288 -4.15 5.42 6.89
N GLU B 289 -3.69 6.59 6.48
CA GLU B 289 -2.59 7.26 7.17
C GLU B 289 -2.72 8.77 7.04
N GLY B 290 -2.06 9.49 7.94
CA GLY B 290 -2.09 10.94 7.90
C GLY B 290 -3.44 11.57 8.17
N CYS B 291 -4.23 10.92 9.01
CA CYS B 291 -5.55 11.45 9.34
C CYS B 291 -5.68 11.60 10.84
N SER B 292 -6.26 12.71 11.27
CA SER B 292 -6.45 12.97 12.69
C SER B 292 -7.36 11.92 13.35
N LEU B 293 -8.25 11.29 12.58
CA LEU B 293 -9.14 10.27 13.13
C LEU B 293 -8.57 8.84 13.08
N ALA B 294 -7.42 8.67 12.42
CA ALA B 294 -6.81 7.34 12.32
C ALA B 294 -5.64 7.20 13.29
N TYR B 295 -5.77 6.27 14.22
CA TYR B 295 -4.76 6.00 15.24
C TYR B 295 -3.34 5.86 14.73
N ASP B 296 -2.45 6.74 15.20
CA ASP B 296 -1.05 6.71 14.78
C ASP B 296 -0.15 7.42 15.79
N PRO B 297 0.46 6.67 16.72
CA PRO B 297 1.36 7.22 17.73
C PRO B 297 2.51 8.01 17.11
N LYS B 298 2.84 7.68 15.86
CA LYS B 298 3.92 8.35 15.14
C LYS B 298 3.47 9.68 14.51
N LYS B 299 2.16 9.91 14.45
CA LYS B 299 1.60 11.13 13.88
C LYS B 299 2.32 11.51 12.59
N LYS B 300 2.27 10.60 11.62
CA LYS B 300 2.93 10.81 10.34
C LYS B 300 2.29 11.89 9.49
N ARG B 301 1.11 12.33 9.88
CA ARG B 301 0.39 13.38 9.16
C ARG B 301 1.28 14.56 8.75
N GLY B 302 2.05 15.09 9.69
CA GLY B 302 2.93 16.21 9.42
C GLY B 302 3.93 15.91 8.31
N SER B 303 4.57 14.76 8.40
CA SER B 303 5.56 14.38 7.39
C SER B 303 4.93 14.15 6.02
N LEU B 304 3.80 13.45 5.99
CA LEU B 304 3.12 13.17 4.72
C LEU B 304 2.76 14.47 4.00
N ILE B 305 2.27 15.44 4.76
CA ILE B 305 1.91 16.73 4.17
C ILE B 305 3.15 17.37 3.57
N VAL B 306 4.25 17.34 4.31
CA VAL B 306 5.50 17.90 3.83
C VAL B 306 5.90 17.31 2.49
N ASP B 307 5.73 16.00 2.34
CA ASP B 307 6.08 15.33 1.11
C ASP B 307 5.26 15.85 -0.06
N GLU B 308 3.99 16.10 0.18
CA GLU B 308 3.08 16.58 -0.86
C GLU B 308 3.47 18.00 -1.27
N VAL B 309 3.85 18.81 -0.29
CA VAL B 309 4.26 20.17 -0.55
C VAL B 309 5.50 20.21 -1.44
N LYS B 310 6.50 19.40 -1.12
CA LYS B 310 7.73 19.35 -1.90
C LYS B 310 7.53 18.75 -3.29
N LYS B 311 6.63 17.78 -3.39
CA LYS B 311 6.35 17.14 -4.67
C LYS B 311 5.82 18.15 -5.67
N LYS B 312 5.02 19.09 -5.19
CA LYS B 312 4.40 20.09 -6.06
C LYS B 312 4.85 21.53 -5.83
N ASP B 313 6.05 21.71 -5.29
CA ASP B 313 6.59 23.04 -5.00
C ASP B 313 5.54 24.01 -4.41
N ILE B 314 4.71 23.51 -3.52
CA ILE B 314 3.67 24.30 -2.88
C ILE B 314 4.31 25.39 -2.00
N ASP B 315 3.73 26.57 -1.99
CA ASP B 315 4.29 27.67 -1.23
C ASP B 315 3.86 27.79 0.24
N GLY B 316 2.73 27.20 0.59
CA GLY B 316 2.26 27.28 1.97
C GLY B 316 1.20 26.25 2.32
N VAL B 317 1.02 26.02 3.62
CA VAL B 317 0.03 25.08 4.12
C VAL B 317 -0.97 25.87 4.95
N ILE B 318 -2.25 25.69 4.69
CA ILE B 318 -3.26 26.40 5.46
C ILE B 318 -4.12 25.46 6.28
N PHE B 319 -4.03 25.58 7.60
CA PHE B 319 -4.83 24.76 8.50
C PHE B 319 -6.25 25.31 8.53
N CYS B 320 -7.17 24.55 7.96
CA CYS B 320 -8.57 24.95 7.96
C CYS B 320 -9.19 24.27 9.18
N MET B 321 -8.97 24.89 10.34
CA MET B 321 -9.46 24.38 11.61
C MET B 321 -10.96 24.51 11.82
N MET B 322 -11.63 23.36 11.91
CA MET B 322 -13.05 23.31 12.15
C MET B 322 -13.21 23.79 13.60
N LYS B 323 -14.15 24.72 13.82
CA LYS B 323 -14.36 25.25 15.16
C LYS B 323 -14.75 24.16 16.17
N PHE B 324 -14.00 24.10 17.27
CA PHE B 324 -14.21 23.14 18.36
C PHE B 324 -14.04 21.67 17.96
N CYS B 325 -13.13 21.40 17.04
CA CYS B 325 -12.85 20.02 16.62
C CYS B 325 -11.62 19.60 17.42
N ASP B 326 -11.82 18.87 18.52
CA ASP B 326 -10.70 18.45 19.35
C ASP B 326 -9.67 17.53 18.68
N PRO B 327 -10.12 16.53 17.91
CA PRO B 327 -9.09 15.69 17.28
C PRO B 327 -8.10 16.54 16.47
N GLU B 328 -8.64 17.50 15.70
CA GLU B 328 -7.79 18.36 14.89
C GLU B 328 -7.00 19.35 15.74
N GLU B 329 -7.60 19.81 16.83
CA GLU B 329 -6.94 20.74 17.73
C GLU B 329 -5.74 20.10 18.42
N TYR B 330 -5.83 18.81 18.74
CA TYR B 330 -4.71 18.10 19.37
C TYR B 330 -3.59 18.00 18.35
N ASP B 331 -3.94 17.69 17.10
CA ASP B 331 -2.95 17.53 16.05
C ASP B 331 -2.17 18.79 15.64
N TYR B 332 -2.82 19.95 15.69
CA TYR B 332 -2.22 21.20 15.25
C TYR B 332 -0.76 21.51 15.63
N PRO B 333 -0.44 21.60 16.94
CA PRO B 333 0.94 21.91 17.32
C PRO B 333 2.04 21.05 16.69
N LEU B 334 1.90 19.73 16.78
CA LEU B 334 2.89 18.81 16.24
C LEU B 334 2.94 18.77 14.71
N VAL B 335 1.78 18.71 14.08
CA VAL B 335 1.73 18.69 12.63
C VAL B 335 2.28 20.02 12.09
N ARG B 336 1.99 21.10 12.80
CA ARG B 336 2.49 22.41 12.39
C ARG B 336 4.01 22.42 12.50
N LYS B 337 4.51 21.93 13.62
CA LYS B 337 5.95 21.91 13.85
C LYS B 337 6.68 21.11 12.78
N ASP B 338 6.16 19.95 12.41
CA ASP B 338 6.82 19.15 11.39
C ASP B 338 6.95 19.96 10.10
N ILE B 339 5.87 20.63 9.72
CA ILE B 339 5.86 21.43 8.49
C ILE B 339 6.79 22.64 8.52
N GLU B 340 6.66 23.46 9.55
CA GLU B 340 7.50 24.64 9.66
C GLU B 340 8.96 24.23 9.79
N ASP B 341 9.20 23.08 10.41
CA ASP B 341 10.56 22.58 10.58
C ASP B 341 11.21 22.33 9.23
N SER B 342 10.38 21.97 8.24
CA SER B 342 10.89 21.71 6.91
C SER B 342 10.93 22.95 6.02
N GLY B 343 10.88 24.12 6.63
CA GLY B 343 10.94 25.37 5.86
C GLY B 343 9.65 25.85 5.22
N ILE B 344 8.55 25.19 5.51
CA ILE B 344 7.26 25.56 4.94
C ILE B 344 6.44 26.45 5.88
N PRO B 345 5.96 27.61 5.41
CA PRO B 345 5.15 28.52 6.24
C PRO B 345 3.70 28.02 6.40
N THR B 346 3.09 28.28 7.55
CA THR B 346 1.72 27.84 7.77
C THR B 346 0.80 28.95 8.23
N LEU B 347 -0.49 28.75 8.00
CA LEU B 347 -1.50 29.71 8.38
C LEU B 347 -2.64 29.01 9.09
N TYR B 348 -3.18 29.67 10.12
CA TYR B 348 -4.30 29.12 10.88
C TYR B 348 -5.56 29.92 10.56
N VAL B 349 -6.59 29.23 10.10
CA VAL B 349 -7.86 29.86 9.79
C VAL B 349 -8.96 28.99 10.39
N GLU B 350 -9.95 29.62 11.00
CA GLU B 350 -11.05 28.90 11.62
C GLU B 350 -12.23 28.68 10.67
N ILE B 351 -12.77 27.47 10.66
CA ILE B 351 -13.87 27.11 9.80
C ILE B 351 -15.12 26.96 10.65
N ASP B 352 -16.04 27.91 10.50
CA ASP B 352 -17.28 27.95 11.26
C ASP B 352 -18.51 28.01 10.33
N GLN B 353 -19.33 26.96 10.35
CA GLN B 353 -20.52 26.90 9.49
C GLN B 353 -21.66 27.78 9.97
N GLN B 354 -21.58 28.25 11.22
CA GLN B 354 -22.64 29.13 11.74
C GLN B 354 -22.37 30.61 11.56
N THR B 355 -21.13 30.98 11.29
CA THR B 355 -20.79 32.38 11.10
C THR B 355 -21.05 32.82 9.67
N GLN B 356 -21.32 34.10 9.48
CA GLN B 356 -21.57 34.66 8.17
C GLN B 356 -20.91 36.03 8.09
N ASN B 357 -19.88 36.21 8.90
CA ASN B 357 -19.14 37.46 8.95
C ASN B 357 -17.64 37.15 8.91
N ASN B 358 -17.27 36.21 8.04
CA ASN B 358 -15.88 35.81 7.88
C ASN B 358 -15.05 37.01 7.44
N GLU B 359 -14.25 37.53 8.36
CA GLU B 359 -13.40 38.68 8.07
C GLU B 359 -11.99 38.37 8.58
N GLN B 360 -11.93 37.54 9.62
CA GLN B 360 -10.67 37.14 10.21
C GLN B 360 -9.82 36.37 9.20
N ALA B 361 -10.45 35.46 8.48
CA ALA B 361 -9.75 34.67 7.48
C ALA B 361 -9.26 35.54 6.32
N ARG B 362 -10.06 36.51 5.94
CA ARG B 362 -9.69 37.40 4.85
C ARG B 362 -8.39 38.10 5.17
N THR B 363 -8.33 38.76 6.32
CA THR B 363 -7.11 39.46 6.71
C THR B 363 -5.93 38.51 6.92
N ARG B 364 -6.19 37.34 7.49
CA ARG B 364 -5.12 36.37 7.73
C ARG B 364 -4.60 35.83 6.39
N ILE B 365 -5.51 35.54 5.48
CA ILE B 365 -5.13 35.02 4.18
C ILE B 365 -4.43 36.08 3.32
N GLN B 366 -4.90 37.33 3.41
CA GLN B 366 -4.27 38.41 2.65
C GLN B 366 -2.84 38.58 3.16
N THR B 367 -2.68 38.52 4.48
CA THR B 367 -1.36 38.67 5.08
C THR B 367 -0.46 37.49 4.73
N PHE B 368 -1.06 36.31 4.61
CA PHE B 368 -0.31 35.10 4.27
C PHE B 368 0.17 35.21 2.83
N ALA B 369 -0.71 35.67 1.94
CA ALA B 369 -0.37 35.82 0.53
C ALA B 369 0.76 36.83 0.35
N GLU B 370 0.71 37.90 1.16
CA GLU B 370 1.72 38.94 1.09
C GLU B 370 3.01 38.44 1.73
N MET B 371 2.87 37.60 2.75
CA MET B 371 4.03 37.04 3.45
C MET B 371 4.82 36.15 2.52
N MET B 372 4.11 35.26 1.81
CA MET B 372 4.75 34.34 0.89
C MET B 372 5.46 35.09 -0.24
N SER B 373 5.31 36.41 -0.27
CA SER B 373 5.95 37.21 -1.30
C SER B 373 7.30 37.74 -0.82
N LEU B 374 8.34 36.97 -1.10
CA LEU B 374 9.71 37.33 -0.72
C LEU B 374 10.65 36.17 -1.08
N LYS C 4 -6.81 -17.57 -58.21
CA LYS C 4 -6.68 -18.91 -57.56
C LYS C 4 -6.01 -19.95 -58.47
N LYS C 5 -4.68 -19.92 -58.52
CA LYS C 5 -3.91 -20.86 -59.33
C LYS C 5 -2.57 -21.12 -58.66
N GLU C 6 -1.71 -20.11 -58.68
CA GLU C 6 -0.39 -20.21 -58.06
C GLU C 6 -0.50 -19.87 -56.57
N ALA C 7 -0.09 -20.81 -55.74
CA ALA C 7 -0.15 -20.63 -54.29
C ALA C 7 0.56 -19.37 -53.83
N ARG C 8 1.75 -19.15 -54.36
CA ARG C 8 2.55 -17.98 -53.98
C ARG C 8 1.85 -16.67 -54.31
N VAL C 9 0.96 -16.70 -55.30
CA VAL C 9 0.22 -15.50 -55.68
C VAL C 9 -0.91 -15.27 -54.68
N VAL C 10 -1.60 -16.35 -54.33
CA VAL C 10 -2.71 -16.29 -53.38
C VAL C 10 -2.20 -15.80 -52.02
N ILE C 11 -1.02 -16.27 -51.65
CA ILE C 11 -0.40 -15.90 -50.38
C ILE C 11 -0.04 -14.43 -50.28
N ASN C 12 0.83 -13.95 -51.17
CA ASN C 12 1.25 -12.56 -51.16
C ASN C 12 0.06 -11.61 -51.21
N ASP C 13 -0.99 -12.02 -51.91
CA ASP C 13 -2.20 -11.21 -52.03
C ASP C 13 -2.98 -11.25 -50.71
N LEU C 14 -2.98 -12.41 -50.08
CA LEU C 14 -3.67 -12.58 -48.81
C LEU C 14 -2.94 -11.82 -47.70
N LEU C 15 -1.62 -11.80 -47.78
CA LEU C 15 -0.81 -11.09 -46.78
C LEU C 15 -0.96 -9.58 -46.93
N ALA C 16 -0.88 -9.09 -48.16
CA ALA C 16 -1.02 -7.67 -48.42
C ALA C 16 -2.43 -7.23 -48.05
N GLU C 17 -3.37 -8.16 -48.14
CA GLU C 17 -4.75 -7.89 -47.82
C GLU C 17 -4.97 -7.62 -46.33
N GLN C 18 -4.12 -8.20 -45.47
CA GLN C 18 -4.23 -7.99 -44.04
C GLN C 18 -3.79 -6.56 -43.68
N TYR C 19 -2.81 -6.03 -44.41
CA TYR C 19 -2.30 -4.68 -44.17
C TYR C 19 -3.29 -3.64 -44.67
N ALA C 20 -3.85 -3.90 -45.85
CA ALA C 20 -4.82 -2.99 -46.43
C ALA C 20 -6.06 -2.93 -45.53
N ASN C 21 -6.56 -4.09 -45.12
CA ASN C 21 -7.74 -4.13 -44.24
C ASN C 21 -7.50 -3.36 -42.96
N ALA C 22 -6.26 -3.38 -42.47
CA ALA C 22 -5.93 -2.65 -41.24
C ALA C 22 -6.05 -1.15 -41.49
N PHE C 23 -5.48 -0.68 -42.58
CA PHE C 23 -5.57 0.74 -42.90
C PHE C 23 -7.04 1.10 -43.03
N LYS C 24 -7.79 0.23 -43.70
CA LYS C 24 -9.22 0.44 -43.90
C LYS C 24 -9.91 0.65 -42.56
N ALA C 25 -9.70 -0.29 -41.65
CA ALA C 25 -10.31 -0.21 -40.32
C ALA C 25 -9.95 1.10 -39.64
N LYS C 26 -8.69 1.48 -39.74
CA LYS C 26 -8.20 2.72 -39.13
C LYS C 26 -9.00 3.89 -39.68
N GLU C 27 -9.10 3.95 -41.00
CA GLU C 27 -9.83 5.01 -41.70
C GLU C 27 -11.29 5.10 -41.26
N GLU C 28 -11.92 3.94 -41.08
CA GLU C 28 -13.32 3.88 -40.68
C GLU C 28 -13.54 4.08 -39.20
N GLY C 29 -12.45 4.06 -38.43
CA GLY C 29 -12.57 4.24 -36.99
C GLY C 29 -12.54 2.94 -36.20
N ARG C 30 -12.34 1.81 -36.90
CA ARG C 30 -12.27 0.51 -36.24
C ARG C 30 -10.89 0.31 -35.59
N PRO C 31 -10.87 -0.26 -34.39
CA PRO C 31 -9.63 -0.52 -33.64
C PRO C 31 -8.67 -1.47 -34.33
N VAL C 32 -7.40 -1.10 -34.34
CA VAL C 32 -6.38 -1.95 -34.94
C VAL C 32 -5.46 -2.39 -33.82
N GLY C 33 -4.99 -3.63 -33.87
CA GLY C 33 -4.10 -4.10 -32.84
C GLY C 33 -2.75 -4.55 -33.37
N TRP C 34 -1.76 -4.53 -32.49
CA TRP C 34 -0.42 -4.98 -32.82
C TRP C 34 -0.22 -6.16 -31.89
N SER C 35 0.24 -7.28 -32.44
CA SER C 35 0.42 -8.50 -31.67
C SER C 35 1.78 -9.19 -31.77
N THR C 36 2.14 -9.93 -30.72
CA THR C 36 3.38 -10.70 -30.72
C THR C 36 3.15 -11.86 -31.68
N SER C 37 4.24 -12.43 -32.20
CA SER C 37 4.16 -13.51 -33.18
C SER C 37 3.45 -14.81 -32.79
N VAL C 38 3.36 -15.11 -31.50
CA VAL C 38 2.67 -16.33 -31.10
C VAL C 38 1.66 -16.05 -29.99
N PHE C 39 0.88 -14.99 -30.20
CA PHE C 39 -0.15 -14.62 -29.26
C PHE C 39 -1.37 -15.48 -29.56
N PRO C 40 -2.28 -15.68 -28.58
CA PRO C 40 -3.46 -16.49 -28.86
C PRO C 40 -4.38 -15.65 -29.76
N GLN C 41 -4.06 -15.62 -31.05
CA GLN C 41 -4.83 -14.83 -32.01
C GLN C 41 -6.33 -15.12 -32.06
N GLU C 42 -6.76 -16.29 -31.61
CA GLU C 42 -8.19 -16.57 -31.66
C GLU C 42 -9.01 -15.65 -30.76
N LEU C 43 -8.41 -15.17 -29.67
CA LEU C 43 -9.12 -14.27 -28.77
C LEU C 43 -9.55 -12.97 -29.46
N ALA C 44 -8.78 -12.52 -30.42
CA ALA C 44 -9.10 -11.28 -31.11
C ALA C 44 -9.86 -11.58 -32.40
N GLU C 45 -9.68 -12.80 -32.91
CA GLU C 45 -10.33 -13.20 -34.15
C GLU C 45 -11.85 -13.35 -33.96
N VAL C 46 -12.27 -13.90 -32.82
CA VAL C 46 -13.70 -14.08 -32.56
C VAL C 46 -14.44 -12.74 -32.58
N PHE C 47 -13.73 -11.66 -32.28
CA PHE C 47 -14.33 -10.33 -32.27
C PHE C 47 -14.20 -9.61 -33.62
N ASP C 48 -13.56 -10.28 -34.59
CA ASP C 48 -13.37 -9.71 -35.92
C ASP C 48 -12.44 -8.49 -35.93
N LEU C 49 -11.52 -8.43 -34.97
CA LEU C 49 -10.57 -7.32 -34.89
C LEU C 49 -9.46 -7.43 -35.92
N ASN C 50 -9.05 -6.31 -36.49
CA ASN C 50 -7.96 -6.31 -37.46
C ASN C 50 -6.67 -6.34 -36.65
N VAL C 51 -5.82 -7.34 -36.87
CA VAL C 51 -4.58 -7.45 -36.11
C VAL C 51 -3.32 -7.56 -36.95
N LEU C 52 -2.34 -6.70 -36.68
CA LEU C 52 -1.08 -6.68 -37.41
C LEU C 52 0.03 -7.16 -36.46
N TYR C 53 1.15 -7.61 -37.03
CA TYR C 53 2.24 -8.14 -36.25
C TYR C 53 3.56 -7.39 -36.45
N PRO C 54 4.02 -6.67 -35.42
CA PRO C 54 5.27 -5.91 -35.50
C PRO C 54 6.48 -6.69 -35.99
N GLU C 55 6.60 -7.96 -35.57
CA GLU C 55 7.74 -8.79 -35.99
C GLU C 55 7.70 -9.08 -37.49
N ASN C 56 6.52 -9.32 -38.04
CA ASN C 56 6.44 -9.58 -39.46
C ASN C 56 6.84 -8.32 -40.24
N GLN C 57 6.37 -7.17 -39.80
CA GLN C 57 6.69 -5.89 -40.46
C GLN C 57 8.19 -5.66 -40.46
N ALA C 58 8.82 -5.89 -39.31
CA ALA C 58 10.26 -5.68 -39.16
C ALA C 58 11.07 -6.59 -40.07
N ALA C 59 10.61 -7.82 -40.21
CA ALA C 59 11.27 -8.81 -41.06
C ALA C 59 11.14 -8.37 -42.51
N GLY C 60 9.92 -8.03 -42.92
CA GLY C 60 9.68 -7.60 -44.29
C GLY C 60 10.44 -6.33 -44.64
N VAL C 61 10.41 -5.34 -43.75
CA VAL C 61 11.14 -4.11 -44.03
C VAL C 61 12.64 -4.42 -44.08
N ALA C 62 13.08 -5.37 -43.25
CA ALA C 62 14.49 -5.72 -43.21
C ALA C 62 14.95 -6.45 -44.46
N ALA C 63 14.03 -7.19 -45.09
CA ALA C 63 14.36 -7.91 -46.30
C ALA C 63 14.44 -6.93 -47.46
N LYS C 64 13.70 -5.82 -47.33
CA LYS C 64 13.70 -4.79 -48.36
C LYS C 64 14.81 -3.79 -48.07
N LYS C 65 15.75 -4.22 -47.22
CA LYS C 65 16.90 -3.40 -46.87
C LYS C 65 16.54 -2.05 -46.26
N GLY C 66 15.51 -2.02 -45.41
CA GLY C 66 15.13 -0.75 -44.82
C GLY C 66 15.08 -0.72 -43.31
N SER C 67 15.57 -1.77 -42.66
CA SER C 67 15.55 -1.81 -41.20
C SER C 67 16.59 -0.90 -40.55
N LEU C 68 17.80 -0.88 -41.10
CA LEU C 68 18.90 -0.06 -40.58
C LEU C 68 18.45 1.36 -40.24
N GLU C 69 17.99 2.08 -41.26
CA GLU C 69 17.53 3.45 -41.09
C GLU C 69 16.57 3.59 -39.90
N LEU C 70 15.70 2.59 -39.72
CA LEU C 70 14.75 2.62 -38.62
C LEU C 70 15.43 2.37 -37.26
N CYS C 71 16.39 1.46 -37.24
CA CYS C 71 17.10 1.15 -36.01
C CYS C 71 17.92 2.38 -35.58
N GLU C 72 18.55 3.04 -36.55
CA GLU C 72 19.35 4.23 -36.24
C GLU C 72 18.47 5.30 -35.61
N ILE C 73 17.21 5.36 -36.04
CA ILE C 73 16.30 6.32 -35.47
C ILE C 73 16.06 5.97 -34.01
N ALA C 74 15.65 4.73 -33.76
CA ALA C 74 15.39 4.27 -32.39
C ALA C 74 16.62 4.50 -31.53
N GLU C 75 17.79 4.20 -32.09
CA GLU C 75 19.05 4.35 -31.39
C GLU C 75 19.35 5.82 -31.02
N SER C 76 19.00 6.75 -31.90
CA SER C 76 19.25 8.16 -31.62
C SER C 76 18.32 8.67 -30.51
N LYS C 77 17.26 7.92 -30.23
CA LYS C 77 16.31 8.28 -29.17
C LYS C 77 16.81 7.73 -27.83
N GLY C 78 17.93 6.98 -27.87
CA GLY C 78 18.47 6.43 -26.64
C GLY C 78 18.37 4.92 -26.46
N TYR C 79 17.68 4.24 -27.37
CA TYR C 79 17.56 2.78 -27.29
C TYR C 79 18.87 2.10 -27.68
N SER C 80 19.40 1.31 -26.77
CA SER C 80 20.65 0.59 -26.98
C SER C 80 20.61 -0.40 -28.13
N ILE C 81 21.74 -0.53 -28.82
CA ILE C 81 21.86 -1.45 -29.95
C ILE C 81 21.75 -2.89 -29.44
N ASP C 82 21.92 -3.07 -28.12
CA ASP C 82 21.85 -4.36 -27.46
C ASP C 82 20.44 -4.95 -27.51
N LEU C 83 19.43 -4.10 -27.67
CA LEU C 83 18.07 -4.57 -27.70
C LEU C 83 17.75 -5.23 -29.02
N CYS C 84 16.79 -6.15 -29.00
CA CYS C 84 16.40 -6.86 -30.22
C CYS C 84 16.13 -5.91 -31.37
N ALA C 85 16.59 -6.30 -32.56
CA ALA C 85 16.47 -5.53 -33.79
C ALA C 85 15.02 -5.37 -34.23
N TYR C 86 14.18 -6.35 -33.89
CA TYR C 86 12.77 -6.27 -34.23
C TYR C 86 12.17 -5.08 -33.47
N ALA C 87 12.54 -4.92 -32.20
CA ALA C 87 12.03 -3.83 -31.38
C ALA C 87 12.61 -2.47 -31.79
N ARG C 88 13.92 -2.42 -32.07
CA ARG C 88 14.52 -1.15 -32.47
C ARG C 88 13.90 -0.70 -33.80
N THR C 89 13.67 -1.65 -34.69
CA THR C 89 13.08 -1.32 -35.98
C THR C 89 11.66 -0.78 -35.78
N ASN C 90 10.93 -1.39 -34.86
CA ASN C 90 9.58 -0.97 -34.56
C ASN C 90 9.51 0.39 -33.86
N PHE C 91 10.50 0.71 -33.02
CA PHE C 91 10.51 2.00 -32.32
C PHE C 91 10.88 3.08 -33.34
N GLY C 92 11.68 2.69 -34.32
CA GLY C 92 12.09 3.61 -35.36
C GLY C 92 10.88 3.91 -36.21
N LEU C 93 10.06 2.88 -36.42
CA LEU C 93 8.84 3.01 -37.20
C LEU C 93 7.91 4.01 -36.52
N LEU C 94 7.68 3.81 -35.22
CA LEU C 94 6.80 4.68 -34.45
C LEU C 94 7.22 6.16 -34.41
N GLU C 95 8.52 6.41 -34.24
CA GLU C 95 9.03 7.77 -34.16
C GLU C 95 8.96 8.48 -35.51
N ASN C 96 9.12 7.72 -36.58
CA ASN C 96 9.10 8.27 -37.94
C ASN C 96 7.68 8.31 -38.50
N GLY C 97 6.76 7.60 -37.85
CA GLY C 97 5.38 7.59 -38.29
C GLY C 97 5.09 6.68 -39.45
N GLY C 98 5.80 5.55 -39.51
CA GLY C 98 5.61 4.61 -40.59
C GLY C 98 6.86 4.58 -41.46
N CYS C 99 6.76 3.93 -42.61
CA CYS C 99 7.87 3.85 -43.53
C CYS C 99 7.33 3.59 -44.93
N GLU C 100 8.20 3.67 -45.93
CA GLU C 100 7.80 3.48 -47.31
C GLU C 100 7.82 2.04 -47.82
N ALA C 101 8.90 1.31 -47.54
CA ALA C 101 9.05 -0.06 -48.02
C ALA C 101 7.89 -0.99 -47.65
N LEU C 102 7.37 -0.83 -46.43
CA LEU C 102 6.26 -1.66 -45.97
C LEU C 102 5.58 -0.92 -44.82
N ASP C 103 4.61 -0.07 -45.18
CA ASP C 103 3.90 0.73 -44.19
C ASP C 103 2.83 -0.04 -43.44
N MET C 104 2.55 0.43 -42.23
CA MET C 104 1.56 -0.22 -41.37
C MET C 104 1.00 0.82 -40.40
N PRO C 105 -0.32 0.82 -40.20
CA PRO C 105 -0.95 1.78 -39.28
C PRO C 105 -0.61 1.61 -37.81
N ALA C 106 -0.54 2.73 -37.08
CA ALA C 106 -0.26 2.70 -35.66
C ALA C 106 -1.41 1.95 -35.00
N PRO C 107 -1.13 1.26 -33.87
CA PRO C 107 -2.15 0.50 -33.15
C PRO C 107 -3.04 1.28 -32.19
N ASP C 108 -4.20 0.70 -31.88
CA ASP C 108 -5.15 1.26 -30.93
C ASP C 108 -5.16 0.40 -29.67
N PHE C 109 -4.56 -0.79 -29.77
CA PHE C 109 -4.45 -1.73 -28.64
C PHE C 109 -3.34 -2.75 -28.89
N LEU C 110 -2.81 -3.32 -27.82
CA LEU C 110 -1.70 -4.29 -27.93
C LEU C 110 -1.99 -5.65 -27.34
N LEU C 111 -1.48 -6.68 -27.99
CA LEU C 111 -1.64 -8.06 -27.55
C LEU C 111 -0.23 -8.61 -27.33
N CYS C 112 0.13 -8.88 -26.09
CA CYS C 112 1.45 -9.40 -25.78
C CYS C 112 1.44 -10.75 -25.09
N CYS C 113 2.30 -11.67 -25.54
CA CYS C 113 2.45 -13.01 -24.96
C CYS C 113 3.95 -13.30 -24.91
N ASN C 114 4.48 -13.60 -23.73
CA ASN C 114 5.91 -13.84 -23.56
C ASN C 114 6.44 -15.26 -23.82
N ASN C 115 5.66 -16.09 -24.52
CA ASN C 115 6.13 -17.45 -24.79
C ASN C 115 7.35 -17.43 -25.71
N ILE C 116 7.43 -16.44 -26.60
CA ILE C 116 8.59 -16.34 -27.48
C ILE C 116 9.79 -15.82 -26.68
N CYS C 117 9.56 -14.81 -25.84
CA CYS C 117 10.64 -14.22 -25.02
C CYS C 117 10.04 -13.20 -24.06
N ASN C 118 10.87 -12.60 -23.21
CA ASN C 118 10.41 -11.60 -22.27
C ASN C 118 10.68 -10.18 -22.74
N GLN C 119 11.43 -10.05 -23.83
CA GLN C 119 11.75 -8.73 -24.33
C GLN C 119 10.49 -8.01 -24.81
N VAL C 120 9.55 -8.77 -25.36
CA VAL C 120 8.30 -8.20 -25.85
C VAL C 120 7.48 -7.55 -24.73
N ILE C 121 7.66 -8.02 -23.49
CA ILE C 121 6.92 -7.43 -22.38
C ILE C 121 7.36 -5.97 -22.27
N LYS C 122 8.66 -5.76 -22.16
CA LYS C 122 9.20 -4.40 -22.03
C LYS C 122 8.90 -3.60 -23.28
N TRP C 123 9.12 -4.24 -24.42
CA TRP C 123 8.87 -3.61 -25.71
C TRP C 123 7.45 -3.08 -25.75
N TYR C 124 6.49 -3.93 -25.39
CA TYR C 124 5.09 -3.52 -25.39
C TYR C 124 4.72 -2.56 -24.25
N GLU C 125 5.49 -2.52 -23.18
CA GLU C 125 5.18 -1.54 -22.12
C GLU C 125 5.40 -0.16 -22.75
N ASN C 126 6.54 -0.02 -23.43
CA ASN C 126 6.91 1.23 -24.07
C ASN C 126 5.85 1.75 -25.03
N ILE C 127 5.40 0.89 -25.95
CA ILE C 127 4.38 1.29 -26.93
C ILE C 127 3.12 1.78 -26.26
N SER C 128 2.63 1.00 -25.30
CA SER C 128 1.42 1.36 -24.56
C SER C 128 1.57 2.73 -23.89
N ARG C 129 2.66 2.90 -23.15
CA ARG C 129 2.90 4.17 -22.46
C ARG C 129 3.04 5.38 -23.38
N GLU C 130 3.72 5.22 -24.51
CA GLU C 130 3.91 6.34 -25.41
C GLU C 130 2.70 6.66 -26.30
N LEU C 131 1.84 5.69 -26.53
CA LEU C 131 0.65 5.94 -27.34
C LEU C 131 -0.59 6.01 -26.46
N ASP C 132 -0.44 5.60 -25.21
CA ASP C 132 -1.55 5.59 -24.24
C ASP C 132 -2.68 4.66 -24.70
N ILE C 133 -2.33 3.41 -24.99
CA ILE C 133 -3.32 2.43 -25.44
C ILE C 133 -3.36 1.14 -24.61
N PRO C 134 -4.52 0.46 -24.62
CA PRO C 134 -4.70 -0.79 -23.87
C PRO C 134 -3.66 -1.85 -24.21
N LEU C 135 -3.06 -2.42 -23.17
CA LEU C 135 -2.09 -3.49 -23.36
C LEU C 135 -2.68 -4.77 -22.77
N ILE C 136 -2.88 -5.77 -23.61
CA ILE C 136 -3.43 -7.04 -23.15
C ILE C 136 -2.28 -8.03 -23.03
N MET C 137 -2.11 -8.58 -21.84
CA MET C 137 -1.02 -9.54 -21.57
C MET C 137 -1.48 -10.98 -21.28
N ILE C 138 -0.85 -11.94 -21.97
CA ILE C 138 -1.11 -13.36 -21.73
C ILE C 138 0.26 -13.88 -21.29
N ASP C 139 0.48 -13.90 -19.98
CA ASP C 139 1.76 -14.32 -19.43
C ASP C 139 1.90 -15.83 -19.27
N THR C 140 2.68 -16.44 -20.16
CA THR C 140 2.93 -17.88 -20.12
C THR C 140 4.30 -18.10 -19.48
N THR C 141 4.33 -18.21 -18.16
CA THR C 141 5.57 -18.40 -17.42
C THR C 141 6.42 -19.59 -17.89
N PHE C 142 7.72 -19.40 -17.92
CA PHE C 142 8.65 -20.42 -18.37
C PHE C 142 8.51 -21.77 -17.67
N ASN C 143 8.48 -22.84 -18.46
CA ASN C 143 8.37 -24.20 -17.92
C ASN C 143 9.73 -24.80 -17.58
N ASN C 144 10.03 -24.94 -16.30
CA ASN C 144 11.28 -25.56 -15.93
C ASN C 144 11.02 -27.06 -15.86
N GLU C 145 9.77 -27.41 -15.58
CA GLU C 145 9.34 -28.80 -15.50
C GLU C 145 9.03 -29.29 -16.90
N ASP C 146 9.11 -30.60 -17.10
CA ASP C 146 8.84 -31.19 -18.41
C ASP C 146 7.42 -30.87 -18.86
N GLU C 147 6.48 -30.96 -17.92
CA GLU C 147 5.08 -30.68 -18.21
C GLU C 147 4.65 -29.34 -17.61
N VAL C 148 3.61 -28.74 -18.20
CA VAL C 148 3.10 -27.47 -17.72
C VAL C 148 2.30 -27.70 -16.44
N THR C 149 2.66 -26.99 -15.38
CA THR C 149 1.97 -27.14 -14.10
C THR C 149 0.51 -26.71 -14.21
N GLN C 150 -0.33 -27.30 -13.37
CA GLN C 150 -1.75 -26.97 -13.37
C GLN C 150 -1.91 -25.49 -13.04
N SER C 151 -0.96 -24.95 -12.29
CA SER C 151 -1.03 -23.55 -11.92
C SER C 151 -0.90 -22.68 -13.17
N ARG C 152 -0.01 -23.05 -14.07
CA ARG C 152 0.16 -22.29 -15.31
C ARG C 152 -1.08 -22.38 -16.19
N ILE C 153 -1.72 -23.56 -16.21
CA ILE C 153 -2.92 -23.75 -17.01
C ILE C 153 -4.06 -22.89 -16.48
N ASP C 154 -4.24 -22.87 -15.16
CA ASP C 154 -5.31 -22.09 -14.57
C ASP C 154 -5.06 -20.59 -14.76
N TYR C 155 -3.81 -20.17 -14.55
CA TYR C 155 -3.40 -18.78 -14.71
C TYR C 155 -3.63 -18.36 -16.18
N ILE C 156 -3.20 -19.18 -17.12
CA ILE C 156 -3.38 -18.85 -18.52
C ILE C 156 -4.86 -18.76 -18.91
N LYS C 157 -5.68 -19.72 -18.49
CA LYS C 157 -7.10 -19.69 -18.82
C LYS C 157 -7.78 -18.44 -18.24
N ALA C 158 -7.37 -18.08 -17.03
CA ALA C 158 -7.93 -16.92 -16.36
C ALA C 158 -7.57 -15.66 -17.14
N GLN C 159 -6.35 -15.62 -17.66
CA GLN C 159 -5.91 -14.46 -18.44
C GLN C 159 -6.69 -14.39 -19.75
N PHE C 160 -7.13 -15.55 -20.24
CA PHE C 160 -7.91 -15.59 -21.46
C PHE C 160 -9.21 -14.82 -21.20
N GLU C 161 -9.90 -15.22 -20.15
CA GLU C 161 -11.16 -14.58 -19.77
C GLU C 161 -10.95 -13.07 -19.69
N GLU C 162 -9.85 -12.68 -19.04
CA GLU C 162 -9.52 -11.27 -18.86
C GLU C 162 -9.36 -10.61 -20.23
N ALA C 163 -8.59 -11.24 -21.10
CA ALA C 163 -8.37 -10.72 -22.44
C ALA C 163 -9.73 -10.55 -23.15
N ILE C 164 -10.56 -11.58 -23.07
CA ILE C 164 -11.88 -11.56 -23.69
C ILE C 164 -12.73 -10.40 -23.14
N LYS C 165 -12.64 -10.16 -21.84
CA LYS C 165 -13.41 -9.08 -21.22
C LYS C 165 -12.95 -7.72 -21.76
N GLN C 166 -11.64 -7.54 -21.83
CA GLN C 166 -11.08 -6.29 -22.34
C GLN C 166 -11.40 -6.10 -23.80
N LEU C 167 -11.35 -7.19 -24.57
CA LEU C 167 -11.62 -7.12 -25.99
C LEU C 167 -13.08 -6.82 -26.33
N GLU C 168 -13.98 -7.11 -25.40
CA GLU C 168 -15.40 -6.81 -25.63
C GLU C 168 -15.56 -5.29 -25.58
N ILE C 169 -14.92 -4.70 -24.58
CA ILE C 169 -14.97 -3.26 -24.40
C ILE C 169 -14.34 -2.55 -25.60
N ILE C 170 -13.15 -3.03 -25.99
CA ILE C 170 -12.43 -2.45 -27.11
C ILE C 170 -13.15 -2.62 -28.45
N SER C 171 -13.61 -3.84 -28.73
CA SER C 171 -14.30 -4.12 -29.99
C SER C 171 -15.71 -3.56 -30.00
N GLY C 172 -16.26 -3.33 -28.82
CA GLY C 172 -17.61 -2.82 -28.73
C GLY C 172 -18.63 -3.92 -28.99
N LYS C 173 -18.18 -5.17 -28.99
CA LYS C 173 -19.06 -6.31 -29.25
C LYS C 173 -19.07 -7.32 -28.10
N LYS C 174 -20.07 -8.18 -28.09
CA LYS C 174 -20.20 -9.21 -27.07
C LYS C 174 -19.52 -10.49 -27.53
N PHE C 175 -18.94 -11.22 -26.59
CA PHE C 175 -18.28 -12.47 -26.92
C PHE C 175 -19.33 -13.50 -27.36
N ASP C 176 -19.14 -14.08 -28.53
CA ASP C 176 -20.07 -15.09 -29.03
C ASP C 176 -19.43 -16.46 -28.98
N PRO C 177 -19.84 -17.28 -28.00
CA PRO C 177 -19.29 -18.63 -27.84
C PRO C 177 -19.27 -19.45 -29.13
N LYS C 178 -20.34 -19.37 -29.91
CA LYS C 178 -20.41 -20.14 -31.15
C LYS C 178 -19.34 -19.73 -32.16
N LYS C 179 -19.19 -18.44 -32.39
CA LYS C 179 -18.18 -17.94 -33.31
C LYS C 179 -16.81 -18.43 -32.85
N PHE C 180 -16.59 -18.44 -31.54
CA PHE C 180 -15.32 -18.87 -31.01
C PHE C 180 -15.02 -20.32 -31.39
N GLU C 181 -16.07 -21.13 -31.50
CA GLU C 181 -15.91 -22.52 -31.90
C GLU C 181 -15.42 -22.55 -33.33
N GLU C 182 -16.06 -21.77 -34.18
CA GLU C 182 -15.69 -21.70 -35.59
C GLU C 182 -14.26 -21.18 -35.72
N VAL C 183 -13.85 -20.30 -34.80
CA VAL C 183 -12.52 -19.74 -34.82
C VAL C 183 -11.53 -20.82 -34.45
N MET C 184 -11.87 -21.59 -33.42
CA MET C 184 -11.00 -22.69 -33.00
C MET C 184 -10.92 -23.74 -34.10
N LYS C 185 -12.02 -23.96 -34.80
CA LYS C 185 -12.04 -24.92 -35.90
C LYS C 185 -10.97 -24.54 -36.90
N ILE C 186 -11.12 -23.34 -37.46
CA ILE C 186 -10.19 -22.82 -38.46
C ILE C 186 -8.76 -22.76 -37.97
N SER C 187 -8.56 -22.15 -36.81
CA SER C 187 -7.23 -22.01 -36.23
C SER C 187 -6.51 -23.36 -36.09
N ALA C 188 -7.21 -24.35 -35.53
CA ALA C 188 -6.63 -25.68 -35.34
C ALA C 188 -6.31 -26.35 -36.67
N GLU C 189 -7.21 -26.21 -37.63
CA GLU C 189 -6.99 -26.80 -38.95
C GLU C 189 -5.70 -26.23 -39.55
N ASN C 190 -5.64 -24.90 -39.64
CA ASN C 190 -4.46 -24.24 -40.20
C ASN C 190 -3.17 -24.67 -39.49
N GLY C 191 -3.28 -24.97 -38.19
CA GLY C 191 -2.13 -25.42 -37.45
C GLY C 191 -1.62 -26.74 -38.02
N ARG C 192 -2.54 -27.69 -38.20
CA ARG C 192 -2.21 -29.00 -38.77
C ARG C 192 -1.64 -28.85 -40.17
N LEU C 193 -2.26 -28.01 -40.99
CA LEU C 193 -1.79 -27.78 -42.37
C LEU C 193 -0.38 -27.18 -42.39
N TRP C 194 -0.11 -26.28 -41.45
CA TRP C 194 1.20 -25.63 -41.36
C TRP C 194 2.25 -26.70 -41.08
N LYS C 195 2.04 -27.45 -40.00
CA LYS C 195 2.96 -28.51 -39.61
C LYS C 195 3.15 -29.56 -40.70
N TYR C 196 2.07 -29.93 -41.39
CA TYR C 196 2.15 -30.93 -42.45
C TYR C 196 2.94 -30.44 -43.66
N SER C 197 2.48 -29.34 -44.24
CA SER C 197 3.13 -28.78 -45.41
C SER C 197 4.62 -28.51 -45.20
N MET C 198 4.97 -27.94 -44.06
CA MET C 198 6.37 -27.63 -43.78
C MET C 198 7.23 -28.82 -43.36
N SER C 199 6.63 -29.99 -43.23
CA SER C 199 7.39 -31.19 -42.85
C SER C 199 7.71 -32.05 -44.06
N LEU C 200 7.13 -31.73 -45.21
CA LEU C 200 7.37 -32.49 -46.43
C LEU C 200 8.86 -32.54 -46.81
N PRO C 201 9.65 -31.53 -46.42
CA PRO C 201 11.08 -31.54 -46.77
C PRO C 201 11.84 -32.77 -46.25
N ALA C 202 11.31 -33.41 -45.21
CA ALA C 202 11.97 -34.58 -44.65
C ALA C 202 11.46 -35.87 -45.28
N ASP C 203 10.44 -35.77 -46.13
CA ASP C 203 9.88 -36.95 -46.77
C ASP C 203 10.33 -37.21 -48.20
N SER C 204 11.16 -36.33 -48.76
CA SER C 204 11.61 -36.56 -50.13
C SER C 204 13.08 -36.19 -50.32
N SER C 205 13.57 -36.47 -51.51
CA SER C 205 14.95 -36.18 -51.88
C SER C 205 14.98 -36.03 -53.38
N PRO C 206 15.18 -34.80 -53.87
CA PRO C 206 15.36 -33.57 -53.08
C PRO C 206 14.08 -33.15 -52.38
N SER C 207 14.19 -32.19 -51.48
CA SER C 207 13.02 -31.68 -50.78
C SER C 207 12.17 -30.94 -51.81
N PRO C 208 10.83 -30.94 -51.64
CA PRO C 208 9.96 -30.24 -52.60
C PRO C 208 10.20 -28.73 -52.73
N MET C 209 10.90 -28.15 -51.77
CA MET C 209 11.15 -26.72 -51.80
C MET C 209 12.52 -26.39 -51.23
N ASN C 210 12.86 -25.11 -51.27
CA ASN C 210 14.11 -24.65 -50.69
C ASN C 210 13.74 -24.34 -49.25
N GLY C 211 14.45 -24.92 -48.29
CA GLY C 211 14.16 -24.68 -46.89
C GLY C 211 13.78 -23.25 -46.52
N PHE C 212 14.42 -22.28 -47.17
CA PHE C 212 14.14 -20.87 -46.91
C PHE C 212 12.71 -20.46 -47.23
N ASP C 213 12.09 -21.16 -48.18
CA ASP C 213 10.72 -20.85 -48.57
C ASP C 213 9.81 -20.89 -47.35
N LEU C 214 10.19 -21.70 -46.38
CA LEU C 214 9.42 -21.83 -45.15
C LEU C 214 9.16 -20.48 -44.52
N PHE C 215 10.21 -19.68 -44.42
CA PHE C 215 10.10 -18.37 -43.81
C PHE C 215 9.20 -17.35 -44.51
N THR C 216 8.85 -17.62 -45.76
CA THR C 216 7.94 -16.74 -46.47
C THR C 216 6.55 -17.17 -46.00
N TYR C 217 6.25 -18.47 -46.17
CA TYR C 217 4.96 -19.02 -45.76
C TYR C 217 4.67 -18.78 -44.28
N MET C 218 5.71 -18.62 -43.49
CA MET C 218 5.54 -18.40 -42.06
C MET C 218 4.67 -17.17 -41.78
N ALA C 219 4.82 -16.14 -42.61
CA ALA C 219 4.05 -14.90 -42.48
C ALA C 219 2.57 -15.19 -42.50
N VAL C 220 2.17 -16.15 -43.32
CA VAL C 220 0.77 -16.52 -43.43
C VAL C 220 0.21 -17.12 -42.15
N ILE C 221 0.95 -18.05 -41.56
CA ILE C 221 0.51 -18.71 -40.33
C ILE C 221 0.67 -17.78 -39.13
N VAL C 222 1.42 -16.70 -39.31
CA VAL C 222 1.62 -15.75 -38.23
C VAL C 222 0.56 -14.65 -38.18
N CYS C 223 0.26 -14.02 -39.31
N CYS C 223 0.29 -14.03 -39.34
CA CYS C 223 -0.71 -12.93 -39.32
CA CYS C 223 -0.66 -12.93 -39.46
C CYS C 223 -2.15 -13.35 -39.61
C CYS C 223 -2.11 -13.32 -39.75
N ALA C 224 -2.35 -14.59 -40.02
CA ALA C 224 -3.70 -15.06 -40.33
C ALA C 224 -3.91 -16.54 -40.02
N ARG C 225 -3.79 -16.90 -38.75
CA ARG C 225 -3.96 -18.28 -38.34
C ARG C 225 -5.43 -18.64 -38.13
N GLY C 226 -6.27 -17.63 -37.89
CA GLY C 226 -7.69 -17.89 -37.67
C GLY C 226 -8.61 -17.59 -38.85
N LYS C 227 -8.04 -17.43 -40.03
CA LYS C 227 -8.83 -17.13 -41.21
C LYS C 227 -8.94 -18.30 -42.20
N LYS C 228 -10.16 -18.54 -42.68
CA LYS C 228 -10.42 -19.62 -43.62
C LYS C 228 -9.72 -19.45 -44.96
N GLU C 229 -9.37 -18.21 -45.31
CA GLU C 229 -8.67 -17.96 -46.57
C GLU C 229 -7.29 -18.62 -46.51
N THR C 230 -6.78 -18.76 -45.30
CA THR C 230 -5.47 -19.39 -45.08
C THR C 230 -5.59 -20.89 -45.37
N THR C 231 -6.63 -21.50 -44.82
CA THR C 231 -6.89 -22.92 -45.00
C THR C 231 -6.75 -23.30 -46.48
N GLU C 232 -7.37 -22.51 -47.33
CA GLU C 232 -7.33 -22.75 -48.78
C GLU C 232 -5.96 -22.45 -49.36
N ALA C 233 -5.26 -21.49 -48.76
CA ALA C 233 -3.93 -21.14 -49.25
C ALA C 233 -2.99 -22.33 -49.06
N PHE C 234 -2.92 -22.84 -47.85
CA PHE C 234 -2.04 -23.97 -47.57
C PHE C 234 -2.39 -25.21 -48.37
N LYS C 235 -3.69 -25.47 -48.52
CA LYS C 235 -4.13 -26.64 -49.28
C LYS C 235 -3.60 -26.54 -50.71
N LEU C 236 -3.61 -25.31 -51.23
CA LEU C 236 -3.11 -25.06 -52.58
C LEU C 236 -1.59 -25.28 -52.61
N LEU C 237 -0.90 -24.81 -51.57
CA LEU C 237 0.55 -24.98 -51.49
C LEU C 237 0.88 -26.47 -51.41
N ILE C 238 0.13 -27.18 -50.58
CA ILE C 238 0.34 -28.61 -50.41
C ILE C 238 0.29 -29.34 -51.74
N GLU C 239 -0.71 -29.04 -52.54
CA GLU C 239 -0.84 -29.69 -53.84
C GLU C 239 0.44 -29.48 -54.64
N GLU C 240 0.91 -28.24 -54.68
CA GLU C 240 2.11 -27.91 -55.43
C GLU C 240 3.34 -28.59 -54.86
N LEU C 241 3.42 -28.70 -53.54
CA LEU C 241 4.56 -29.35 -52.92
C LEU C 241 4.59 -30.84 -53.22
N GLU C 242 3.49 -31.53 -52.98
CA GLU C 242 3.43 -32.97 -53.25
C GLU C 242 3.62 -33.22 -54.74
N ASP C 243 3.18 -32.26 -55.55
CA ASP C 243 3.32 -32.36 -56.99
C ASP C 243 4.79 -32.40 -57.36
N ASN C 244 5.61 -31.64 -56.62
CA ASN C 244 7.04 -31.61 -56.88
C ASN C 244 7.69 -32.90 -56.39
N MET C 245 7.17 -33.45 -55.30
CA MET C 245 7.69 -34.68 -54.74
C MET C 245 7.50 -35.83 -55.73
N LYS C 246 6.34 -35.86 -56.36
CA LYS C 246 6.02 -36.90 -57.34
C LYS C 246 6.86 -36.78 -58.61
N THR C 247 7.31 -35.56 -58.93
CA THR C 247 8.10 -35.33 -60.13
C THR C 247 9.58 -35.05 -59.87
N GLY C 248 10.01 -35.18 -58.62
CA GLY C 248 11.40 -34.95 -58.29
C GLY C 248 11.85 -33.53 -58.55
N LYS C 249 10.91 -32.59 -58.50
CA LYS C 249 11.24 -31.19 -58.73
C LYS C 249 11.23 -30.41 -57.41
N SER C 250 11.72 -29.18 -57.45
CA SER C 250 11.79 -28.34 -56.25
C SER C 250 12.17 -26.89 -56.60
N SER C 251 11.80 -25.97 -55.72
CA SER C 251 12.14 -24.56 -55.93
C SER C 251 13.61 -24.35 -55.60
N PHE C 252 14.30 -25.44 -55.28
CA PHE C 252 15.72 -25.42 -54.96
C PHE C 252 16.55 -25.74 -56.22
N ARG C 253 17.49 -24.87 -56.56
CA ARG C 253 18.33 -25.06 -57.74
C ARG C 253 19.51 -25.99 -57.47
N GLY C 254 19.99 -26.65 -58.52
CA GLY C 254 21.12 -27.54 -58.39
C GLY C 254 20.86 -28.80 -57.57
N GLU C 255 21.83 -29.69 -57.58
CA GLU C 255 21.72 -30.94 -56.84
C GLU C 255 21.78 -30.72 -55.35
N GLU C 256 20.81 -31.28 -54.64
CA GLU C 256 20.76 -31.19 -53.20
C GLU C 256 21.76 -32.22 -52.68
N LYS C 257 23.02 -31.81 -52.57
CA LYS C 257 24.07 -32.71 -52.10
C LYS C 257 24.03 -32.95 -50.61
N TYR C 258 23.67 -31.91 -49.85
CA TYR C 258 23.63 -32.02 -48.41
C TYR C 258 22.30 -31.53 -47.85
N ARG C 259 21.89 -32.09 -46.73
CA ARG C 259 20.65 -31.71 -46.07
C ARG C 259 21.05 -31.20 -44.69
N ILE C 260 20.52 -30.06 -44.27
CA ILE C 260 20.86 -29.54 -42.96
C ILE C 260 19.68 -28.92 -42.23
N MET C 261 19.96 -28.51 -41.01
CA MET C 261 18.98 -27.85 -40.17
C MET C 261 19.58 -26.52 -39.79
N MET C 262 18.89 -25.42 -40.09
CA MET C 262 19.42 -24.14 -39.69
C MET C 262 18.69 -23.75 -38.41
N GLU C 263 19.48 -23.51 -37.36
CA GLU C 263 18.94 -23.11 -36.06
C GLU C 263 18.87 -21.59 -36.00
N GLY C 264 17.66 -21.07 -35.80
CA GLY C 264 17.46 -19.64 -35.71
C GLY C 264 16.77 -18.98 -36.89
N ILE C 265 16.35 -17.73 -36.69
CA ILE C 265 15.69 -16.94 -37.73
C ILE C 265 16.75 -16.50 -38.73
N PRO C 266 16.42 -16.48 -40.02
CA PRO C 266 17.36 -16.08 -41.07
C PRO C 266 17.72 -14.60 -40.99
N CYS C 267 18.87 -14.23 -41.55
CA CYS C 267 19.29 -12.84 -41.54
C CYS C 267 18.57 -12.17 -42.71
N TRP C 268 17.40 -11.62 -42.41
CA TRP C 268 16.55 -10.97 -43.40
C TRP C 268 17.22 -9.96 -44.32
N PRO C 269 18.16 -9.16 -43.79
CA PRO C 269 18.80 -8.19 -44.69
C PRO C 269 19.77 -8.85 -45.66
N TYR C 270 19.98 -10.15 -45.52
CA TYR C 270 20.91 -10.87 -46.38
C TYR C 270 20.33 -12.19 -46.87
N ILE C 271 19.02 -12.37 -46.68
CA ILE C 271 18.35 -13.60 -47.07
C ILE C 271 18.70 -14.05 -48.49
N GLY C 272 18.82 -13.09 -49.41
CA GLY C 272 19.16 -13.43 -50.78
C GLY C 272 20.57 -13.95 -50.87
N TYR C 273 21.49 -13.32 -50.14
CA TYR C 273 22.88 -13.77 -50.18
C TYR C 273 23.02 -15.19 -49.62
N LYS C 274 22.29 -15.48 -48.55
CA LYS C 274 22.36 -16.79 -47.91
C LYS C 274 21.77 -17.90 -48.79
N MET C 275 20.70 -17.59 -49.51
CA MET C 275 20.08 -18.58 -50.39
C MET C 275 21.04 -18.97 -51.53
N LYS C 276 21.67 -17.95 -52.11
CA LYS C 276 22.60 -18.15 -53.20
C LYS C 276 23.86 -18.87 -52.73
N THR C 277 24.31 -18.56 -51.52
CA THR C 277 25.50 -19.20 -50.98
C THR C 277 25.30 -20.69 -50.69
N LEU C 278 24.20 -21.05 -50.04
CA LEU C 278 23.95 -22.46 -49.74
C LEU C 278 23.72 -23.27 -51.02
N ALA C 279 22.98 -22.71 -51.96
CA ALA C 279 22.70 -23.40 -53.22
C ALA C 279 23.98 -23.68 -53.97
N LYS C 280 24.90 -22.71 -53.93
CA LYS C 280 26.18 -22.83 -54.60
C LYS C 280 26.95 -24.04 -54.08
N PHE C 281 26.70 -24.40 -52.83
CA PHE C 281 27.36 -25.55 -52.22
C PHE C 281 26.46 -26.79 -52.29
N GLY C 282 25.23 -26.60 -52.73
CA GLY C 282 24.30 -27.72 -52.82
C GLY C 282 23.76 -28.06 -51.44
N VAL C 283 23.70 -27.06 -50.56
CA VAL C 283 23.20 -27.23 -49.20
C VAL C 283 21.75 -26.76 -49.11
N ASN C 284 20.88 -27.61 -48.62
CA ASN C 284 19.48 -27.26 -48.48
C ASN C 284 18.98 -27.63 -47.09
N MET C 285 18.18 -26.75 -46.51
CA MET C 285 17.61 -26.97 -45.18
C MET C 285 16.43 -27.91 -45.33
N THR C 286 16.49 -29.07 -44.69
CA THR C 286 15.42 -30.05 -44.77
C THR C 286 14.87 -30.43 -43.40
N GLY C 287 15.58 -30.02 -42.36
CA GLY C 287 15.14 -30.30 -41.00
C GLY C 287 14.93 -28.96 -40.29
N SER C 288 13.77 -28.80 -39.67
CA SER C 288 13.48 -27.55 -38.98
C SER C 288 12.54 -27.72 -37.80
N VAL C 289 12.67 -26.83 -36.82
CA VAL C 289 11.85 -26.84 -35.61
C VAL C 289 10.58 -26.01 -35.78
N TYR C 290 10.60 -25.07 -36.72
CA TYR C 290 9.46 -24.19 -36.96
C TYR C 290 8.16 -24.85 -37.36
N PRO C 291 8.21 -26.10 -37.88
CA PRO C 291 6.90 -26.69 -38.23
C PRO C 291 6.09 -26.84 -36.94
N HIS C 292 6.80 -27.02 -35.84
CA HIS C 292 6.19 -27.19 -34.53
C HIS C 292 5.87 -25.87 -33.85
N ALA C 293 6.38 -24.76 -34.39
CA ALA C 293 6.15 -23.46 -33.79
C ALA C 293 4.68 -23.03 -33.73
N TRP C 294 4.01 -22.99 -34.88
CA TRP C 294 2.62 -22.58 -34.92
C TRP C 294 1.63 -23.70 -35.16
N ALA C 295 1.97 -24.90 -34.71
CA ALA C 295 1.07 -26.06 -34.86
C ALA C 295 -0.11 -25.80 -33.95
N LEU C 296 0.20 -25.34 -32.74
CA LEU C 296 -0.80 -25.00 -31.74
C LEU C 296 -2.05 -25.88 -31.81
N GLN C 297 -1.88 -27.16 -31.48
CA GLN C 297 -2.95 -28.14 -31.51
C GLN C 297 -3.65 -28.32 -30.16
N TYR C 298 -4.97 -28.43 -30.22
CA TYR C 298 -5.78 -28.60 -29.02
C TYR C 298 -7.20 -29.00 -29.43
N GLU C 299 -7.92 -29.64 -28.51
CA GLU C 299 -9.28 -30.08 -28.78
C GLU C 299 -10.16 -28.87 -29.03
N VAL C 300 -10.81 -28.84 -30.20
CA VAL C 300 -11.68 -27.72 -30.53
C VAL C 300 -12.63 -27.49 -29.36
N ASN C 301 -12.62 -26.25 -28.87
CA ASN C 301 -13.45 -25.83 -27.75
C ASN C 301 -12.93 -26.33 -26.40
N ASP C 302 -11.66 -26.71 -26.35
CA ASP C 302 -11.03 -27.14 -25.10
C ASP C 302 -9.98 -26.11 -24.68
N LEU C 303 -10.34 -25.29 -23.69
CA LEU C 303 -9.48 -24.22 -23.18
C LEU C 303 -8.18 -24.68 -22.53
N ASP C 304 -8.22 -25.82 -21.85
CA ASP C 304 -7.02 -26.35 -21.20
C ASP C 304 -6.01 -26.71 -22.28
N GLY C 305 -6.50 -27.33 -23.35
CA GLY C 305 -5.63 -27.72 -24.45
C GLY C 305 -5.04 -26.53 -25.17
N MET C 306 -5.84 -25.48 -25.31
CA MET C 306 -5.36 -24.28 -25.98
C MET C 306 -4.25 -23.64 -25.15
N ALA C 307 -4.46 -23.61 -23.83
CA ALA C 307 -3.48 -23.03 -22.91
C ALA C 307 -2.14 -23.75 -23.00
N VAL C 308 -2.18 -25.08 -22.95
CA VAL C 308 -0.99 -25.90 -23.00
C VAL C 308 -0.17 -25.73 -24.28
N ALA C 309 -0.85 -25.70 -25.41
CA ALA C 309 -0.18 -25.55 -26.70
C ALA C 309 0.50 -24.19 -26.85
N TYR C 310 -0.05 -23.17 -26.21
CA TYR C 310 0.52 -21.81 -26.28
C TYR C 310 1.65 -21.62 -25.29
N SER C 311 1.59 -22.38 -24.20
CA SER C 311 2.58 -22.32 -23.14
C SER C 311 3.81 -23.17 -23.49
N THR C 312 3.59 -24.21 -24.30
CA THR C 312 4.66 -25.13 -24.69
C THR C 312 5.36 -24.79 -26.00
N MET C 313 5.19 -23.56 -26.48
CA MET C 313 5.87 -23.16 -27.70
C MET C 313 7.35 -23.43 -27.34
N PHE C 314 8.11 -23.97 -28.29
CA PHE C 314 9.48 -24.36 -28.03
C PHE C 314 10.49 -23.38 -27.42
N ASN C 315 10.14 -22.09 -27.39
CA ASN C 315 11.04 -21.09 -26.81
C ASN C 315 10.73 -20.94 -25.32
N ASN C 316 9.71 -21.67 -24.86
CA ASN C 316 9.28 -21.56 -23.47
C ASN C 316 9.31 -22.88 -22.68
N VAL C 317 10.17 -23.82 -23.08
CA VAL C 317 10.28 -25.10 -22.38
C VAL C 317 11.72 -25.34 -21.91
N ASN C 318 11.92 -26.16 -20.88
CA ASN C 318 13.27 -26.39 -20.37
C ASN C 318 14.29 -26.75 -21.45
N LEU C 319 15.56 -26.52 -21.14
CA LEU C 319 16.62 -26.79 -22.07
C LEU C 319 16.66 -28.22 -22.58
N ASP C 320 16.13 -29.15 -21.79
CA ASP C 320 16.09 -30.54 -22.23
C ASP C 320 15.15 -30.64 -23.42
N ARG C 321 13.93 -30.15 -23.25
CA ARG C 321 12.96 -30.20 -24.34
C ARG C 321 13.44 -29.39 -25.54
N MET C 322 14.10 -28.26 -25.28
CA MET C 322 14.62 -27.43 -26.36
C MET C 322 15.59 -28.24 -27.22
N THR C 323 16.51 -28.94 -26.56
CA THR C 323 17.50 -29.75 -27.27
C THR C 323 16.85 -30.90 -28.04
N LYS C 324 15.87 -31.55 -27.43
CA LYS C 324 15.20 -32.67 -28.10
C LYS C 324 14.54 -32.21 -29.40
N TYR C 325 14.08 -30.96 -29.41
CA TYR C 325 13.44 -30.42 -30.61
C TYR C 325 14.41 -30.38 -31.78
N ARG C 326 15.64 -29.97 -31.51
CA ARG C 326 16.64 -29.87 -32.56
C ARG C 326 17.18 -31.25 -32.94
N VAL C 327 17.29 -32.13 -31.95
CA VAL C 327 17.78 -33.48 -32.20
C VAL C 327 16.76 -34.15 -33.12
N ASP C 328 15.50 -34.18 -32.69
CA ASP C 328 14.44 -34.80 -33.48
C ASP C 328 14.40 -34.23 -34.89
N SER C 329 14.67 -32.93 -35.02
CA SER C 329 14.64 -32.30 -36.34
C SER C 329 15.75 -32.81 -37.24
N LEU C 330 16.96 -32.89 -36.70
CA LEU C 330 18.10 -33.38 -37.47
C LEU C 330 17.80 -34.78 -37.98
N VAL C 331 17.33 -35.63 -37.08
CA VAL C 331 17.01 -37.02 -37.41
C VAL C 331 15.88 -37.09 -38.43
N GLU C 332 14.73 -36.53 -38.07
CA GLU C 332 13.56 -36.53 -38.94
C GLU C 332 13.81 -35.99 -40.35
N GLY C 333 14.64 -34.94 -40.45
CA GLY C 333 14.91 -34.36 -41.74
C GLY C 333 16.04 -35.05 -42.49
N LYS C 334 16.54 -36.14 -41.92
CA LYS C 334 17.64 -36.90 -42.52
C LYS C 334 18.72 -35.90 -42.92
N CYS C 335 19.19 -35.14 -41.94
CA CYS C 335 20.20 -34.11 -42.14
C CYS C 335 21.63 -34.60 -41.96
N ASP C 336 22.55 -34.01 -42.71
CA ASP C 336 23.96 -34.37 -42.67
C ASP C 336 24.77 -33.46 -41.75
N GLY C 337 24.09 -32.51 -41.10
CA GLY C 337 24.77 -31.58 -40.22
C GLY C 337 23.88 -30.47 -39.71
N ALA C 338 24.39 -29.65 -38.81
CA ALA C 338 23.63 -28.54 -38.23
C ALA C 338 24.37 -27.22 -38.38
N PHE C 339 23.64 -26.18 -38.79
CA PHE C 339 24.21 -24.86 -39.00
C PHE C 339 23.50 -23.88 -38.07
N TYR C 340 24.24 -23.38 -37.08
CA TYR C 340 23.73 -22.46 -36.07
C TYR C 340 23.93 -20.96 -36.27
N HIS C 341 22.86 -20.21 -36.09
CA HIS C 341 22.88 -18.76 -36.19
C HIS C 341 23.00 -18.19 -34.76
N MET C 342 24.12 -17.55 -34.47
CA MET C 342 24.32 -16.94 -33.17
C MET C 342 23.78 -15.54 -33.40
N ASN C 343 22.50 -15.38 -33.08
CA ASN C 343 21.76 -14.14 -33.25
C ASN C 343 22.02 -13.12 -32.13
N ARG C 344 22.54 -11.95 -32.50
CA ARG C 344 22.84 -10.91 -31.53
C ARG C 344 21.58 -10.33 -30.87
N SER C 345 20.44 -10.39 -31.56
CA SER C 345 19.20 -9.86 -31.01
C SER C 345 18.50 -10.74 -29.98
N CYS C 346 18.27 -11.99 -30.34
CA CYS C 346 17.56 -12.95 -29.50
C CYS C 346 18.45 -13.60 -28.45
N LYS C 347 18.39 -13.10 -27.21
CA LYS C 347 19.21 -13.67 -26.15
C LYS C 347 18.72 -15.03 -25.70
N LEU C 348 17.40 -15.20 -25.62
CA LEU C 348 16.81 -16.46 -25.21
C LEU C 348 17.38 -17.61 -26.04
N MET C 349 17.40 -17.44 -27.35
N MET C 349 17.40 -17.44 -27.35
CA MET C 349 17.92 -18.49 -28.24
CA MET C 349 17.93 -18.49 -28.23
C MET C 349 19.45 -18.54 -28.21
C MET C 349 19.45 -18.54 -28.15
N SER C 350 20.08 -17.38 -28.08
CA SER C 350 21.53 -17.28 -28.03
C SER C 350 22.21 -17.77 -26.76
N LEU C 351 21.64 -17.47 -25.60
CA LEU C 351 22.25 -17.84 -24.34
C LEU C 351 22.16 -19.31 -23.91
N ILE C 352 21.64 -20.17 -24.78
CA ILE C 352 21.59 -21.59 -24.46
C ILE C 352 21.99 -22.41 -25.68
N GLN C 353 22.56 -21.73 -26.68
CA GLN C 353 22.98 -22.38 -27.92
C GLN C 353 24.24 -23.25 -27.75
N TYR C 354 25.21 -22.80 -26.96
CA TYR C 354 26.43 -23.59 -26.76
C TYR C 354 26.05 -24.95 -26.17
N GLU C 355 25.49 -24.93 -24.97
CA GLU C 355 25.10 -26.16 -24.32
C GLU C 355 24.20 -27.01 -25.22
N MET C 356 23.17 -26.38 -25.80
CA MET C 356 22.25 -27.09 -26.68
C MET C 356 22.94 -27.71 -27.89
N GLN C 357 23.83 -26.95 -28.53
CA GLN C 357 24.52 -27.47 -29.69
C GLN C 357 25.47 -28.60 -29.34
N ARG C 358 26.03 -28.57 -28.14
CA ARG C 358 26.93 -29.62 -27.67
C ARG C 358 26.19 -30.95 -27.48
N ARG C 359 25.01 -30.87 -26.89
CA ARG C 359 24.20 -32.06 -26.63
C ARG C 359 23.64 -32.69 -27.90
N ALA C 360 23.24 -31.84 -28.84
CA ALA C 360 22.67 -32.31 -30.09
C ALA C 360 23.72 -33.08 -30.90
N ALA C 361 24.96 -32.64 -30.84
CA ALA C 361 26.05 -33.29 -31.56
C ALA C 361 26.49 -34.59 -30.88
N GLU C 362 26.35 -34.67 -29.57
CA GLU C 362 26.73 -35.86 -28.83
C GLU C 362 25.72 -36.96 -29.10
N GLU C 363 24.46 -36.57 -29.17
CA GLU C 363 23.38 -37.52 -29.40
C GLU C 363 23.28 -38.00 -30.84
N THR C 364 23.33 -37.05 -31.78
CA THR C 364 23.22 -37.37 -33.20
C THR C 364 24.54 -37.78 -33.85
N GLY C 365 25.63 -37.17 -33.40
CA GLY C 365 26.92 -37.48 -34.00
C GLY C 365 27.11 -36.64 -35.24
N LEU C 366 26.05 -35.96 -35.68
CA LEU C 366 26.13 -35.11 -36.86
C LEU C 366 27.08 -33.93 -36.64
N PRO C 367 27.79 -33.50 -37.69
CA PRO C 367 28.71 -32.36 -37.50
C PRO C 367 27.90 -31.08 -37.45
N TYR C 368 28.56 -29.96 -37.11
CA TYR C 368 27.88 -28.68 -37.06
C TYR C 368 28.86 -27.52 -37.10
N ALA C 369 28.32 -26.32 -37.30
CA ALA C 369 29.13 -25.10 -37.37
C ALA C 369 28.20 -23.93 -37.11
N GLY C 370 28.74 -22.72 -37.12
CA GLY C 370 27.88 -21.56 -36.88
C GLY C 370 28.42 -20.28 -37.45
N PHE C 371 27.58 -19.25 -37.46
CA PHE C 371 27.93 -17.94 -37.96
C PHE C 371 27.22 -16.90 -37.11
N ASP C 372 27.79 -15.70 -37.03
CA ASP C 372 27.20 -14.59 -36.28
C ASP C 372 26.25 -13.82 -37.18
N GLY C 373 25.26 -13.18 -36.58
CA GLY C 373 24.31 -12.42 -37.36
C GLY C 373 23.23 -11.79 -36.50
N ASP C 374 22.15 -11.40 -37.16
CA ASP C 374 21.01 -10.77 -36.52
C ASP C 374 19.85 -10.92 -37.51
N GLN C 375 18.60 -10.92 -37.05
CA GLN C 375 17.50 -11.09 -38.01
C GLN C 375 17.10 -9.83 -38.76
N ALA C 376 17.39 -8.66 -38.19
CA ALA C 376 17.03 -7.41 -38.84
C ALA C 376 18.10 -6.31 -38.85
N ASP C 377 19.22 -6.49 -38.15
CA ASP C 377 20.28 -5.48 -38.10
C ASP C 377 21.41 -5.93 -39.03
N PRO C 378 21.53 -5.30 -40.21
CA PRO C 378 22.55 -5.64 -41.21
C PRO C 378 24.00 -5.46 -40.77
N ARG C 379 24.22 -4.74 -39.68
CA ARG C 379 25.57 -4.50 -39.21
C ARG C 379 26.14 -5.67 -38.43
N ALA C 380 25.30 -6.64 -38.07
CA ALA C 380 25.75 -7.79 -37.29
C ALA C 380 26.08 -9.05 -38.08
N PHE C 381 25.97 -8.99 -39.40
CA PHE C 381 26.24 -10.13 -40.26
C PHE C 381 27.37 -9.84 -41.25
N THR C 382 28.32 -10.77 -41.35
CA THR C 382 29.45 -10.62 -42.27
C THR C 382 29.43 -11.72 -43.35
N ASN C 383 28.98 -11.34 -44.55
CA ASN C 383 28.88 -12.23 -45.71
C ASN C 383 30.06 -13.19 -45.90
N ALA C 384 31.27 -12.64 -45.95
CA ALA C 384 32.47 -13.45 -46.16
C ALA C 384 32.61 -14.55 -45.11
N GLN C 385 32.18 -14.26 -43.89
CA GLN C 385 32.28 -15.22 -42.79
C GLN C 385 31.29 -16.37 -42.97
N PHE C 386 30.04 -16.01 -43.25
CA PHE C 386 28.97 -16.98 -43.45
C PHE C 386 29.40 -18.03 -44.47
N GLU C 387 30.04 -17.59 -45.55
CA GLU C 387 30.47 -18.53 -46.58
C GLU C 387 31.54 -19.50 -46.10
N THR C 388 32.62 -18.99 -45.52
CA THR C 388 33.67 -19.90 -45.07
C THR C 388 33.12 -20.86 -44.02
N ARG C 389 32.19 -20.39 -43.20
CA ARG C 389 31.62 -21.25 -42.17
C ARG C 389 30.85 -22.42 -42.76
N ILE C 390 30.00 -22.16 -43.76
CA ILE C 390 29.22 -23.22 -44.38
C ILE C 390 30.12 -24.10 -45.23
N GLN C 391 31.14 -23.49 -45.82
CA GLN C 391 32.08 -24.25 -46.64
C GLN C 391 32.81 -25.28 -45.81
N GLY C 392 33.16 -24.91 -44.58
CA GLY C 392 33.86 -25.82 -43.69
C GLY C 392 32.96 -26.98 -43.32
N LEU C 393 31.72 -26.67 -42.98
CA LEU C 393 30.75 -27.70 -42.62
C LEU C 393 30.61 -28.66 -43.79
N VAL C 394 30.45 -28.11 -44.99
CA VAL C 394 30.30 -28.91 -46.20
C VAL C 394 31.47 -29.88 -46.34
N GLU C 395 32.69 -29.40 -46.14
CA GLU C 395 33.87 -30.25 -46.22
C GLU C 395 33.71 -31.44 -45.28
N VAL C 396 33.42 -31.15 -44.01
CA VAL C 396 33.24 -32.19 -43.00
C VAL C 396 32.15 -33.19 -43.41
N MET C 397 31.03 -32.70 -43.94
CA MET C 397 29.95 -33.59 -44.35
C MET C 397 30.32 -34.41 -45.60
N GLU C 398 31.14 -33.83 -46.48
CA GLU C 398 31.55 -34.54 -47.68
C GLU C 398 32.47 -35.70 -47.34
N GLU C 399 33.06 -35.65 -46.14
CA GLU C 399 33.97 -36.70 -45.70
C GLU C 399 33.23 -37.94 -45.21
N ARG C 400 31.93 -37.83 -45.01
CA ARG C 400 31.15 -38.98 -44.57
C ARG C 400 30.49 -39.60 -45.79
N LYS C 401 30.22 -38.77 -46.79
CA LYS C 401 29.59 -39.24 -48.01
C LYS C 401 30.49 -40.23 -48.73
N LYS C 402 31.78 -39.93 -48.79
CA LYS C 402 32.74 -40.81 -49.44
C LYS C 402 33.15 -41.91 -48.47
N LEU C 403 32.79 -41.73 -47.21
CA LEU C 403 33.09 -42.70 -46.17
C LEU C 403 32.18 -43.90 -46.33
N ASN C 404 31.15 -43.75 -47.15
CA ASN C 404 30.18 -44.81 -47.39
C ASN C 404 30.48 -45.56 -48.69
N MET D 1 28.62 3.43 15.10
CA MET D 1 29.72 4.20 14.44
C MET D 1 30.74 3.25 13.84
N GLU D 2 32.02 3.64 13.88
CA GLU D 2 33.10 2.81 13.35
C GLU D 2 32.84 1.33 13.66
N ALA D 3 32.34 1.08 14.87
CA ALA D 3 32.05 -0.26 15.32
C ALA D 3 31.06 -0.95 14.37
N ILE D 4 29.91 -0.33 14.16
CA ILE D 4 28.88 -0.90 13.30
C ILE D 4 29.34 -1.02 11.85
N LEU D 5 29.94 0.04 11.33
CA LEU D 5 30.42 0.04 9.94
C LEU D 5 31.46 -1.04 9.71
N SER D 6 32.27 -1.34 10.72
CA SER D 6 33.31 -2.35 10.58
C SER D 6 32.72 -3.76 10.52
N LYS D 7 31.67 -4.00 11.29
CA LYS D 7 31.04 -5.31 11.28
C LYS D 7 30.43 -5.57 9.91
N MET D 8 29.82 -4.54 9.34
CA MET D 8 29.20 -4.65 8.03
C MET D 8 30.24 -4.92 6.94
N LYS D 9 31.40 -4.27 7.02
CA LYS D 9 32.45 -4.47 6.03
C LYS D 9 32.88 -5.93 6.05
N GLU D 10 33.24 -6.41 7.23
CA GLU D 10 33.69 -7.78 7.40
C GLU D 10 32.94 -8.76 6.52
N VAL D 11 31.61 -8.75 6.62
CA VAL D 11 30.79 -9.66 5.82
C VAL D 11 30.74 -9.32 4.34
N VAL D 12 30.48 -8.05 4.02
CA VAL D 12 30.40 -7.63 2.64
C VAL D 12 31.70 -7.89 1.87
N GLU D 13 32.83 -7.67 2.54
CA GLU D 13 34.14 -7.88 1.91
C GLU D 13 34.61 -9.32 1.98
N ASN D 14 33.77 -10.19 2.56
CA ASN D 14 34.10 -11.61 2.66
C ASN D 14 32.84 -12.42 2.94
N PRO D 15 31.88 -12.39 2.00
CA PRO D 15 30.63 -13.14 2.15
C PRO D 15 30.79 -14.63 2.40
N ASN D 16 31.80 -15.24 1.79
CA ASN D 16 32.01 -16.67 1.97
C ASN D 16 32.30 -17.03 3.42
N ALA D 17 33.07 -16.19 4.10
CA ALA D 17 33.38 -16.44 5.51
C ALA D 17 32.11 -16.43 6.36
N ALA D 18 31.32 -15.37 6.23
CA ALA D 18 30.08 -15.24 6.99
C ALA D 18 29.12 -16.41 6.77
N VAL D 19 29.14 -16.98 5.57
CA VAL D 19 28.27 -18.12 5.28
C VAL D 19 28.76 -19.31 6.09
N LYS D 20 30.07 -19.50 6.12
CA LYS D 20 30.69 -20.61 6.84
C LYS D 20 30.48 -20.48 8.34
N LYS D 21 30.58 -19.26 8.85
CA LYS D 21 30.38 -19.06 10.27
C LYS D 21 28.95 -19.46 10.64
N TYR D 22 27.97 -18.84 10.01
CA TYR D 22 26.57 -19.14 10.28
C TYR D 22 26.26 -20.62 10.36
N LYS D 23 26.74 -21.39 9.38
CA LYS D 23 26.48 -22.81 9.34
C LYS D 23 27.14 -23.57 10.50
N SER D 24 28.28 -23.08 10.98
CA SER D 24 28.97 -23.73 12.08
C SER D 24 28.36 -23.36 13.43
N GLU D 25 28.02 -22.09 13.60
CA GLU D 25 27.42 -21.62 14.84
C GLU D 25 25.98 -22.08 15.04
N THR D 26 25.23 -22.24 13.93
CA THR D 26 23.83 -22.65 14.01
C THR D 26 23.58 -24.08 13.56
N GLY D 27 24.41 -24.56 12.64
CA GLY D 27 24.21 -25.91 12.15
C GLY D 27 23.13 -25.97 11.10
N LYS D 28 22.69 -24.80 10.63
CA LYS D 28 21.66 -24.73 9.59
C LYS D 28 22.30 -24.47 8.23
N LYS D 29 21.49 -24.55 7.17
CA LYS D 29 22.01 -24.33 5.83
C LYS D 29 21.82 -22.89 5.34
N ALA D 30 22.42 -22.62 4.17
CA ALA D 30 22.33 -21.29 3.56
C ALA D 30 21.90 -21.43 2.11
N ILE D 31 20.90 -20.64 1.72
CA ILE D 31 20.37 -20.65 0.37
C ILE D 31 20.66 -19.35 -0.37
N GLY D 32 21.15 -19.49 -1.60
CA GLY D 32 21.48 -18.33 -2.41
C GLY D 32 20.26 -17.69 -3.02
N CYS D 33 20.25 -16.36 -3.01
CA CYS D 33 19.13 -15.59 -3.56
C CYS D 33 19.57 -14.67 -4.71
N PHE D 34 19.26 -15.12 -5.92
CA PHE D 34 19.60 -14.36 -7.12
C PHE D 34 18.69 -13.13 -7.25
N PRO D 35 19.12 -12.13 -8.01
CA PRO D 35 18.29 -10.93 -8.16
C PRO D 35 17.09 -11.20 -9.05
N VAL D 36 16.06 -10.37 -8.98
CA VAL D 36 16.03 -9.21 -8.10
C VAL D 36 15.20 -9.51 -6.84
N TYR D 37 14.11 -10.24 -7.00
CA TYR D 37 13.23 -10.55 -5.88
C TYR D 37 13.13 -12.05 -5.59
N CYS D 38 13.28 -12.42 -4.32
CA CYS D 38 13.18 -13.80 -3.86
C CYS D 38 12.39 -13.79 -2.56
N PRO D 39 11.58 -14.84 -2.32
CA PRO D 39 10.78 -14.93 -1.10
C PRO D 39 11.67 -15.33 0.06
N GLU D 40 12.61 -14.47 0.41
CA GLU D 40 13.53 -14.75 1.51
C GLU D 40 12.84 -15.25 2.77
N GLU D 41 11.65 -14.73 3.03
CA GLU D 41 10.90 -15.12 4.22
C GLU D 41 10.76 -16.63 4.36
N ILE D 42 10.64 -17.34 3.24
CA ILE D 42 10.50 -18.79 3.31
C ILE D 42 11.81 -19.42 3.74
N ILE D 43 12.93 -18.87 3.26
CA ILE D 43 14.25 -19.38 3.62
C ILE D 43 14.54 -19.06 5.08
N HIS D 44 14.16 -17.86 5.51
CA HIS D 44 14.36 -17.41 6.88
C HIS D 44 13.49 -18.20 7.86
N ALA D 45 12.26 -18.48 7.47
CA ALA D 45 11.30 -19.22 8.30
C ALA D 45 11.83 -20.61 8.66
N ALA D 46 12.50 -21.25 7.71
CA ALA D 46 13.08 -22.57 7.92
C ALA D 46 14.33 -22.48 8.77
N GLY D 47 14.66 -21.27 9.21
CA GLY D 47 15.84 -21.07 10.02
C GLY D 47 17.14 -21.06 9.26
N MET D 48 17.06 -21.00 7.93
CA MET D 48 18.26 -20.98 7.11
C MET D 48 18.71 -19.55 6.87
N LEU D 49 19.74 -19.37 6.06
CA LEU D 49 20.25 -18.04 5.77
C LEU D 49 20.09 -17.60 4.33
N PRO D 50 19.23 -16.61 4.07
CA PRO D 50 19.05 -16.14 2.68
C PRO D 50 20.27 -15.28 2.34
N VAL D 51 21.10 -15.75 1.42
CA VAL D 51 22.30 -15.03 1.03
C VAL D 51 22.18 -14.39 -0.35
N GLY D 52 22.36 -13.07 -0.40
CA GLY D 52 22.26 -12.36 -1.67
C GLY D 52 23.39 -12.64 -2.63
N ILE D 53 23.06 -12.74 -3.91
CA ILE D 53 24.06 -13.00 -4.93
C ILE D 53 23.95 -11.94 -6.02
N TRP D 54 24.94 -11.04 -6.08
CA TRP D 54 24.93 -9.97 -7.06
C TRP D 54 26.19 -9.91 -7.91
N GLY D 55 26.71 -11.09 -8.26
CA GLY D 55 27.93 -11.15 -9.06
C GLY D 55 29.10 -10.63 -8.26
N GLY D 56 30.00 -9.92 -8.94
CA GLY D 56 31.16 -9.37 -8.29
C GLY D 56 32.19 -8.95 -9.34
N GLN D 57 33.30 -8.39 -8.88
CA GLN D 57 34.35 -7.96 -9.80
C GLN D 57 35.22 -9.16 -10.17
N THR D 58 34.93 -9.75 -11.32
CA THR D 58 35.69 -10.91 -11.81
C THR D 58 35.75 -10.93 -13.33
N GLU D 59 36.72 -11.64 -13.87
CA GLU D 59 36.86 -11.75 -15.32
C GLU D 59 36.16 -13.01 -15.79
N LEU D 60 35.90 -13.12 -17.08
CA LEU D 60 35.21 -14.28 -17.60
C LEU D 60 36.16 -15.29 -18.26
N ASP D 61 35.83 -16.57 -18.10
CA ASP D 61 36.65 -17.63 -18.66
C ASP D 61 35.83 -18.91 -18.77
N LEU D 62 35.42 -19.45 -17.63
CA LEU D 62 34.64 -20.69 -17.62
C LEU D 62 33.21 -20.46 -18.13
N ALA D 63 32.70 -19.24 -17.92
CA ALA D 63 31.35 -18.93 -18.36
C ALA D 63 31.21 -18.84 -19.88
N LYS D 64 32.35 -18.68 -20.56
CA LYS D 64 32.33 -18.59 -22.03
C LYS D 64 31.90 -19.89 -22.68
N GLN D 65 31.78 -20.95 -21.87
CA GLN D 65 31.35 -22.24 -22.41
C GLN D 65 29.83 -22.27 -22.45
N TYR D 66 29.20 -21.31 -21.78
CA TYR D 66 27.75 -21.25 -21.72
C TYR D 66 27.12 -20.00 -22.32
N PHE D 67 27.69 -18.85 -22.01
CA PHE D 67 27.15 -17.58 -22.51
C PHE D 67 28.04 -16.92 -23.54
N PRO D 68 27.45 -16.37 -24.61
CA PRO D 68 28.31 -15.70 -25.58
C PRO D 68 28.66 -14.39 -24.87
N ALA D 69 29.38 -13.50 -25.52
CA ALA D 69 29.77 -12.26 -24.88
C ALA D 69 28.68 -11.24 -24.56
N PHE D 70 27.48 -11.37 -25.12
CA PHE D 70 26.46 -10.35 -24.85
C PHE D 70 25.42 -10.53 -23.73
N ALA D 71 25.65 -11.47 -22.81
CA ALA D 71 24.75 -11.62 -21.68
C ALA D 71 25.18 -10.48 -20.74
N CYS D 72 24.26 -9.98 -19.93
CA CYS D 72 24.59 -8.89 -19.01
C CYS D 72 25.77 -9.24 -18.12
N SER D 73 26.55 -8.23 -17.76
CA SER D 73 27.73 -8.41 -16.93
C SER D 73 27.48 -9.07 -15.56
N ILE D 74 26.46 -8.63 -14.85
CA ILE D 74 26.19 -9.21 -13.54
C ILE D 74 25.89 -10.71 -13.64
N MET D 75 25.12 -11.13 -14.65
CA MET D 75 24.84 -12.56 -14.79
C MET D 75 26.05 -13.33 -15.31
N GLN D 76 26.93 -12.65 -16.03
CA GLN D 76 28.13 -13.31 -16.54
C GLN D 76 28.98 -13.63 -15.33
N SER D 77 29.04 -12.69 -14.39
CA SER D 77 29.82 -12.86 -13.15
C SER D 77 29.24 -13.97 -12.29
N CYS D 78 27.93 -13.96 -12.08
CA CYS D 78 27.29 -14.99 -11.29
C CYS D 78 27.62 -16.38 -11.84
N LEU D 79 27.59 -16.52 -13.16
CA LEU D 79 27.88 -17.80 -13.78
C LEU D 79 29.36 -18.19 -13.56
N GLU D 80 30.28 -17.25 -13.76
CA GLU D 80 31.70 -17.54 -13.57
C GLU D 80 31.95 -18.03 -12.15
N TYR D 81 31.45 -17.30 -11.15
CA TYR D 81 31.64 -17.69 -9.76
C TYR D 81 31.08 -19.08 -9.48
N GLY D 82 29.94 -19.38 -10.10
CA GLY D 82 29.32 -20.68 -9.91
C GLY D 82 30.21 -21.80 -10.43
N LEU D 83 30.70 -21.63 -11.65
CA LEU D 83 31.56 -22.64 -12.26
C LEU D 83 32.88 -22.77 -11.51
N LYS D 84 33.31 -21.70 -10.83
CA LYS D 84 34.56 -21.73 -10.07
C LYS D 84 34.37 -22.24 -8.64
N GLY D 85 33.12 -22.59 -8.31
CA GLY D 85 32.84 -23.11 -6.99
C GLY D 85 32.74 -22.09 -5.86
N ALA D 86 32.77 -20.82 -6.20
CA ALA D 86 32.68 -19.76 -5.20
C ALA D 86 31.39 -19.80 -4.39
N TYR D 87 30.37 -20.49 -4.90
CA TYR D 87 29.09 -20.59 -4.18
C TYR D 87 28.87 -22.00 -3.63
N ASP D 88 29.92 -22.81 -3.60
CA ASP D 88 29.78 -24.18 -3.13
C ASP D 88 29.31 -24.37 -1.68
N GLU D 89 29.35 -23.31 -0.88
CA GLU D 89 28.91 -23.40 0.51
C GLU D 89 27.40 -23.31 0.63
N LEU D 90 26.71 -23.13 -0.50
CA LEU D 90 25.26 -23.03 -0.52
C LEU D 90 24.66 -24.40 -0.83
N SER D 91 23.50 -24.68 -0.27
CA SER D 91 22.82 -25.96 -0.51
C SER D 91 21.77 -25.79 -1.60
N GLY D 92 21.68 -24.57 -2.13
CA GLY D 92 20.72 -24.28 -3.18
C GLY D 92 20.68 -22.81 -3.56
N VAL D 93 20.01 -22.51 -4.66
CA VAL D 93 19.86 -21.14 -5.13
C VAL D 93 18.52 -20.96 -5.80
N ILE D 94 17.90 -19.82 -5.55
CA ILE D 94 16.63 -19.49 -6.17
C ILE D 94 17.04 -18.56 -7.29
N ILE D 95 16.70 -18.93 -8.52
CA ILE D 95 17.05 -18.12 -9.67
C ILE D 95 15.77 -17.80 -10.40
N PRO D 96 15.08 -16.73 -9.98
CA PRO D 96 13.82 -16.31 -10.60
C PRO D 96 13.97 -15.95 -12.07
N GLY D 97 13.07 -16.47 -12.89
CA GLY D 97 13.11 -16.19 -14.32
C GLY D 97 12.46 -14.85 -14.62
N MET D 98 13.08 -13.78 -14.15
CA MET D 98 12.53 -12.44 -14.34
C MET D 98 12.76 -11.84 -15.72
N CYS D 99 13.77 -12.34 -16.44
CA CYS D 99 14.10 -11.85 -17.77
C CYS D 99 14.67 -13.01 -18.58
N ASP D 100 14.97 -12.82 -19.86
CA ASP D 100 15.49 -13.93 -20.65
C ASP D 100 16.83 -14.44 -20.13
N THR D 101 17.71 -13.52 -19.73
CA THR D 101 19.02 -13.90 -19.22
C THR D 101 18.97 -14.73 -17.92
N LEU D 102 18.18 -14.30 -16.94
CA LEU D 102 18.06 -15.04 -15.70
C LEU D 102 17.48 -16.44 -15.99
N ILE D 103 16.60 -16.52 -16.98
CA ILE D 103 16.00 -17.78 -17.36
C ILE D 103 17.04 -18.74 -17.95
N CYS D 104 17.84 -18.25 -18.89
CA CYS D 104 18.86 -19.07 -19.53
C CYS D 104 19.94 -19.46 -18.52
N LEU D 105 20.14 -18.63 -17.51
CA LEU D 105 21.11 -18.92 -16.48
C LEU D 105 20.60 -20.14 -15.70
N GLY D 106 19.32 -20.12 -15.36
CA GLY D 106 18.74 -21.24 -14.62
C GLY D 106 18.91 -22.55 -15.38
N GLN D 107 18.60 -22.53 -16.67
CA GLN D 107 18.70 -23.72 -17.51
C GLN D 107 20.13 -24.19 -17.66
N ASN D 108 21.05 -23.25 -17.91
CA ASN D 108 22.46 -23.60 -18.06
C ASN D 108 23.00 -24.14 -16.73
N TRP D 109 22.55 -23.52 -15.64
CA TRP D 109 22.97 -23.89 -14.31
C TRP D 109 22.78 -25.36 -13.97
N LYS D 110 21.62 -25.91 -14.30
CA LYS D 110 21.36 -27.31 -14.02
C LYS D 110 22.50 -28.19 -14.51
N SER D 111 23.04 -27.87 -15.68
CA SER D 111 24.15 -28.65 -16.23
C SER D 111 25.50 -28.22 -15.68
N ALA D 112 25.76 -26.92 -15.70
CA ALA D 112 27.04 -26.37 -15.25
C ALA D 112 27.33 -26.59 -13.76
N VAL D 113 26.40 -26.24 -12.90
CA VAL D 113 26.58 -26.41 -11.46
C VAL D 113 25.56 -27.44 -10.93
N PRO D 114 25.79 -28.71 -11.25
CA PRO D 114 24.88 -29.78 -10.82
C PRO D 114 24.75 -29.98 -9.31
N HIS D 115 25.84 -29.77 -8.58
CA HIS D 115 25.82 -29.96 -7.13
C HIS D 115 25.03 -28.94 -6.33
N ILE D 116 24.83 -27.75 -6.88
CA ILE D 116 24.07 -26.74 -6.15
C ILE D 116 22.66 -26.71 -6.74
N LYS D 117 21.69 -27.15 -5.96
CA LYS D 117 20.30 -27.22 -6.41
C LYS D 117 19.69 -25.91 -6.87
N TYR D 118 19.11 -25.94 -8.07
CA TYR D 118 18.44 -24.78 -8.65
C TYR D 118 16.95 -24.87 -8.38
N ILE D 119 16.44 -23.86 -7.68
CA ILE D 119 15.02 -23.80 -7.37
C ILE D 119 14.35 -22.84 -8.35
N SER D 120 13.38 -23.34 -9.11
CA SER D 120 12.69 -22.51 -10.09
C SER D 120 11.66 -21.57 -9.46
N LEU D 121 11.39 -20.48 -10.14
CA LEU D 121 10.43 -19.48 -9.68
C LEU D 121 10.21 -18.41 -10.74
N VAL D 122 8.98 -18.28 -11.21
CA VAL D 122 8.66 -17.29 -12.23
C VAL D 122 7.53 -16.39 -11.75
N HIS D 123 7.86 -15.17 -11.34
CA HIS D 123 6.84 -14.22 -10.87
C HIS D 123 5.88 -13.93 -12.03
N PRO D 124 4.59 -13.73 -11.73
CA PRO D 124 3.61 -13.45 -12.78
C PRO D 124 3.63 -11.99 -13.22
N GLN D 125 3.50 -11.78 -14.52
CA GLN D 125 3.49 -10.43 -15.09
C GLN D 125 2.16 -9.78 -14.69
N ASN D 126 1.06 -10.50 -14.91
CA ASN D 126 -0.25 -10.01 -14.53
C ASN D 126 -0.35 -10.22 -13.03
N ARG D 127 0.53 -9.55 -12.31
CA ARG D 127 0.63 -9.67 -10.87
C ARG D 127 -0.51 -9.03 -10.07
N LYS D 128 -1.37 -8.25 -10.73
CA LYS D 128 -2.47 -7.63 -10.01
C LYS D 128 -3.79 -8.38 -10.22
N LEU D 129 -3.74 -9.45 -11.01
CA LEU D 129 -4.92 -10.26 -11.23
C LEU D 129 -4.96 -11.31 -10.12
N GLU D 130 -6.14 -11.58 -9.59
CA GLU D 130 -6.27 -12.58 -8.55
C GLU D 130 -5.65 -13.89 -9.01
N ALA D 131 -5.87 -14.25 -10.28
CA ALA D 131 -5.29 -15.46 -10.83
C ALA D 131 -3.76 -15.36 -10.77
N GLY D 132 -3.24 -14.14 -10.93
CA GLY D 132 -1.81 -13.95 -10.85
C GLY D 132 -1.34 -14.33 -9.46
N VAL D 133 -2.00 -13.77 -8.45
CA VAL D 133 -1.69 -14.06 -7.05
C VAL D 133 -1.75 -15.56 -6.79
N LYS D 134 -2.90 -16.15 -7.10
CA LYS D 134 -3.13 -17.58 -6.94
C LYS D 134 -1.99 -18.37 -7.59
N TYR D 135 -1.61 -17.98 -8.80
CA TYR D 135 -0.51 -18.66 -9.51
C TYR D 135 0.80 -18.51 -8.74
N LEU D 136 1.07 -17.30 -8.24
CA LEU D 136 2.32 -17.04 -7.52
C LEU D 136 2.39 -17.81 -6.20
N ILE D 137 1.24 -18.04 -5.58
CA ILE D 137 1.19 -18.79 -4.33
C ILE D 137 1.67 -20.21 -4.62
N SER D 138 1.19 -20.77 -5.73
CA SER D 138 1.59 -22.11 -6.12
C SER D 138 3.11 -22.12 -6.31
N GLU D 139 3.63 -21.15 -7.06
CA GLU D 139 5.07 -21.05 -7.27
C GLU D 139 5.80 -21.07 -5.93
N TYR D 140 5.22 -20.41 -4.94
CA TYR D 140 5.82 -20.34 -3.60
C TYR D 140 5.70 -21.65 -2.86
N LYS D 141 4.59 -22.37 -3.04
CA LYS D 141 4.45 -23.65 -2.37
C LYS D 141 5.50 -24.56 -2.97
N GLY D 142 5.76 -24.36 -4.26
CA GLY D 142 6.77 -25.15 -4.94
C GLY D 142 8.15 -24.86 -4.38
N VAL D 143 8.43 -23.58 -4.15
CA VAL D 143 9.71 -23.17 -3.58
C VAL D 143 9.83 -23.68 -2.15
N LYS D 144 8.72 -23.65 -1.43
CA LYS D 144 8.67 -24.11 -0.05
C LYS D 144 9.08 -25.58 0.01
N ARG D 145 8.40 -26.42 -0.76
CA ARG D 145 8.70 -27.85 -0.77
C ARG D 145 10.16 -28.08 -1.11
N GLU D 146 10.63 -27.42 -2.16
CA GLU D 146 12.02 -27.56 -2.60
C GLU D 146 12.96 -27.21 -1.44
N LEU D 147 12.58 -26.21 -0.65
CA LEU D 147 13.40 -25.78 0.48
C LEU D 147 13.29 -26.76 1.65
N GLU D 148 12.13 -27.34 1.83
CA GLU D 148 11.92 -28.29 2.92
C GLU D 148 12.66 -29.60 2.69
N GLU D 149 12.89 -29.94 1.43
CA GLU D 149 13.61 -31.16 1.07
C GLU D 149 15.08 -30.95 1.36
N ILE D 150 15.54 -29.71 1.17
CA ILE D 150 16.93 -29.38 1.41
C ILE D 150 17.26 -29.45 2.91
N CYS D 151 16.55 -28.66 3.72
CA CYS D 151 16.79 -28.64 5.16
C CYS D 151 16.41 -29.93 5.89
N GLY D 152 15.44 -30.67 5.33
CA GLY D 152 15.03 -31.93 5.93
C GLY D 152 13.82 -31.89 6.85
N TYR D 153 13.34 -30.70 7.18
CA TYR D 153 12.19 -30.58 8.06
C TYR D 153 11.13 -29.65 7.48
N GLU D 154 9.90 -29.77 7.98
CA GLU D 154 8.79 -28.94 7.52
C GLU D 154 8.93 -27.49 7.96
N ILE D 155 8.42 -26.59 7.12
CA ILE D 155 8.45 -25.15 7.40
C ILE D 155 7.02 -24.76 7.78
N GLU D 156 6.79 -24.54 9.07
CA GLU D 156 5.48 -24.20 9.60
C GLU D 156 4.90 -22.85 9.17
N GLU D 157 3.59 -22.81 9.03
CA GLU D 157 2.87 -21.61 8.62
C GLU D 157 3.12 -20.46 9.60
N ALA D 158 3.04 -20.74 10.89
CA ALA D 158 3.25 -19.74 11.92
C ALA D 158 4.64 -19.12 11.86
N LYS D 159 5.64 -19.92 11.55
CA LYS D 159 7.01 -19.42 11.47
C LYS D 159 7.27 -18.53 10.25
N ILE D 160 6.50 -18.72 9.18
CA ILE D 160 6.67 -17.89 7.99
C ILE D 160 6.05 -16.54 8.32
N HIS D 161 4.87 -16.57 8.95
CA HIS D 161 4.20 -15.33 9.35
C HIS D 161 5.18 -14.56 10.24
N GLU D 162 5.82 -15.25 11.16
CA GLU D 162 6.78 -14.62 12.04
C GLU D 162 7.94 -14.02 11.24
N SER D 163 8.40 -14.74 10.22
CA SER D 163 9.49 -14.26 9.38
C SER D 163 9.06 -13.04 8.56
N ILE D 164 7.77 -12.95 8.25
CA ILE D 164 7.28 -11.80 7.51
C ILE D 164 7.37 -10.55 8.40
N GLU D 165 7.09 -10.72 9.69
CA GLU D 165 7.15 -9.59 10.62
C GLU D 165 8.58 -9.07 10.74
N VAL D 166 9.52 -9.99 10.86
CA VAL D 166 10.93 -9.61 10.97
C VAL D 166 11.38 -8.83 9.75
N TYR D 167 10.91 -9.26 8.58
CA TYR D 167 11.27 -8.61 7.33
C TYR D 167 10.61 -7.25 7.13
N ASN D 168 9.36 -7.11 7.51
CA ASN D 168 8.70 -5.82 7.36
C ASN D 168 9.35 -4.83 8.32
N GLU D 169 9.81 -5.33 9.46
CA GLU D 169 10.48 -4.50 10.45
C GLU D 169 11.83 -4.04 9.89
N HIS D 170 12.52 -4.95 9.22
CA HIS D 170 13.80 -4.61 8.62
C HIS D 170 13.58 -3.55 7.54
N ARG D 171 12.56 -3.74 6.71
CA ARG D 171 12.28 -2.79 5.64
C ARG D 171 12.00 -1.41 6.22
N LYS D 172 11.19 -1.33 7.27
CA LYS D 172 10.88 -0.04 7.86
C LYS D 172 12.14 0.62 8.42
N THR D 173 13.03 -0.20 8.97
CA THR D 173 14.28 0.34 9.52
C THR D 173 15.15 0.86 8.39
N MET D 174 15.14 0.16 7.26
CA MET D 174 15.94 0.60 6.12
C MET D 174 15.39 1.93 5.58
N ARG D 175 14.07 2.03 5.50
CA ARG D 175 13.45 3.26 5.02
C ARG D 175 13.77 4.40 5.99
N ASP D 176 13.94 4.06 7.26
CA ASP D 176 14.25 5.07 8.25
C ASP D 176 15.69 5.49 7.99
N PHE D 177 16.57 4.52 7.81
CA PHE D 177 17.97 4.84 7.54
C PHE D 177 18.12 5.77 6.33
N VAL D 178 17.27 5.59 5.31
CA VAL D 178 17.34 6.43 4.12
C VAL D 178 17.19 7.90 4.49
N GLU D 179 16.18 8.18 5.31
CA GLU D 179 15.92 9.54 5.74
C GLU D 179 17.03 10.10 6.62
N VAL D 180 17.51 9.27 7.55
CA VAL D 180 18.58 9.69 8.45
C VAL D 180 19.83 10.08 7.65
N ALA D 181 20.22 9.24 6.70
CA ALA D 181 21.39 9.50 5.89
C ALA D 181 21.18 10.76 5.08
N TYR D 182 19.96 10.94 4.58
CA TYR D 182 19.60 12.14 3.82
C TYR D 182 19.80 13.37 4.69
N LYS D 183 19.41 13.27 5.97
CA LYS D 183 19.57 14.39 6.88
C LYS D 183 21.02 14.52 7.37
N HIS D 184 21.90 13.70 6.80
CA HIS D 184 23.33 13.71 7.15
C HIS D 184 24.12 13.33 5.90
N SER D 185 23.81 14.00 4.80
CA SER D 185 24.45 13.74 3.51
C SER D 185 25.97 13.93 3.44
N ASN D 186 26.56 14.58 4.43
CA ASN D 186 28.00 14.77 4.42
C ASN D 186 28.71 13.66 5.15
N THR D 187 28.14 13.23 6.27
CA THR D 187 28.74 12.13 7.02
C THR D 187 28.57 10.86 6.21
N ILE D 188 27.33 10.52 5.86
CA ILE D 188 27.06 9.32 5.09
C ILE D 188 27.50 9.43 3.64
N LYS D 189 28.76 9.07 3.37
CA LYS D 189 29.29 9.12 2.01
C LYS D 189 28.67 8.02 1.16
N PRO D 190 28.67 8.21 -0.17
CA PRO D 190 28.09 7.20 -1.07
C PRO D 190 28.54 5.79 -0.75
N SER D 191 29.82 5.63 -0.41
CA SER D 191 30.37 4.34 -0.08
C SER D 191 29.84 3.81 1.25
N ILE D 192 29.55 4.72 2.18
CA ILE D 192 29.03 4.32 3.48
C ILE D 192 27.60 3.85 3.31
N ARG D 193 26.82 4.65 2.58
CA ARG D 193 25.43 4.33 2.32
C ARG D 193 25.28 2.94 1.74
N SER D 194 26.07 2.64 0.72
CA SER D 194 26.03 1.35 0.04
C SER D 194 26.38 0.20 0.97
N LEU D 195 27.42 0.40 1.77
CA LEU D 195 27.86 -0.62 2.71
C LEU D 195 26.75 -0.93 3.72
N VAL D 196 26.15 0.11 4.27
CA VAL D 196 25.10 -0.05 5.26
C VAL D 196 23.93 -0.89 4.72
N ILE D 197 23.56 -0.65 3.46
CA ILE D 197 22.43 -1.36 2.86
C ILE D 197 22.80 -2.77 2.36
N LYS D 198 23.90 -2.86 1.62
CA LYS D 198 24.35 -4.12 1.04
C LYS D 198 24.64 -5.17 2.11
N SER D 199 25.11 -4.72 3.27
CA SER D 199 25.44 -5.64 4.35
C SER D 199 24.23 -6.49 4.76
N GLY D 200 23.02 -6.04 4.46
CA GLY D 200 21.83 -6.80 4.81
C GLY D 200 21.67 -8.12 4.05
N PHE D 201 22.46 -8.30 3.00
CA PHE D 201 22.40 -9.50 2.17
C PHE D 201 23.22 -10.67 2.72
N PHE D 202 24.08 -10.40 3.69
CA PHE D 202 24.96 -11.44 4.23
C PHE D 202 24.84 -11.76 5.72
N MET D 203 23.67 -11.52 6.30
CA MET D 203 23.43 -11.81 7.71
C MET D 203 21.93 -11.86 7.90
N ARG D 204 21.47 -12.54 8.95
CA ARG D 204 20.05 -12.65 9.22
C ARG D 204 19.51 -11.23 9.31
N LYS D 205 18.30 -10.99 8.79
CA LYS D 205 17.73 -9.65 8.84
C LYS D 205 17.58 -9.11 10.26
N GLU D 206 17.03 -9.90 11.18
CA GLU D 206 16.84 -9.48 12.56
C GLU D 206 18.14 -8.87 13.11
N GLU D 207 19.24 -9.52 12.78
CA GLU D 207 20.57 -9.10 13.20
C GLU D 207 20.98 -7.79 12.53
N HIS D 208 20.66 -7.66 11.25
CA HIS D 208 20.98 -6.46 10.48
C HIS D 208 20.11 -5.31 10.98
N THR D 209 18.86 -5.61 11.29
CA THR D 209 17.91 -4.60 11.80
C THR D 209 18.45 -3.90 13.05
N GLU D 210 19.11 -4.64 13.94
CA GLU D 210 19.66 -4.04 15.15
C GLU D 210 20.90 -3.21 14.87
N LEU D 211 21.77 -3.71 14.01
CA LEU D 211 22.98 -2.98 13.66
C LEU D 211 22.63 -1.63 13.03
N VAL D 212 21.53 -1.59 12.28
CA VAL D 212 21.12 -0.35 11.62
C VAL D 212 20.44 0.62 12.58
N LYS D 213 19.62 0.08 13.48
CA LYS D 213 18.95 0.91 14.47
C LYS D 213 20.01 1.60 15.32
N ASP D 214 21.02 0.85 15.76
CA ASP D 214 22.11 1.40 16.58
C ASP D 214 22.85 2.51 15.86
N LEU D 215 23.00 2.35 14.54
CA LEU D 215 23.71 3.32 13.71
C LEU D 215 22.81 4.55 13.52
N ILE D 216 21.51 4.32 13.48
CA ILE D 216 20.55 5.41 13.32
C ILE D 216 20.57 6.25 14.60
N ALA D 217 20.61 5.59 15.74
CA ALA D 217 20.65 6.28 17.02
C ALA D 217 21.86 7.22 17.09
N LYS D 218 23.01 6.73 16.62
CA LYS D 218 24.25 7.51 16.63
C LYS D 218 24.12 8.74 15.76
N LEU D 219 23.56 8.57 14.56
CA LEU D 219 23.41 9.68 13.64
C LEU D 219 22.36 10.69 14.09
N ASN D 220 21.28 10.22 14.70
CA ASN D 220 20.24 11.11 15.19
C ASN D 220 20.83 12.08 16.20
N ALA D 221 21.73 11.58 17.04
CA ALA D 221 22.36 12.41 18.06
C ALA D 221 23.21 13.50 17.41
N MET D 222 23.56 13.30 16.15
CA MET D 222 24.37 14.26 15.41
C MET D 222 23.51 15.33 14.78
N PRO D 223 24.05 16.55 14.67
CA PRO D 223 23.33 17.68 14.07
C PRO D 223 23.04 17.43 12.59
N GLU D 224 21.88 17.87 12.12
CA GLU D 224 21.53 17.70 10.73
C GLU D 224 22.60 18.43 9.93
N GLU D 225 22.80 18.01 8.69
CA GLU D 225 23.82 18.63 7.86
C GLU D 225 23.27 19.13 6.56
N VAL D 226 23.88 20.20 6.04
CA VAL D 226 23.49 20.76 4.76
C VAL D 226 24.54 20.20 3.82
N CYS D 227 24.10 19.57 2.74
CA CYS D 227 25.04 18.97 1.80
C CYS D 227 26.04 19.97 1.29
N SER D 228 27.31 19.66 1.49
CA SER D 228 28.38 20.55 1.04
C SER D 228 28.58 20.46 -0.47
N GLY D 229 28.08 19.38 -1.07
CA GLY D 229 28.22 19.20 -2.51
C GLY D 229 26.88 19.04 -3.22
N LYS D 230 26.86 18.19 -4.25
CA LYS D 230 25.63 17.95 -5.00
C LYS D 230 24.97 16.63 -4.63
N LYS D 231 23.65 16.62 -4.63
CA LYS D 231 22.88 15.43 -4.30
C LYS D 231 22.35 14.76 -5.56
N VAL D 232 22.45 13.44 -5.61
CA VAL D 232 21.95 12.70 -6.76
C VAL D 232 21.12 11.50 -6.31
N LEU D 233 20.47 10.86 -7.27
CA LEU D 233 19.68 9.66 -7.01
C LEU D 233 20.21 8.63 -8.01
N LEU D 234 20.56 7.44 -7.51
CA LEU D 234 21.06 6.40 -8.40
C LEU D 234 19.92 5.43 -8.76
N THR D 235 19.78 5.14 -10.05
CA THR D 235 18.75 4.21 -10.51
C THR D 235 19.36 3.18 -11.45
N GLY D 236 18.99 1.92 -11.24
CA GLY D 236 19.50 0.83 -12.06
C GLY D 236 19.58 -0.47 -11.26
N ILE D 237 20.29 -1.45 -11.80
CA ILE D 237 20.42 -2.74 -11.12
C ILE D 237 21.27 -2.61 -9.87
N LEU D 238 22.48 -2.07 -10.01
CA LEU D 238 23.35 -1.86 -8.84
C LEU D 238 24.48 -0.87 -9.12
N ALA D 239 25.07 -0.36 -8.04
CA ALA D 239 26.17 0.59 -8.12
C ALA D 239 26.94 0.43 -6.81
N ASP D 240 27.60 -0.71 -6.66
CA ASP D 240 28.34 -1.02 -5.44
C ASP D 240 29.84 -1.16 -5.64
N SER D 241 30.31 -0.95 -6.86
CA SER D 241 31.75 -1.07 -7.11
C SER D 241 32.47 0.09 -6.45
N LYS D 242 33.62 -0.19 -5.84
CA LYS D 242 34.39 0.84 -5.16
C LYS D 242 34.78 2.01 -6.07
N ASP D 243 35.24 1.69 -7.28
CA ASP D 243 35.64 2.72 -8.22
C ASP D 243 34.54 3.72 -8.51
N ILE D 244 33.32 3.23 -8.71
CA ILE D 244 32.21 4.13 -9.00
C ILE D 244 31.89 5.02 -7.81
N LEU D 245 31.83 4.43 -6.62
CA LEU D 245 31.52 5.17 -5.42
C LEU D 245 32.60 6.18 -5.05
N ASP D 246 33.84 5.88 -5.39
CA ASP D 246 34.94 6.80 -5.10
C ASP D 246 34.84 7.99 -6.02
N ILE D 247 34.38 7.76 -7.25
CA ILE D 247 34.26 8.84 -8.21
C ILE D 247 33.26 9.86 -7.71
N LEU D 248 32.12 9.38 -7.24
CA LEU D 248 31.08 10.26 -6.72
C LEU D 248 31.67 11.05 -5.56
N GLU D 249 32.27 10.33 -4.62
CA GLU D 249 32.85 10.97 -3.45
C GLU D 249 33.94 11.98 -3.81
N ASP D 250 34.80 11.64 -4.78
CA ASP D 250 35.85 12.56 -5.17
C ASP D 250 35.31 13.82 -5.84
N ASN D 251 34.07 13.76 -6.34
CA ASN D 251 33.45 14.92 -6.96
C ASN D 251 32.50 15.56 -5.94
N ASN D 252 32.67 15.17 -4.68
CA ASN D 252 31.85 15.68 -3.58
C ASN D 252 30.36 15.55 -3.88
N ILE D 253 29.97 14.41 -4.43
CA ILE D 253 28.56 14.17 -4.73
C ILE D 253 28.03 13.26 -3.65
N SER D 254 26.79 13.50 -3.25
CA SER D 254 26.20 12.68 -2.22
C SER D 254 24.95 11.94 -2.70
N VAL D 255 24.86 10.66 -2.35
CA VAL D 255 23.71 9.83 -2.71
C VAL D 255 22.74 9.88 -1.53
N VAL D 256 21.58 10.50 -1.74
CA VAL D 256 20.57 10.63 -0.69
C VAL D 256 19.29 9.86 -1.02
N ALA D 257 19.29 9.14 -2.14
CA ALA D 257 18.15 8.34 -2.56
C ALA D 257 18.58 7.41 -3.69
N ASP D 258 17.81 6.35 -3.91
CA ASP D 258 18.14 5.41 -4.97
C ASP D 258 16.96 4.58 -5.45
N ASP D 259 17.06 4.13 -6.69
CA ASP D 259 16.08 3.25 -7.29
C ASP D 259 16.93 2.13 -7.87
N LEU D 260 17.80 1.58 -7.02
CA LEU D 260 18.69 0.49 -7.41
C LEU D 260 18.07 -0.85 -7.02
N ALA D 261 18.13 -1.82 -7.92
CA ALA D 261 17.54 -3.13 -7.64
C ALA D 261 18.19 -3.78 -6.41
N GLN D 262 19.49 -3.53 -6.22
CA GLN D 262 20.22 -4.09 -5.08
C GLN D 262 19.95 -3.33 -3.80
N GLU D 263 19.22 -2.23 -3.87
CA GLU D 263 18.98 -1.44 -2.67
C GLU D 263 17.55 -1.15 -2.25
N THR D 264 17.13 0.11 -2.40
CA THR D 264 15.80 0.51 -2.00
C THR D 264 14.65 -0.29 -2.59
N ARG D 265 14.86 -0.89 -3.76
CA ARG D 265 13.78 -1.70 -4.36
C ARG D 265 13.50 -2.93 -3.49
N GLN D 266 14.46 -3.30 -2.64
CA GLN D 266 14.31 -4.46 -1.77
C GLN D 266 13.45 -4.23 -0.54
N PHE D 267 13.48 -3.02 0.00
CA PHE D 267 12.71 -2.71 1.20
C PHE D 267 11.73 -1.56 1.02
N ARG D 268 11.45 -1.24 -0.23
CA ARG D 268 10.56 -0.14 -0.60
C ARG D 268 9.08 -0.47 -0.40
N THR D 269 8.74 -1.75 -0.48
CA THR D 269 7.35 -2.19 -0.36
C THR D 269 7.22 -3.34 0.64
N ASP D 270 6.37 -3.18 1.65
CA ASP D 270 6.20 -4.22 2.65
C ASP D 270 5.24 -5.32 2.21
N VAL D 271 5.32 -6.44 2.92
CA VAL D 271 4.45 -7.57 2.65
C VAL D 271 3.10 -7.22 3.26
N PRO D 272 2.02 -7.24 2.47
CA PRO D 272 0.69 -6.93 3.01
C PRO D 272 0.32 -7.92 4.12
N ALA D 273 -0.64 -7.56 4.97
CA ALA D 273 -1.06 -8.44 6.05
C ALA D 273 -2.03 -9.49 5.52
N GLY D 274 -2.28 -10.53 6.32
CA GLY D 274 -3.19 -11.57 5.91
C GLY D 274 -3.13 -12.81 6.78
N ASP D 275 -4.14 -13.68 6.67
CA ASP D 275 -4.18 -14.90 7.47
C ASP D 275 -3.34 -16.02 6.86
N ASP D 276 -3.13 -15.95 5.54
CA ASP D 276 -2.33 -16.94 4.85
C ASP D 276 -0.96 -16.33 4.51
N ALA D 277 0.09 -16.92 5.07
CA ALA D 277 1.46 -16.44 4.86
C ALA D 277 1.92 -16.37 3.41
N LEU D 278 1.77 -17.47 2.66
CA LEU D 278 2.21 -17.44 1.27
C LEU D 278 1.38 -16.45 0.45
N GLU D 279 0.13 -16.25 0.84
CA GLU D 279 -0.71 -15.30 0.14
C GLU D 279 -0.19 -13.89 0.41
N ARG D 280 0.35 -13.66 1.60
CA ARG D 280 0.90 -12.36 1.95
C ARG D 280 2.09 -12.05 1.06
N LEU D 281 3.00 -13.01 0.95
CA LEU D 281 4.18 -12.84 0.12
C LEU D 281 3.81 -12.59 -1.34
N ALA D 282 2.82 -13.33 -1.81
CA ALA D 282 2.38 -13.18 -3.18
C ALA D 282 1.84 -11.78 -3.48
N ARG D 283 1.10 -11.21 -2.53
CA ARG D 283 0.52 -9.88 -2.74
C ARG D 283 1.50 -8.72 -2.67
N GLN D 284 2.67 -8.95 -2.08
CA GLN D 284 3.68 -7.90 -2.03
C GLN D 284 4.11 -7.67 -3.49
N TRP D 285 4.19 -8.76 -4.26
CA TRP D 285 4.59 -8.68 -5.67
C TRP D 285 3.59 -7.87 -6.48
N SER D 286 2.34 -7.82 -6.00
CA SER D 286 1.30 -7.04 -6.66
C SER D 286 1.53 -5.57 -6.30
N ASN D 287 2.13 -5.35 -5.14
CA ASN D 287 2.38 -4.00 -4.62
C ASN D 287 3.64 -3.29 -5.09
N ILE D 288 4.62 -4.06 -5.56
CA ILE D 288 5.86 -3.47 -6.04
C ILE D 288 5.58 -2.57 -7.23
N GLU D 289 6.24 -1.41 -7.27
CA GLU D 289 6.06 -0.44 -8.35
C GLU D 289 7.39 0.19 -8.72
N GLY D 290 7.41 0.86 -9.87
CA GLY D 290 8.62 1.54 -10.31
C GLY D 290 9.85 0.66 -10.52
N CYS D 291 9.66 -0.56 -11.02
CA CYS D 291 10.78 -1.44 -11.25
C CYS D 291 10.79 -1.89 -12.69
N SER D 292 11.99 -2.04 -13.26
CA SER D 292 12.09 -2.48 -14.64
C SER D 292 11.65 -3.95 -14.80
N LEU D 293 11.69 -4.72 -13.72
CA LEU D 293 11.30 -6.12 -13.77
C LEU D 293 9.84 -6.37 -13.36
N ALA D 294 9.15 -5.32 -12.91
CA ALA D 294 7.75 -5.48 -12.49
C ALA D 294 6.84 -4.86 -13.52
N TYR D 295 6.08 -5.72 -14.20
CA TYR D 295 5.15 -5.31 -15.26
C TYR D 295 4.32 -4.09 -14.88
N ASP D 296 4.29 -3.11 -15.79
CA ASP D 296 3.51 -1.89 -15.60
C ASP D 296 3.42 -1.09 -16.90
N PRO D 297 2.33 -1.25 -17.65
CA PRO D 297 2.12 -0.54 -18.92
C PRO D 297 2.23 0.99 -18.76
N LYS D 298 2.04 1.45 -17.53
CA LYS D 298 2.10 2.87 -17.23
C LYS D 298 3.50 3.40 -16.96
N LYS D 299 4.45 2.49 -16.72
CA LYS D 299 5.83 2.85 -16.44
C LYS D 299 5.89 4.03 -15.48
N LYS D 300 5.39 3.82 -14.27
CA LYS D 300 5.39 4.85 -13.23
C LYS D 300 6.77 5.10 -12.63
N ARG D 301 7.72 4.24 -12.94
CA ARG D 301 9.08 4.38 -12.42
C ARG D 301 9.61 5.82 -12.58
N GLY D 302 9.39 6.42 -13.74
CA GLY D 302 9.85 7.77 -13.99
C GLY D 302 9.25 8.78 -13.04
N SER D 303 7.93 8.70 -12.85
CA SER D 303 7.25 9.62 -11.94
C SER D 303 7.70 9.38 -10.49
N LEU D 304 7.77 8.12 -10.09
CA LEU D 304 8.19 7.79 -8.74
C LEU D 304 9.55 8.38 -8.43
N ILE D 305 10.45 8.34 -9.41
CA ILE D 305 11.78 8.90 -9.23
C ILE D 305 11.71 10.42 -9.07
N VAL D 306 10.91 11.07 -9.92
CA VAL D 306 10.75 12.52 -9.86
C VAL D 306 10.25 12.92 -8.46
N ASP D 307 9.29 12.17 -7.95
CA ASP D 307 8.72 12.42 -6.63
C ASP D 307 9.80 12.43 -5.56
N GLU D 308 10.67 11.42 -5.61
CA GLU D 308 11.74 11.29 -4.63
C GLU D 308 12.77 12.42 -4.78
N VAL D 309 13.00 12.82 -6.02
CA VAL D 309 13.95 13.88 -6.32
C VAL D 309 13.46 15.20 -5.72
N LYS D 310 12.16 15.43 -5.79
CA LYS D 310 11.62 16.68 -5.24
C LYS D 310 11.48 16.64 -3.72
N LYS D 311 11.26 15.45 -3.16
CA LYS D 311 11.13 15.31 -1.71
C LYS D 311 12.46 15.60 -1.02
N LYS D 312 13.57 15.33 -1.69
CA LYS D 312 14.88 15.53 -1.09
C LYS D 312 15.76 16.57 -1.78
N ASP D 313 15.16 17.43 -2.61
CA ASP D 313 15.89 18.47 -3.33
C ASP D 313 17.13 17.93 -4.03
N ILE D 314 16.98 16.77 -4.66
CA ILE D 314 18.08 16.13 -5.36
C ILE D 314 18.46 16.96 -6.60
N ASP D 315 19.76 17.12 -6.82
CA ASP D 315 20.28 17.92 -7.94
C ASP D 315 20.34 17.20 -9.28
N GLY D 316 20.55 15.89 -9.25
CA GLY D 316 20.63 15.14 -10.50
C GLY D 316 20.32 13.66 -10.32
N VAL D 317 20.02 12.99 -11.43
CA VAL D 317 19.73 11.56 -11.39
C VAL D 317 20.75 10.83 -12.25
N ILE D 318 21.33 9.77 -11.70
CA ILE D 318 22.31 9.03 -12.46
C ILE D 318 21.88 7.59 -12.76
N PHE D 319 21.75 7.30 -14.06
CA PHE D 319 21.38 5.97 -14.51
C PHE D 319 22.65 5.10 -14.47
N CYS D 320 22.65 4.12 -13.58
CA CYS D 320 23.78 3.21 -13.48
C CYS D 320 23.35 2.03 -14.35
N MET D 321 23.64 2.14 -15.63
CA MET D 321 23.25 1.15 -16.61
C MET D 321 24.09 -0.11 -16.65
N MET D 322 23.51 -1.22 -16.18
CA MET D 322 24.21 -2.50 -16.19
C MET D 322 24.49 -2.88 -17.63
N LYS D 323 25.73 -3.23 -17.92
CA LYS D 323 26.11 -3.61 -19.26
C LYS D 323 25.23 -4.72 -19.84
N PHE D 324 24.62 -4.41 -20.97
CA PHE D 324 23.74 -5.30 -21.71
C PHE D 324 22.47 -5.77 -21.02
N CYS D 325 21.90 -4.93 -20.16
CA CYS D 325 20.67 -5.30 -19.47
C CYS D 325 19.51 -4.81 -20.33
N ASP D 326 18.81 -5.71 -21.02
CA ASP D 326 17.72 -5.27 -21.88
C ASP D 326 16.53 -4.62 -21.15
N PRO D 327 16.19 -5.13 -19.96
CA PRO D 327 15.06 -4.48 -19.27
C PRO D 327 15.36 -2.99 -18.99
N GLU D 328 16.51 -2.70 -18.41
CA GLU D 328 16.88 -1.33 -18.12
C GLU D 328 17.01 -0.54 -19.41
N GLU D 329 17.61 -1.15 -20.43
CA GLU D 329 17.77 -0.49 -21.73
C GLU D 329 16.43 -0.07 -22.35
N TYR D 330 15.41 -0.93 -22.25
CA TYR D 330 14.08 -0.59 -22.77
C TYR D 330 13.49 0.60 -22.01
N ASP D 331 13.63 0.60 -20.69
CA ASP D 331 13.11 1.67 -19.85
C ASP D 331 13.76 3.06 -20.07
N TYR D 332 15.08 3.08 -20.19
CA TYR D 332 15.84 4.32 -20.30
C TYR D 332 15.25 5.54 -21.04
N PRO D 333 14.98 5.43 -22.35
CA PRO D 333 14.43 6.58 -23.06
C PRO D 333 13.20 7.25 -22.46
N LEU D 334 12.20 6.45 -22.07
CA LEU D 334 10.98 7.00 -21.51
C LEU D 334 11.14 7.45 -20.06
N VAL D 335 11.87 6.68 -19.27
CA VAL D 335 12.09 7.04 -17.88
C VAL D 335 12.92 8.33 -17.84
N ARG D 336 13.96 8.40 -18.66
CA ARG D 336 14.77 9.62 -18.68
C ARG D 336 13.92 10.82 -19.05
N LYS D 337 12.99 10.63 -19.98
CA LYS D 337 12.12 11.72 -20.41
C LYS D 337 11.25 12.27 -19.28
N ASP D 338 10.59 11.39 -18.52
CA ASP D 338 9.75 11.84 -17.43
C ASP D 338 10.54 12.70 -16.45
N ILE D 339 11.78 12.30 -16.21
CA ILE D 339 12.62 13.02 -15.26
C ILE D 339 13.10 14.38 -15.78
N GLU D 340 13.63 14.42 -16.99
CA GLU D 340 14.09 15.67 -17.55
C GLU D 340 12.89 16.55 -17.86
N ASP D 341 11.74 15.94 -18.12
CA ASP D 341 10.53 16.71 -18.41
C ASP D 341 10.15 17.52 -17.18
N SER D 342 10.67 17.13 -16.03
CA SER D 342 10.39 17.86 -14.79
C SER D 342 11.54 18.79 -14.48
N GLY D 343 12.40 19.02 -15.48
CA GLY D 343 13.54 19.89 -15.29
C GLY D 343 14.68 19.30 -14.49
N ILE D 344 14.73 17.98 -14.41
CA ILE D 344 15.80 17.29 -13.66
C ILE D 344 16.83 16.68 -14.60
N PRO D 345 18.10 17.08 -14.48
CA PRO D 345 19.22 16.59 -15.30
C PRO D 345 19.60 15.14 -15.01
N THR D 346 19.94 14.39 -16.06
CA THR D 346 20.30 13.00 -15.87
C THR D 346 21.64 12.65 -16.51
N LEU D 347 22.29 11.61 -15.99
CA LEU D 347 23.56 11.16 -16.51
C LEU D 347 23.50 9.67 -16.82
N TYR D 348 24.24 9.25 -17.85
CA TYR D 348 24.29 7.85 -18.22
C TYR D 348 25.68 7.34 -17.91
N VAL D 349 25.76 6.30 -17.10
CA VAL D 349 27.04 5.71 -16.75
C VAL D 349 26.89 4.19 -16.82
N GLU D 350 27.77 3.56 -17.60
CA GLU D 350 27.71 2.13 -17.77
C GLU D 350 28.38 1.40 -16.61
N ILE D 351 27.72 0.34 -16.13
CA ILE D 351 28.23 -0.49 -15.04
C ILE D 351 28.65 -1.83 -15.64
N ASP D 352 29.91 -2.19 -15.43
CA ASP D 352 30.45 -3.42 -15.97
C ASP D 352 31.41 -4.10 -14.99
N GLN D 353 31.04 -5.28 -14.53
CA GLN D 353 31.84 -6.03 -13.56
C GLN D 353 33.10 -6.67 -14.15
N GLN D 354 33.26 -6.62 -15.46
CA GLN D 354 34.46 -7.20 -16.08
C GLN D 354 35.49 -6.13 -16.37
N THR D 355 35.11 -4.87 -16.25
CA THR D 355 36.03 -3.77 -16.52
C THR D 355 36.79 -3.34 -15.27
N GLN D 356 37.98 -2.79 -15.50
CA GLN D 356 38.84 -2.30 -14.42
C GLN D 356 39.22 -0.85 -14.74
N ASN D 357 38.68 -0.36 -15.85
CA ASN D 357 38.93 1.00 -16.30
C ASN D 357 37.61 1.76 -16.27
N ASN D 358 37.56 2.85 -15.51
CA ASN D 358 36.34 3.62 -15.40
C ASN D 358 36.53 5.08 -15.81
N GLU D 359 37.33 5.29 -16.85
CA GLU D 359 37.59 6.63 -17.35
C GLU D 359 36.32 7.25 -17.89
N GLN D 360 35.51 6.45 -18.58
CA GLN D 360 34.28 6.96 -19.16
C GLN D 360 33.38 7.47 -18.04
N ALA D 361 33.15 6.64 -17.03
CA ALA D 361 32.32 7.04 -15.92
C ALA D 361 32.90 8.26 -15.22
N ARG D 362 34.22 8.25 -15.04
CA ARG D 362 34.91 9.34 -14.36
C ARG D 362 34.72 10.69 -15.06
N THR D 363 35.08 10.77 -16.33
CA THR D 363 34.93 12.03 -17.05
C THR D 363 33.46 12.43 -17.15
N ARG D 364 32.59 11.44 -17.30
CA ARG D 364 31.16 11.72 -17.41
C ARG D 364 30.62 12.31 -16.11
N ILE D 365 31.01 11.74 -14.98
CA ILE D 365 30.57 12.24 -13.69
C ILE D 365 31.21 13.60 -13.38
N GLN D 366 32.47 13.79 -13.73
CA GLN D 366 33.12 15.06 -13.47
C GLN D 366 32.33 16.15 -14.22
N THR D 367 32.10 15.90 -15.51
CA THR D 367 31.36 16.85 -16.35
C THR D 367 29.94 17.10 -15.82
N PHE D 368 29.35 16.07 -15.24
CA PHE D 368 27.99 16.16 -14.70
C PHE D 368 28.02 17.06 -13.47
N ALA D 369 29.00 16.84 -12.60
CA ALA D 369 29.16 17.62 -11.39
C ALA D 369 29.34 19.10 -11.73
N GLU D 370 30.24 19.37 -12.66
CA GLU D 370 30.50 20.74 -13.10
C GLU D 370 29.24 21.36 -13.64
N MET D 371 28.49 20.57 -14.40
CA MET D 371 27.26 21.04 -15.00
C MET D 371 26.22 21.44 -13.94
N MET D 372 26.08 20.64 -12.89
CA MET D 372 25.10 20.95 -11.84
C MET D 372 25.44 22.20 -11.05
N SER D 373 26.71 22.56 -11.00
CA SER D 373 27.14 23.75 -10.28
C SER D 373 26.64 25.01 -10.97
N LEU D 374 27.04 25.17 -12.23
CA LEU D 374 26.62 26.31 -13.03
C LEU D 374 25.11 26.30 -13.28
#